data_5JRT
# 
_entry.id   5JRT 
# 
_audit_conform.dict_name       mmcif_pdbx.dic 
_audit_conform.dict_version    5.391 
_audit_conform.dict_location   http://mmcif.pdb.org/dictionaries/ascii/mmcif_pdbx.dic 
# 
loop_
_database_2.database_id 
_database_2.database_code 
_database_2.pdbx_database_accession 
_database_2.pdbx_DOI 
PDB   5JRT         pdb_00005jrt 10.2210/pdb5jrt/pdb 
WWPDB D_1000221077 ?            ?                   
# 
loop_
_pdbx_audit_revision_history.ordinal 
_pdbx_audit_revision_history.data_content_type 
_pdbx_audit_revision_history.major_revision 
_pdbx_audit_revision_history.minor_revision 
_pdbx_audit_revision_history.revision_date 
1 'Structure model' 1 0 2016-08-03 
2 'Structure model' 1 1 2016-08-17 
3 'Structure model' 1 2 2024-05-01 
# 
_pdbx_audit_revision_details.ordinal             1 
_pdbx_audit_revision_details.revision_ordinal    1 
_pdbx_audit_revision_details.data_content_type   'Structure model' 
_pdbx_audit_revision_details.provider            repository 
_pdbx_audit_revision_details.type                'Initial release' 
_pdbx_audit_revision_details.description         ? 
_pdbx_audit_revision_details.details             ? 
# 
loop_
_pdbx_audit_revision_group.ordinal 
_pdbx_audit_revision_group.revision_ordinal 
_pdbx_audit_revision_group.data_content_type 
_pdbx_audit_revision_group.group 
1 2 'Structure model' 'Source and taxonomy'    
2 3 'Structure model' 'Data collection'        
3 3 'Structure model' 'Database references'    
4 3 'Structure model' 'Refinement description' 
# 
loop_
_pdbx_audit_revision_category.ordinal 
_pdbx_audit_revision_category.revision_ordinal 
_pdbx_audit_revision_category.data_content_type 
_pdbx_audit_revision_category.category 
1 3 'Structure model' chem_comp_atom                
2 3 'Structure model' chem_comp_bond                
3 3 'Structure model' database_2                    
4 3 'Structure model' pdbx_initial_refinement_model 
# 
loop_
_pdbx_audit_revision_item.ordinal 
_pdbx_audit_revision_item.revision_ordinal 
_pdbx_audit_revision_item.data_content_type 
_pdbx_audit_revision_item.item 
1 3 'Structure model' '_database_2.pdbx_DOI'                
2 3 'Structure model' '_database_2.pdbx_database_accession' 
# 
_pdbx_database_status.status_code                     REL 
_pdbx_database_status.status_code_sf                  REL 
_pdbx_database_status.status_code_mr                  ? 
_pdbx_database_status.entry_id                        5JRT 
_pdbx_database_status.recvd_initial_deposition_date   2016-05-06 
_pdbx_database_status.SG_entry                        N 
_pdbx_database_status.deposit_site                    RCSB 
_pdbx_database_status.process_site                    PDBE 
_pdbx_database_status.status_code_cs                  ? 
_pdbx_database_status.methods_development_category    ? 
_pdbx_database_status.pdb_format_compatible           Y 
_pdbx_database_status.status_code_nmr_data            ? 
# 
loop_
_audit_author.name 
_audit_author.pdbx_ordinal 
'Guettler, S.' 1 
'Mariotti, L.' 2 
'Cronin, N.'   3 
# 
_citation.abstract                  ? 
_citation.abstract_id_CAS           ? 
_citation.book_id_ISBN              ? 
_citation.book_publisher            ? 
_citation.book_publisher_city       ? 
_citation.book_title                ? 
_citation.coordinate_linkage        ? 
_citation.country                   US 
_citation.database_id_Medline       ? 
_citation.details                   ? 
_citation.id                        primary 
_citation.journal_abbrev            Mol.Cell 
_citation.journal_id_ASTM           MOCEFL 
_citation.journal_id_CSD            2168 
_citation.journal_id_ISSN           1097-2765 
_citation.journal_full              ? 
_citation.journal_issue             ? 
_citation.journal_volume            63 
_citation.language                  ? 
_citation.page_first                498 
_citation.page_last                 513 
_citation.title                     'Tankyrase Requires SAM Domain-Dependent Polymerization to Support Wnt-beta-Catenin Signaling.' 
_citation.year                      2016 
_citation.database_id_CSD           ? 
_citation.pdbx_database_id_DOI      10.1016/j.molcel.2016.06.019 
_citation.pdbx_database_id_PubMed   27494558 
_citation.unpublished_flag          ? 
# 
loop_
_citation_author.citation_id 
_citation_author.name 
_citation_author.ordinal 
_citation_author.identifier_ORCID 
primary 'Mariotti, L.'    1 ? 
primary 'Templeton, C.M.' 2 ? 
primary 'Ranes, M.'       3 ? 
primary 'Paracuellos, P.' 4 ? 
primary 'Cronin, N.'      5 ? 
primary 'Beuron, F.'      6 ? 
primary 'Morris, E.'      7 ? 
primary 'Guettler, S.'    8 ? 
# 
loop_
_entity.id 
_entity.type 
_entity.src_method 
_entity.pdbx_description 
_entity.formula_weight 
_entity.pdbx_number_of_molecules 
_entity.pdbx_ec 
_entity.pdbx_mutation 
_entity.pdbx_fragment 
_entity.details 
1 polymer man Tankyrase-2 8801.161 1  2.4.2.30 ? 'UNP residues 867-940' ? 
2 water   nat water       18.015   40 ?        ? ?                      ? 
# 
_entity_name_com.entity_id   1 
_entity_name_com.name        
;TANK2,ADP-ribosyltransferase diphtheria toxin-like 6,ARTD6,Poly [ADP-ribose] polymerase 5B,TNKS-2,TRF1-interacting ankyrin-related ADP-ribose polymerase 2,Tankyrase II,Tankyrase-like protein,Tankyrase-related protein
;
# 
_entity_poly.entity_id                      1 
_entity_poly.type                           'polypeptide(L)' 
_entity_poly.nstd_linkage                   no 
_entity_poly.nstd_monomer                   no 
_entity_poly.pdbx_seq_one_letter_code       SNAEKKEVPGVDFSITQFVRNLGLEHLMDIFEREQITLRVLVEMGHKELKEIGINAYGHREKLIKGVERLISGQQGL 
_entity_poly.pdbx_seq_one_letter_code_can   SNAEKKEVPGVDFSITQFVRNLGLEHLMDIFEREQITLRVLVEMGHKELKEIGINAYGHREKLIKGVERLISGQQGL 
_entity_poly.pdbx_strand_id                 A 
_entity_poly.pdbx_target_identifier         ? 
# 
_pdbx_entity_nonpoly.entity_id   2 
_pdbx_entity_nonpoly.name        water 
_pdbx_entity_nonpoly.comp_id     HOH 
# 
loop_
_entity_poly_seq.entity_id 
_entity_poly_seq.num 
_entity_poly_seq.mon_id 
_entity_poly_seq.hetero 
1 1  SER n 
1 2  ASN n 
1 3  ALA n 
1 4  GLU n 
1 5  LYS n 
1 6  LYS n 
1 7  GLU n 
1 8  VAL n 
1 9  PRO n 
1 10 GLY n 
1 11 VAL n 
1 12 ASP n 
1 13 PHE n 
1 14 SER n 
1 15 ILE n 
1 16 THR n 
1 17 GLN n 
1 18 PHE n 
1 19 VAL n 
1 20 ARG n 
1 21 ASN n 
1 22 LEU n 
1 23 GLY n 
1 24 LEU n 
1 25 GLU n 
1 26 HIS n 
1 27 LEU n 
1 28 MET n 
1 29 ASP n 
1 30 ILE n 
1 31 PHE n 
1 32 GLU n 
1 33 ARG n 
1 34 GLU n 
1 35 GLN n 
1 36 ILE n 
1 37 THR n 
1 38 LEU n 
1 39 ARG n 
1 40 VAL n 
1 41 LEU n 
1 42 VAL n 
1 43 GLU n 
1 44 MET n 
1 45 GLY n 
1 46 HIS n 
1 47 LYS n 
1 48 GLU n 
1 49 LEU n 
1 50 LYS n 
1 51 GLU n 
1 52 ILE n 
1 53 GLY n 
1 54 ILE n 
1 55 ASN n 
1 56 ALA n 
1 57 TYR n 
1 58 GLY n 
1 59 HIS n 
1 60 ARG n 
1 61 GLU n 
1 62 LYS n 
1 63 LEU n 
1 64 ILE n 
1 65 LYS n 
1 66 GLY n 
1 67 VAL n 
1 68 GLU n 
1 69 ARG n 
1 70 LEU n 
1 71 ILE n 
1 72 SER n 
1 73 GLY n 
1 74 GLN n 
1 75 GLN n 
1 76 GLY n 
1 77 LEU n 
# 
_entity_src_gen.entity_id                          1 
_entity_src_gen.pdbx_src_id                        1 
_entity_src_gen.pdbx_alt_source_flag               sample 
_entity_src_gen.pdbx_seq_type                      'Biological sequence' 
_entity_src_gen.pdbx_beg_seq_num                   1 
_entity_src_gen.pdbx_end_seq_num                   77 
_entity_src_gen.gene_src_common_name               Human 
_entity_src_gen.gene_src_genus                     ? 
_entity_src_gen.pdbx_gene_src_gene                 'TNKS2, PARP5B, TANK2, TNKL' 
_entity_src_gen.gene_src_species                   ? 
_entity_src_gen.gene_src_strain                    ? 
_entity_src_gen.gene_src_tissue                    ? 
_entity_src_gen.gene_src_tissue_fraction           ? 
_entity_src_gen.gene_src_details                   ? 
_entity_src_gen.pdbx_gene_src_fragment             ? 
_entity_src_gen.pdbx_gene_src_scientific_name      'Homo sapiens' 
_entity_src_gen.pdbx_gene_src_ncbi_taxonomy_id     9606 
_entity_src_gen.pdbx_gene_src_variant              ? 
_entity_src_gen.pdbx_gene_src_cell_line            ? 
_entity_src_gen.pdbx_gene_src_atcc                 ? 
_entity_src_gen.pdbx_gene_src_organ                ? 
_entity_src_gen.pdbx_gene_src_organelle            ? 
_entity_src_gen.pdbx_gene_src_cell                 ? 
_entity_src_gen.pdbx_gene_src_cellular_location    ? 
_entity_src_gen.host_org_common_name               ? 
_entity_src_gen.pdbx_host_org_scientific_name      'Escherichia coli' 
_entity_src_gen.pdbx_host_org_ncbi_taxonomy_id     562 
_entity_src_gen.host_org_genus                     ? 
_entity_src_gen.pdbx_host_org_gene                 ? 
_entity_src_gen.pdbx_host_org_organ                ? 
_entity_src_gen.host_org_species                   ? 
_entity_src_gen.pdbx_host_org_tissue               ? 
_entity_src_gen.pdbx_host_org_tissue_fraction      ? 
_entity_src_gen.pdbx_host_org_strain               ? 
_entity_src_gen.pdbx_host_org_variant              ? 
_entity_src_gen.pdbx_host_org_cell_line            ? 
_entity_src_gen.pdbx_host_org_atcc                 ? 
_entity_src_gen.pdbx_host_org_culture_collection   ? 
_entity_src_gen.pdbx_host_org_cell                 ? 
_entity_src_gen.pdbx_host_org_organelle            ? 
_entity_src_gen.pdbx_host_org_cellular_location    ? 
_entity_src_gen.pdbx_host_org_vector_type          ? 
_entity_src_gen.pdbx_host_org_vector               ? 
_entity_src_gen.host_org_details                   ? 
_entity_src_gen.expression_system_id               ? 
_entity_src_gen.plasmid_name                       ? 
_entity_src_gen.plasmid_details                    ? 
_entity_src_gen.pdbx_description                   ? 
# 
loop_
_chem_comp.id 
_chem_comp.type 
_chem_comp.mon_nstd_flag 
_chem_comp.name 
_chem_comp.pdbx_synonyms 
_chem_comp.formula 
_chem_comp.formula_weight 
ALA 'L-peptide linking' y ALANINE         ? 'C3 H7 N O2'     89.093  
ARG 'L-peptide linking' y ARGININE        ? 'C6 H15 N4 O2 1' 175.209 
ASN 'L-peptide linking' y ASPARAGINE      ? 'C4 H8 N2 O3'    132.118 
ASP 'L-peptide linking' y 'ASPARTIC ACID' ? 'C4 H7 N O4'     133.103 
GLN 'L-peptide linking' y GLUTAMINE       ? 'C5 H10 N2 O3'   146.144 
GLU 'L-peptide linking' y 'GLUTAMIC ACID' ? 'C5 H9 N O4'     147.129 
GLY 'peptide linking'   y GLYCINE         ? 'C2 H5 N O2'     75.067  
HIS 'L-peptide linking' y HISTIDINE       ? 'C6 H10 N3 O2 1' 156.162 
HOH non-polymer         . WATER           ? 'H2 O'           18.015  
ILE 'L-peptide linking' y ISOLEUCINE      ? 'C6 H13 N O2'    131.173 
LEU 'L-peptide linking' y LEUCINE         ? 'C6 H13 N O2'    131.173 
LYS 'L-peptide linking' y LYSINE          ? 'C6 H15 N2 O2 1' 147.195 
MET 'L-peptide linking' y METHIONINE      ? 'C5 H11 N O2 S'  149.211 
PHE 'L-peptide linking' y PHENYLALANINE   ? 'C9 H11 N O2'    165.189 
PRO 'L-peptide linking' y PROLINE         ? 'C5 H9 N O2'     115.130 
SER 'L-peptide linking' y SERINE          ? 'C3 H7 N O3'     105.093 
THR 'L-peptide linking' y THREONINE       ? 'C4 H9 N O3'     119.119 
TYR 'L-peptide linking' y TYROSINE        ? 'C9 H11 N O3'    181.189 
VAL 'L-peptide linking' y VALINE          ? 'C5 H11 N O2'    117.146 
# 
loop_
_pdbx_poly_seq_scheme.asym_id 
_pdbx_poly_seq_scheme.entity_id 
_pdbx_poly_seq_scheme.seq_id 
_pdbx_poly_seq_scheme.mon_id 
_pdbx_poly_seq_scheme.ndb_seq_num 
_pdbx_poly_seq_scheme.pdb_seq_num 
_pdbx_poly_seq_scheme.auth_seq_num 
_pdbx_poly_seq_scheme.pdb_mon_id 
_pdbx_poly_seq_scheme.auth_mon_id 
_pdbx_poly_seq_scheme.pdb_strand_id 
_pdbx_poly_seq_scheme.pdb_ins_code 
_pdbx_poly_seq_scheme.hetero 
A 1 1  SER 1  864 ?   ?   ?   A . n 
A 1 2  ASN 2  865 ?   ?   ?   A . n 
A 1 3  ALA 3  866 ?   ?   ?   A . n 
A 1 4  GLU 4  867 ?   ?   ?   A . n 
A 1 5  LYS 5  868 ?   ?   ?   A . n 
A 1 6  LYS 6  869 ?   ?   ?   A . n 
A 1 7  GLU 7  870 ?   ?   ?   A . n 
A 1 8  VAL 8  871 ?   ?   ?   A . n 
A 1 9  PRO 9  872 ?   ?   ?   A . n 
A 1 10 GLY 10 873 ?   ?   ?   A . n 
A 1 11 VAL 11 874 874 VAL VAL A . n 
A 1 12 ASP 12 875 875 ASP ASP A . n 
A 1 13 PHE 13 876 876 PHE PHE A . n 
A 1 14 SER 14 877 877 SER SER A . n 
A 1 15 ILE 15 878 878 ILE ILE A . n 
A 1 16 THR 16 879 879 THR THR A . n 
A 1 17 GLN 17 880 880 GLN GLN A . n 
A 1 18 PHE 18 881 881 PHE PHE A . n 
A 1 19 VAL 19 882 882 VAL VAL A . n 
A 1 20 ARG 20 883 883 ARG ARG A . n 
A 1 21 ASN 21 884 884 ASN ASN A . n 
A 1 22 LEU 22 885 885 LEU LEU A . n 
A 1 23 GLY 23 886 886 GLY GLY A . n 
A 1 24 LEU 24 887 887 LEU LEU A . n 
A 1 25 GLU 25 888 888 GLU GLU A . n 
A 1 26 HIS 26 889 889 HIS HIS A . n 
A 1 27 LEU 27 890 890 LEU LEU A . n 
A 1 28 MET 28 891 891 MET MET A . n 
A 1 29 ASP 29 892 892 ASP ASP A . n 
A 1 30 ILE 30 893 893 ILE ILE A . n 
A 1 31 PHE 31 894 894 PHE PHE A . n 
A 1 32 GLU 32 895 895 GLU GLU A . n 
A 1 33 ARG 33 896 896 ARG ARG A . n 
A 1 34 GLU 34 897 897 GLU GLU A . n 
A 1 35 GLN 35 898 898 GLN GLN A . n 
A 1 36 ILE 36 899 899 ILE ILE A . n 
A 1 37 THR 37 900 900 THR THR A . n 
A 1 38 LEU 38 901 901 LEU LEU A . n 
A 1 39 ARG 39 902 902 ARG ARG A . n 
A 1 40 VAL 40 903 903 VAL VAL A . n 
A 1 41 LEU 41 904 904 LEU LEU A . n 
A 1 42 VAL 42 905 905 VAL VAL A . n 
A 1 43 GLU 43 906 906 GLU GLU A . n 
A 1 44 MET 44 907 907 MET MET A . n 
A 1 45 GLY 45 908 908 GLY GLY A . n 
A 1 46 HIS 46 909 909 HIS HIS A . n 
A 1 47 LYS 47 910 910 LYS LYS A . n 
A 1 48 GLU 48 911 911 GLU GLU A . n 
A 1 49 LEU 49 912 912 LEU LEU A . n 
A 1 50 LYS 50 913 913 LYS LYS A . n 
A 1 51 GLU 51 914 914 GLU GLU A . n 
A 1 52 ILE 52 915 915 ILE ILE A . n 
A 1 53 GLY 53 916 916 GLY GLY A . n 
A 1 54 ILE 54 917 917 ILE ILE A . n 
A 1 55 ASN 55 918 918 ASN ASN A . n 
A 1 56 ALA 56 919 919 ALA ALA A . n 
A 1 57 TYR 57 920 920 TYR TYR A . n 
A 1 58 GLY 58 921 921 GLY GLY A . n 
A 1 59 HIS 59 922 922 HIS HIS A . n 
A 1 60 ARG 60 923 923 ARG ARG A . n 
A 1 61 GLU 61 924 924 GLU GLU A . n 
A 1 62 LYS 62 925 925 LYS LYS A . n 
A 1 63 LEU 63 926 926 LEU LEU A . n 
A 1 64 ILE 64 927 927 ILE ILE A . n 
A 1 65 LYS 65 928 928 LYS LYS A . n 
A 1 66 GLY 66 929 929 GLY GLY A . n 
A 1 67 VAL 67 930 930 VAL VAL A . n 
A 1 68 GLU 68 931 931 GLU GLU A . n 
A 1 69 ARG 69 932 932 ARG ARG A . n 
A 1 70 LEU 70 933 933 LEU LEU A . n 
A 1 71 ILE 71 934 934 ILE ILE A . n 
A 1 72 SER 72 935 935 SER SER A . n 
A 1 73 GLY 73 936 936 GLY GLY A . n 
A 1 74 GLN 74 937 937 GLN GLN A . n 
A 1 75 GLN 75 938 ?   ?   ?   A . n 
A 1 76 GLY 76 939 ?   ?   ?   A . n 
A 1 77 LEU 77 940 ?   ?   ?   A . n 
# 
loop_
_pdbx_nonpoly_scheme.asym_id 
_pdbx_nonpoly_scheme.entity_id 
_pdbx_nonpoly_scheme.mon_id 
_pdbx_nonpoly_scheme.ndb_seq_num 
_pdbx_nonpoly_scheme.pdb_seq_num 
_pdbx_nonpoly_scheme.auth_seq_num 
_pdbx_nonpoly_scheme.pdb_mon_id 
_pdbx_nonpoly_scheme.auth_mon_id 
_pdbx_nonpoly_scheme.pdb_strand_id 
_pdbx_nonpoly_scheme.pdb_ins_code 
B 2 HOH 1  1001 24 HOH HOH A . 
B 2 HOH 2  1002 40 HOH HOH A . 
B 2 HOH 3  1003 22 HOH HOH A . 
B 2 HOH 4  1004 30 HOH HOH A . 
B 2 HOH 5  1005 1  HOH HOH A . 
B 2 HOH 6  1006 5  HOH HOH A . 
B 2 HOH 7  1007 17 HOH HOH A . 
B 2 HOH 8  1008 33 HOH HOH A . 
B 2 HOH 9  1009 7  HOH HOH A . 
B 2 HOH 10 1010 36 HOH HOH A . 
B 2 HOH 11 1011 16 HOH HOH A . 
B 2 HOH 12 1012 4  HOH HOH A . 
B 2 HOH 13 1013 35 HOH HOH A . 
B 2 HOH 14 1014 14 HOH HOH A . 
B 2 HOH 15 1015 41 HOH HOH A . 
B 2 HOH 16 1016 29 HOH HOH A . 
B 2 HOH 17 1017 37 HOH HOH A . 
B 2 HOH 18 1018 6  HOH HOH A . 
B 2 HOH 19 1019 20 HOH HOH A . 
B 2 HOH 20 1020 27 HOH HOH A . 
B 2 HOH 21 1021 25 HOH HOH A . 
B 2 HOH 22 1022 38 HOH HOH A . 
B 2 HOH 23 1023 19 HOH HOH A . 
B 2 HOH 24 1024 28 HOH HOH A . 
B 2 HOH 25 1025 11 HOH HOH A . 
B 2 HOH 26 1026 3  HOH HOH A . 
B 2 HOH 27 1027 8  HOH HOH A . 
B 2 HOH 28 1028 32 HOH HOH A . 
B 2 HOH 29 1029 18 HOH HOH A . 
B 2 HOH 30 1030 39 HOH HOH A . 
B 2 HOH 31 1031 10 HOH HOH A . 
B 2 HOH 32 1032 23 HOH HOH A . 
B 2 HOH 33 1033 34 HOH HOH A . 
B 2 HOH 34 1034 15 HOH HOH A . 
B 2 HOH 35 1035 12 HOH HOH A . 
B 2 HOH 36 1036 13 HOH HOH A . 
B 2 HOH 37 1037 21 HOH HOH A . 
B 2 HOH 38 1038 26 HOH HOH A . 
B 2 HOH 39 1039 2  HOH HOH A . 
B 2 HOH 40 1040 31 HOH HOH A . 
# 
loop_
_pdbx_unobs_or_zero_occ_atoms.id 
_pdbx_unobs_or_zero_occ_atoms.PDB_model_num 
_pdbx_unobs_or_zero_occ_atoms.polymer_flag 
_pdbx_unobs_or_zero_occ_atoms.occupancy_flag 
_pdbx_unobs_or_zero_occ_atoms.auth_asym_id 
_pdbx_unobs_or_zero_occ_atoms.auth_comp_id 
_pdbx_unobs_or_zero_occ_atoms.auth_seq_id 
_pdbx_unobs_or_zero_occ_atoms.PDB_ins_code 
_pdbx_unobs_or_zero_occ_atoms.auth_atom_id 
_pdbx_unobs_or_zero_occ_atoms.label_alt_id 
_pdbx_unobs_or_zero_occ_atoms.label_asym_id 
_pdbx_unobs_or_zero_occ_atoms.label_comp_id 
_pdbx_unobs_or_zero_occ_atoms.label_seq_id 
_pdbx_unobs_or_zero_occ_atoms.label_atom_id 
1  1 Y 1 A VAL 874 ? CG1 ? A VAL 11 CG1 
2  1 Y 1 A VAL 874 ? CG2 ? A VAL 11 CG2 
3  1 Y 1 A GLN 880 ? CD  ? A GLN 17 CD  
4  1 Y 1 A GLN 880 ? OE1 ? A GLN 17 OE1 
5  1 Y 1 A GLN 880 ? NE2 ? A GLN 17 NE2 
6  1 Y 1 A LYS 910 ? CE  ? A LYS 47 CE  
7  1 Y 1 A LYS 910 ? NZ  ? A LYS 47 NZ  
8  1 Y 1 A LYS 928 ? CE  ? A LYS 65 CE  
9  1 Y 1 A LYS 928 ? NZ  ? A LYS 65 NZ  
10 1 Y 1 A GLN 937 ? CG  ? A GLN 74 CG  
11 1 Y 1 A GLN 937 ? CD  ? A GLN 74 CD  
12 1 Y 1 A GLN 937 ? OE1 ? A GLN 74 OE1 
13 1 Y 1 A GLN 937 ? NE2 ? A GLN 74 NE2 
# 
loop_
_software.citation_id 
_software.classification 
_software.compiler_name 
_software.compiler_version 
_software.contact_author 
_software.contact_author_email 
_software.date 
_software.description 
_software.dependencies 
_software.hardware 
_software.language 
_software.location 
_software.mods 
_software.name 
_software.os 
_software.os_version 
_software.type 
_software.version 
_software.pdbx_ordinal 
? refinement       ? ? ? ? ? ? ? ? ? ? ? BUSTER  ? ? ? 2.10.2 1 
? 'data reduction' ? ? ? ? ? ? ? ? ? ? ? xia2    ? ? ? .      2 
? 'data scaling'   ? ? ? ? ? ? ? ? ? ? ? Aimless ? ? ? .      3 
? phasing          ? ? ? ? ? ? ? ? ? ? ? PHASER  ? ? ? .      4 
# 
_cell.entry_id           5JRT 
_cell.length_a           56.630 
_cell.length_b           56.630 
_cell.length_c           46.100 
_cell.angle_alpha        90.00 
_cell.angle_beta         90.00 
_cell.angle_gamma        120.00 
_cell.Z_PDB              6 
_cell.pdbx_unique_axis   ? 
# 
_symmetry.entry_id                         5JRT 
_symmetry.space_group_name_H-M             'P 65' 
_symmetry.pdbx_full_space_group_name_H-M   ? 
_symmetry.cell_setting                     ? 
_symmetry.Int_Tables_number                170 
# 
_exptl.absorpt_coefficient_mu     ? 
_exptl.absorpt_correction_T_max   ? 
_exptl.absorpt_correction_T_min   ? 
_exptl.absorpt_correction_type    ? 
_exptl.absorpt_process_details    ? 
_exptl.entry_id                   5JRT 
_exptl.crystals_number            1 
_exptl.details                    ? 
_exptl.method                     'X-RAY DIFFRACTION' 
_exptl.method_details             ? 
# 
_exptl_crystal.colour                      ? 
_exptl_crystal.density_diffrn              ? 
_exptl_crystal.density_Matthews            2.86 
_exptl_crystal.density_method              ? 
_exptl_crystal.density_percent_sol         57.00 
_exptl_crystal.description                 ? 
_exptl_crystal.F_000                       ? 
_exptl_crystal.id                          1 
_exptl_crystal.preparation                 ? 
_exptl_crystal.size_max                    ? 
_exptl_crystal.size_mid                    ? 
_exptl_crystal.size_min                    ? 
_exptl_crystal.size_rad                    ? 
_exptl_crystal.colour_lustre               ? 
_exptl_crystal.colour_modifier             ? 
_exptl_crystal.colour_primary              ? 
_exptl_crystal.density_meas                ? 
_exptl_crystal.density_meas_esd            ? 
_exptl_crystal.density_meas_gt             ? 
_exptl_crystal.density_meas_lt             ? 
_exptl_crystal.density_meas_temp           ? 
_exptl_crystal.density_meas_temp_esd       ? 
_exptl_crystal.density_meas_temp_gt        ? 
_exptl_crystal.density_meas_temp_lt        ? 
_exptl_crystal.pdbx_crystal_image_url      ? 
_exptl_crystal.pdbx_crystal_image_format   ? 
_exptl_crystal.pdbx_mosaicity              ? 
_exptl_crystal.pdbx_mosaicity_esd          ? 
# 
_exptl_crystal_grow.apparatus       ? 
_exptl_crystal_grow.atmosphere      ? 
_exptl_crystal_grow.crystal_id      1 
_exptl_crystal_grow.details         ? 
_exptl_crystal_grow.method          'VAPOR DIFFUSION, SITTING DROP' 
_exptl_crystal_grow.method_ref      ? 
_exptl_crystal_grow.pH              ? 
_exptl_crystal_grow.pressure        ? 
_exptl_crystal_grow.pressure_esd    ? 
_exptl_crystal_grow.seeding         ? 
_exptl_crystal_grow.seeding_ref     ? 
_exptl_crystal_grow.temp            285.15 
_exptl_crystal_grow.temp_details    ? 
_exptl_crystal_grow.temp_esd        ? 
_exptl_crystal_grow.time            ? 
_exptl_crystal_grow.pdbx_details    
;PEG 3350 20%
0.1 MTris-HCl pH 8.5
0.2 M Ammonium Acetate
;
_exptl_crystal_grow.pdbx_pH_range   ? 
# 
_diffrn.ambient_environment    ? 
_diffrn.ambient_temp           100 
_diffrn.ambient_temp_details   ? 
_diffrn.ambient_temp_esd       ? 
_diffrn.crystal_id             1 
_diffrn.crystal_support        ? 
_diffrn.crystal_treatment      ? 
_diffrn.details                ? 
_diffrn.id                     1 
_diffrn.ambient_pressure       ? 
_diffrn.ambient_pressure_esd   ? 
_diffrn.ambient_pressure_gt    ? 
_diffrn.ambient_pressure_lt    ? 
_diffrn.ambient_temp_gt        ? 
_diffrn.ambient_temp_lt        ? 
# 
_diffrn_detector.details                      ? 
_diffrn_detector.detector                     PIXEL 
_diffrn_detector.diffrn_id                    1 
_diffrn_detector.type                         'DECTRIS PILATUS 6M' 
_diffrn_detector.area_resol_mean              ? 
_diffrn_detector.dtime                        ? 
_diffrn_detector.pdbx_frames_total            ? 
_diffrn_detector.pdbx_collection_time_total   ? 
_diffrn_detector.pdbx_collection_date         2014-10-08 
# 
_diffrn_radiation.collimation                      ? 
_diffrn_radiation.diffrn_id                        1 
_diffrn_radiation.filter_edge                      ? 
_diffrn_radiation.inhomogeneity                    ? 
_diffrn_radiation.monochromator                    ? 
_diffrn_radiation.polarisn_norm                    ? 
_diffrn_radiation.polarisn_ratio                   ? 
_diffrn_radiation.probe                            ? 
_diffrn_radiation.type                             ? 
_diffrn_radiation.xray_symbol                      ? 
_diffrn_radiation.wavelength_id                    1 
_diffrn_radiation.pdbx_monochromatic_or_laue_m_l   M 
_diffrn_radiation.pdbx_wavelength_list             ? 
_diffrn_radiation.pdbx_wavelength                  ? 
_diffrn_radiation.pdbx_diffrn_protocol             'SINGLE WAVELENGTH' 
_diffrn_radiation.pdbx_analyzer                    ? 
_diffrn_radiation.pdbx_scattering_type             x-ray 
# 
_diffrn_radiation_wavelength.id           1 
_diffrn_radiation_wavelength.wavelength   0.9763 
_diffrn_radiation_wavelength.wt           1.0 
# 
_diffrn_source.current                     ? 
_diffrn_source.details                     ? 
_diffrn_source.diffrn_id                   1 
_diffrn_source.power                       ? 
_diffrn_source.size                        ? 
_diffrn_source.source                      SYNCHROTRON 
_diffrn_source.target                      ? 
_diffrn_source.type                        'DIAMOND BEAMLINE I03' 
_diffrn_source.voltage                     ? 
_diffrn_source.take-off_angle              ? 
_diffrn_source.pdbx_wavelength_list        0.9763 
_diffrn_source.pdbx_wavelength             ? 
_diffrn_source.pdbx_synchrotron_beamline   I03 
_diffrn_source.pdbx_synchrotron_site       Diamond 
# 
_reflns.pdbx_diffrn_id               1 
_reflns.pdbx_ordinal                 1 
_reflns.entry_id                     5JRT 
_reflns.observed_criterion_sigma_I   ? 
_reflns.observed_criterion_sigma_F   ? 
_reflns.d_resolution_low             49.05 
_reflns.d_resolution_high            1.53 
_reflns.number_obs                   12770 
_reflns.number_all                   ? 
_reflns.percent_possible_obs         100 
_reflns.pdbx_Rmerge_I_obs            0.058 
_reflns.pdbx_Rsym_value              ? 
_reflns.pdbx_netI_over_sigmaI        17 
_reflns.B_iso_Wilson_estimate        40.23 
_reflns.pdbx_redundancy              17 
# 
_reflns_shell.d_res_high                  1.53 
_reflns_shell.d_res_low                   1.58 
_reflns_shell.meanI_over_sigI_all         ? 
_reflns_shell.meanI_over_sigI_obs         ? 
_reflns_shell.number_measured_all         ? 
_reflns_shell.number_measured_obs         ? 
_reflns_shell.number_possible             ? 
_reflns_shell.number_unique_all           ? 
_reflns_shell.number_unique_obs           ? 
_reflns_shell.percent_possible_all        100 
_reflns_shell.percent_possible_obs        ? 
_reflns_shell.Rmerge_F_all                ? 
_reflns_shell.Rmerge_F_obs                ? 
_reflns_shell.Rmerge_I_all                ? 
_reflns_shell.Rmerge_I_obs                ? 
_reflns_shell.meanI_over_sigI_gt          ? 
_reflns_shell.meanI_over_uI_all           ? 
_reflns_shell.meanI_over_uI_gt            ? 
_reflns_shell.number_measured_gt          ? 
_reflns_shell.number_unique_gt            ? 
_reflns_shell.percent_possible_gt         ? 
_reflns_shell.Rmerge_F_gt                 ? 
_reflns_shell.Rmerge_I_gt                 ? 
_reflns_shell.pdbx_redundancy             ? 
_reflns_shell.pdbx_Rsym_value             ? 
_reflns_shell.pdbx_chi_squared            ? 
_reflns_shell.pdbx_netI_over_sigmaI_all   ? 
_reflns_shell.pdbx_netI_over_sigmaI_obs   ? 
_reflns_shell.pdbx_Rrim_I_all             ? 
_reflns_shell.pdbx_Rpim_I_all             ? 
_reflns_shell.pdbx_rejects                ? 
_reflns_shell.pdbx_ordinal                1 
_reflns_shell.pdbx_diffrn_id              1 
_reflns_shell.pdbx_CC_half                ? 
_reflns_shell.pdbx_R_split                ? 
# 
_refine.pdbx_refine_id                           'X-RAY DIFFRACTION' 
_refine.entry_id                                 5JRT 
_refine.pdbx_diffrn_id                           1 
_refine.pdbx_TLS_residual_ADP_flag               ? 
_refine.ls_number_reflns_obs                     12770 
_refine.ls_number_reflns_all                     ? 
_refine.pdbx_ls_sigma_I                          ? 
_refine.pdbx_ls_sigma_F                          0.000 
_refine.pdbx_data_cutoff_high_absF               ? 
_refine.pdbx_data_cutoff_low_absF                ? 
_refine.pdbx_data_cutoff_high_rms_absF           ? 
_refine.ls_d_res_low                             28.32 
_refine.ls_d_res_high                            1.53 
_refine.ls_percent_reflns_obs                    100.0 
_refine.ls_R_factor_obs                          0.203 
_refine.ls_R_factor_all                          ? 
_refine.ls_R_factor_R_work                       0.201 
_refine.ls_R_factor_R_free                       0.235 
_refine.ls_R_factor_R_free_error                 0.000 
_refine.ls_R_factor_R_free_error_details         ? 
_refine.ls_percent_reflns_R_free                 4.980 
_refine.ls_number_reflns_R_free                  636 
_refine.ls_number_parameters                     ? 
_refine.ls_number_restraints                     ? 
_refine.occupancy_min                            ? 
_refine.occupancy_max                            ? 
_refine.correlation_coeff_Fo_to_Fc               0.967 
_refine.correlation_coeff_Fo_to_Fc_free          0.947 
_refine.B_iso_mean                               46.71 
_refine.aniso_B[1][1]                            0.96820 
_refine.aniso_B[2][2]                            0.96820 
_refine.aniso_B[3][3]                            -1.93650 
_refine.aniso_B[1][2]                            0.00000 
_refine.aniso_B[1][3]                            0.00000 
_refine.aniso_B[2][3]                            0.00000 
_refine.solvent_model_details                    ? 
_refine.solvent_model_param_ksol                 ? 
_refine.solvent_model_param_bsol                 ? 
_refine.pdbx_solvent_vdw_probe_radii             ? 
_refine.pdbx_solvent_ion_probe_radii             ? 
_refine.pdbx_solvent_shrinkage_radii             ? 
_refine.pdbx_ls_cross_valid_method               THROUGHOUT 
_refine.details                                  ? 
_refine.pdbx_starting_model                      '1v85_A, 3bs5_B, 3bq_7, 2e8o_A, 2gle_A' 
_refine.pdbx_method_to_determine_struct          'MOLECULAR REPLACEMENT' 
_refine.pdbx_isotropic_thermal_model             ? 
_refine.pdbx_stereochemistry_target_values       ? 
_refine.pdbx_stereochem_target_val_spec_case     ? 
_refine.pdbx_R_Free_selection_details            RANDOM 
_refine.pdbx_overall_ESU_R                       ? 
_refine.pdbx_overall_ESU_R_Free                  ? 
_refine.overall_SU_ML                            ? 
_refine.pdbx_overall_phase_error                 ? 
_refine.overall_SU_B                             ? 
_refine.overall_SU_R_Cruickshank_DPI             0.070 
_refine.pdbx_overall_SU_R_free_Cruickshank_DPI   0.074 
_refine.pdbx_overall_SU_R_Blow_DPI               0.070 
_refine.pdbx_overall_SU_R_free_Blow_DPI          0.075 
# 
_refine_analyze.pdbx_refine_id                  'X-RAY DIFFRACTION' 
_refine_analyze.entry_id                        5JRT 
_refine_analyze.Luzzati_coordinate_error_obs    0.22 
_refine_analyze.Luzzati_sigma_a_obs             ? 
_refine_analyze.Luzzati_d_res_low_obs           ? 
_refine_analyze.Luzzati_coordinate_error_free   ? 
_refine_analyze.Luzzati_sigma_a_free            ? 
_refine_analyze.Luzzati_d_res_low_free          ? 
_refine_analyze.number_disordered_residues      ? 
_refine_analyze.occupancy_sum_hydrogen          ? 
_refine_analyze.occupancy_sum_non_hydrogen      ? 
# 
_refine_hist.pdbx_refine_id                   'X-RAY DIFFRACTION' 
_refine_hist.cycle_id                         LAST 
_refine_hist.pdbx_number_atoms_protein        510 
_refine_hist.pdbx_number_atoms_nucleic_acid   0 
_refine_hist.pdbx_number_atoms_ligand         0 
_refine_hist.number_atoms_solvent             40 
_refine_hist.number_atoms_total               550 
_refine_hist.d_res_high                       1.53 
_refine_hist.d_res_low                        28.32 
# 
loop_
_refine_ls_restr.type 
_refine_ls_restr.dev_ideal 
_refine_ls_restr.dev_ideal_target 
_refine_ls_restr.weight 
_refine_ls_restr.number 
_refine_ls_restr.pdbx_refine_id 
_refine_ls_restr.pdbx_restraint_function 
t_bond_d                  0.010 ? 2.00  516 'X-RAY DIFFRACTION' HARMONIC     
t_angle_deg               0.94  ? 2.00  690 'X-RAY DIFFRACTION' HARMONIC     
t_dihedral_angle_d        ?     ? 2.00  194 'X-RAY DIFFRACTION' SINUSOIDAL   
t_incorr_chiral_ct        ?     ? ?     ?   'X-RAY DIFFRACTION' ?            
t_pseud_angle             ?     ? ?     ?   'X-RAY DIFFRACTION' ?            
t_trig_c_planes           ?     ? 2.00  13  'X-RAY DIFFRACTION' HARMONIC     
t_gen_planes              ?     ? 5.00  75  'X-RAY DIFFRACTION' HARMONIC     
t_it                      ?     ? 20.00 516 'X-RAY DIFFRACTION' HARMONIC     
t_nbd                     ?     ? ?     ?   'X-RAY DIFFRACTION' ?            
t_omega_torsion           2.91  ? ?     ?   'X-RAY DIFFRACTION' ?            
t_other_torsion           15.81 ? ?     ?   'X-RAY DIFFRACTION' ?            
t_improper_torsion        ?     ? ?     ?   'X-RAY DIFFRACTION' ?            
t_chiral_improper_torsion ?     ? 5.00  67  'X-RAY DIFFRACTION' SEMIHARMONIC 
t_sum_occupancies         ?     ? ?     ?   'X-RAY DIFFRACTION' ?            
t_utility_distance        ?     ? ?     ?   'X-RAY DIFFRACTION' ?            
t_utility_angle           ?     ? ?     ?   'X-RAY DIFFRACTION' ?            
t_utility_torsion         ?     ? ?     ?   'X-RAY DIFFRACTION' ?            
t_ideal_dist_contact      ?     ? 4.00  616 'X-RAY DIFFRACTION' SEMIHARMONIC 
# 
_refine_ls_shell.pdbx_refine_id                   'X-RAY DIFFRACTION' 
_refine_ls_shell.pdbx_total_number_of_bins_used   6 
_refine_ls_shell.d_res_high                       1.53 
_refine_ls_shell.d_res_low                        1.68 
_refine_ls_shell.number_reflns_R_work             2856 
_refine_ls_shell.R_factor_R_work                  0.227 
_refine_ls_shell.percent_reflns_obs               100.00 
_refine_ls_shell.R_factor_R_free                  0.246 
_refine_ls_shell.R_factor_R_free_error            0.000 
_refine_ls_shell.percent_reflns_R_free            5.24 
_refine_ls_shell.number_reflns_R_free             158 
_refine_ls_shell.number_reflns_all                3014 
_refine_ls_shell.R_factor_all                     0.228 
_refine_ls_shell.R_factor_obs                     ? 
_refine_ls_shell.number_reflns_obs                ? 
# 
_struct.entry_id                     5JRT 
_struct.title                        'Crystal structure of the human Tankyrase 2 (TNKS2) SAM domain (DH902/924RE)' 
_struct.pdbx_model_details           ? 
_struct.pdbx_formula_weight          ? 
_struct.pdbx_formula_weight_method   ? 
_struct.pdbx_model_type_details      ? 
_struct.pdbx_CASP_flag               N 
# 
_struct_keywords.entry_id        5JRT 
_struct_keywords.text            
'Tankyrase polymerisation Wnt signalling Poly(ADP-ribose)polymerase (PARP), Transferase, signalling protein, SIGNALING PROTEIN' 
_struct_keywords.pdbx_keywords   'SIGNALING PROTEIN' 
# 
loop_
_struct_asym.id 
_struct_asym.pdbx_blank_PDB_chainid_flag 
_struct_asym.pdbx_modified 
_struct_asym.entity_id 
_struct_asym.details 
A N N 1 ? 
B N N 2 ? 
# 
_struct_ref.id                         1 
_struct_ref.db_name                    UNP 
_struct_ref.db_code                    TNKS2_HUMAN 
_struct_ref.pdbx_db_accession          Q9H2K2 
_struct_ref.pdbx_db_isoform            ? 
_struct_ref.entity_id                  1 
_struct_ref.pdbx_seq_one_letter_code   EKKEVPGVDFSITQFVRNLGLEHLMDIFEREQITLDVLVEMGHKELKEIGINAYGHRHKLIKGVERLISGQQGL 
_struct_ref.pdbx_align_begin           867 
# 
_struct_ref_seq.align_id                      1 
_struct_ref_seq.ref_id                        1 
_struct_ref_seq.pdbx_PDB_id_code              5JRT 
_struct_ref_seq.pdbx_strand_id                A 
_struct_ref_seq.seq_align_beg                 4 
_struct_ref_seq.pdbx_seq_align_beg_ins_code   ? 
_struct_ref_seq.seq_align_end                 77 
_struct_ref_seq.pdbx_seq_align_end_ins_code   ? 
_struct_ref_seq.pdbx_db_accession             Q9H2K2 
_struct_ref_seq.db_align_beg                  867 
_struct_ref_seq.pdbx_db_align_beg_ins_code    ? 
_struct_ref_seq.db_align_end                  940 
_struct_ref_seq.pdbx_db_align_end_ins_code    ? 
_struct_ref_seq.pdbx_auth_seq_align_beg       867 
_struct_ref_seq.pdbx_auth_seq_align_end       940 
# 
loop_
_struct_ref_seq_dif.align_id 
_struct_ref_seq_dif.pdbx_pdb_id_code 
_struct_ref_seq_dif.mon_id 
_struct_ref_seq_dif.pdbx_pdb_strand_id 
_struct_ref_seq_dif.seq_num 
_struct_ref_seq_dif.pdbx_pdb_ins_code 
_struct_ref_seq_dif.pdbx_seq_db_name 
_struct_ref_seq_dif.pdbx_seq_db_accession_code 
_struct_ref_seq_dif.db_mon_id 
_struct_ref_seq_dif.pdbx_seq_db_seq_num 
_struct_ref_seq_dif.details 
_struct_ref_seq_dif.pdbx_auth_seq_num 
_struct_ref_seq_dif.pdbx_ordinal 
1 5JRT SER A 1  ? UNP Q9H2K2 ?   ?   'expression tag'      864 1 
1 5JRT ASN A 2  ? UNP Q9H2K2 ?   ?   'expression tag'      865 2 
1 5JRT ALA A 3  ? UNP Q9H2K2 ?   ?   'expression tag'      866 3 
1 5JRT ARG A 39 ? UNP Q9H2K2 ASP 902 'engineered mutation' 902 4 
1 5JRT GLU A 61 ? UNP Q9H2K2 HIS 924 'engineered mutation' 924 5 
# 
_pdbx_struct_assembly.id                   1 
_pdbx_struct_assembly.details              author_and_software_defined_assembly 
_pdbx_struct_assembly.method_details       PISA 
_pdbx_struct_assembly.oligomeric_details   monomeric 
_pdbx_struct_assembly.oligomeric_count     1 
# 
loop_
_pdbx_struct_assembly_prop.biol_id 
_pdbx_struct_assembly_prop.type 
_pdbx_struct_assembly_prop.value 
_pdbx_struct_assembly_prop.details 
1 'ABSA (A^2)' 0    ? 
1 MORE         0    ? 
1 'SSA (A^2)'  4320 ? 
# 
_pdbx_struct_assembly_gen.assembly_id       1 
_pdbx_struct_assembly_gen.oper_expression   1 
_pdbx_struct_assembly_gen.asym_id_list      A,B 
# 
_pdbx_struct_oper_list.id                   1 
_pdbx_struct_oper_list.type                 'identity operation' 
_pdbx_struct_oper_list.name                 1_555 
_pdbx_struct_oper_list.symmetry_operation   x,y,z 
_pdbx_struct_oper_list.matrix[1][1]         1.0000000000 
_pdbx_struct_oper_list.matrix[1][2]         0.0000000000 
_pdbx_struct_oper_list.matrix[1][3]         0.0000000000 
_pdbx_struct_oper_list.vector[1]            0.0000000000 
_pdbx_struct_oper_list.matrix[2][1]         0.0000000000 
_pdbx_struct_oper_list.matrix[2][2]         1.0000000000 
_pdbx_struct_oper_list.matrix[2][3]         0.0000000000 
_pdbx_struct_oper_list.vector[2]            0.0000000000 
_pdbx_struct_oper_list.matrix[3][1]         0.0000000000 
_pdbx_struct_oper_list.matrix[3][2]         0.0000000000 
_pdbx_struct_oper_list.matrix[3][3]         1.0000000000 
_pdbx_struct_oper_list.vector[3]            0.0000000000 
# 
loop_
_struct_conf.conf_type_id 
_struct_conf.id 
_struct_conf.pdbx_PDB_helix_id 
_struct_conf.beg_label_comp_id 
_struct_conf.beg_label_asym_id 
_struct_conf.beg_label_seq_id 
_struct_conf.pdbx_beg_PDB_ins_code 
_struct_conf.end_label_comp_id 
_struct_conf.end_label_asym_id 
_struct_conf.end_label_seq_id 
_struct_conf.pdbx_end_PDB_ins_code 
_struct_conf.beg_auth_comp_id 
_struct_conf.beg_auth_asym_id 
_struct_conf.beg_auth_seq_id 
_struct_conf.end_auth_comp_id 
_struct_conf.end_auth_asym_id 
_struct_conf.end_auth_seq_id 
_struct_conf.pdbx_PDB_helix_class 
_struct_conf.details 
_struct_conf.pdbx_PDB_helix_length 
HELX_P HELX_P1 AA1 ASP A 12 ? LEU A 22 ? ASP A 875 LEU A 885 1 ? 11 
HELX_P HELX_P2 AA2 GLY A 23 ? HIS A 26 ? GLY A 886 HIS A 889 5 ? 4  
HELX_P HELX_P3 AA3 LEU A 27 ? GLU A 34 ? LEU A 890 GLU A 897 1 ? 8  
HELX_P HELX_P4 AA4 THR A 37 ? VAL A 42 ? THR A 900 VAL A 905 1 ? 6  
HELX_P HELX_P5 AA5 GLY A 45 ? ILE A 52 ? GLY A 908 ILE A 915 1 ? 8  
HELX_P HELX_P6 AA6 ALA A 56 ? GLN A 74 ? ALA A 919 GLN A 937 1 ? 19 
# 
_struct_conf_type.id          HELX_P 
_struct_conf_type.criteria    ? 
_struct_conf_type.reference   ? 
# 
loop_
_pdbx_refine_tls.pdbx_refine_id 
_pdbx_refine_tls.id 
_pdbx_refine_tls.details 
_pdbx_refine_tls.method 
_pdbx_refine_tls.origin_x 
_pdbx_refine_tls.origin_y 
_pdbx_refine_tls.origin_z 
_pdbx_refine_tls.T[1][1] 
_pdbx_refine_tls.T[2][2] 
_pdbx_refine_tls.T[3][3] 
_pdbx_refine_tls.T[1][2] 
_pdbx_refine_tls.T[1][3] 
_pdbx_refine_tls.T[2][3] 
_pdbx_refine_tls.L[1][1] 
_pdbx_refine_tls.L[2][2] 
_pdbx_refine_tls.L[3][3] 
_pdbx_refine_tls.L[1][2] 
_pdbx_refine_tls.L[1][3] 
_pdbx_refine_tls.L[2][3] 
_pdbx_refine_tls.S[1][1] 
_pdbx_refine_tls.S[1][2] 
_pdbx_refine_tls.S[1][3] 
_pdbx_refine_tls.S[2][1] 
_pdbx_refine_tls.S[2][2] 
_pdbx_refine_tls.S[2][3] 
_pdbx_refine_tls.S[3][1] 
_pdbx_refine_tls.S[3][2] 
_pdbx_refine_tls.S[3][3] 
'X-RAY DIFFRACTION' 1 ? refined 2.1851  3.7347  -6.5608 -0.0199 -0.0453 -0.0779 0.0320 0.0483  0.0281  3.5670 0.7776 5.4756 2.8272  0.8886 -1.7265 -0.0286 0.6001  0.1958  -0.3349 0.0201  -0.2783 0.0096 0.3157  0.0085  
'X-RAY DIFFRACTION' 2 ? refined -7.1560 2.1705  -4.6850 0.1437  0.0265  -0.0187 0.0610 -0.0423 0.0124  4.8018 5.5761 1.4882 -2.7963 2.8741 0.2698  0.0451  0.0206  0.2853  -0.6626 -0.0006 0.2469  0.1739 -0.1882 -0.0446 
'X-RAY DIFFRACTION' 3 ? refined -1.9112 2.1876  5.7079  0.1221  -0.0391 -0.0800 0.0637 0.0114  -0.0183 7.3065 9.6064 3.0355 -0.5949 1.1374 0.0368  -0.0613 -0.3740 -0.1353 0.8402  0.1328  -0.0780 0.1836 -0.2746 -0.0716 
'X-RAY DIFFRACTION' 4 ? refined 2.6590  -5.4620 1.7779  0.0132  -0.1420 -0.0154 0.0459 -0.0382 -0.0009 6.3845 5.7592 2.7143 2.2928  0.3997 1.6536  0.1275  0.0126  -0.4080 0.3682  0.1148  -0.3996 0.1311 0.2065  -0.2423 
# 
loop_
_pdbx_refine_tls_group.pdbx_refine_id 
_pdbx_refine_tls_group.id 
_pdbx_refine_tls_group.refine_tls_id 
_pdbx_refine_tls_group.beg_auth_asym_id 
_pdbx_refine_tls_group.beg_auth_seq_id 
_pdbx_refine_tls_group.beg_label_asym_id 
_pdbx_refine_tls_group.beg_label_seq_id 
_pdbx_refine_tls_group.end_auth_asym_id 
_pdbx_refine_tls_group.end_auth_seq_id 
_pdbx_refine_tls_group.end_label_asym_id 
_pdbx_refine_tls_group.end_label_seq_id 
_pdbx_refine_tls_group.selection 
_pdbx_refine_tls_group.selection_details 
'X-RAY DIFFRACTION' 1 1 ? ? ? ? ? ? ? ? ? '{ A|874 - A|887 }' 
'X-RAY DIFFRACTION' 2 2 ? ? ? ? ? ? ? ? ? '{ A|888 - A|896 }' 
'X-RAY DIFFRACTION' 3 3 ? ? ? ? ? ? ? ? ? '{ A|897 - A|914 }' 
'X-RAY DIFFRACTION' 4 4 ? ? ? ? ? ? ? ? ? '{ A|915 - A|937 }' 
# 
loop_
_pdbx_unobs_or_zero_occ_residues.id 
_pdbx_unobs_or_zero_occ_residues.PDB_model_num 
_pdbx_unobs_or_zero_occ_residues.polymer_flag 
_pdbx_unobs_or_zero_occ_residues.occupancy_flag 
_pdbx_unobs_or_zero_occ_residues.auth_asym_id 
_pdbx_unobs_or_zero_occ_residues.auth_comp_id 
_pdbx_unobs_or_zero_occ_residues.auth_seq_id 
_pdbx_unobs_or_zero_occ_residues.PDB_ins_code 
_pdbx_unobs_or_zero_occ_residues.label_asym_id 
_pdbx_unobs_or_zero_occ_residues.label_comp_id 
_pdbx_unobs_or_zero_occ_residues.label_seq_id 
1  1 Y 1 A SER 864 ? A SER 1  
2  1 Y 1 A ASN 865 ? A ASN 2  
3  1 Y 1 A ALA 866 ? A ALA 3  
4  1 Y 1 A GLU 867 ? A GLU 4  
5  1 Y 1 A LYS 868 ? A LYS 5  
6  1 Y 1 A LYS 869 ? A LYS 6  
7  1 Y 1 A GLU 870 ? A GLU 7  
8  1 Y 1 A VAL 871 ? A VAL 8  
9  1 Y 1 A PRO 872 ? A PRO 9  
10 1 Y 1 A GLY 873 ? A GLY 10 
11 1 Y 1 A GLN 938 ? A GLN 75 
12 1 Y 1 A GLY 939 ? A GLY 76 
13 1 Y 1 A LEU 940 ? A LEU 77 
# 
loop_
_chem_comp_atom.comp_id 
_chem_comp_atom.atom_id 
_chem_comp_atom.type_symbol 
_chem_comp_atom.pdbx_aromatic_flag 
_chem_comp_atom.pdbx_stereo_config 
_chem_comp_atom.pdbx_ordinal 
ALA N    N N N 1   
ALA CA   C N S 2   
ALA C    C N N 3   
ALA O    O N N 4   
ALA CB   C N N 5   
ALA OXT  O N N 6   
ALA H    H N N 7   
ALA H2   H N N 8   
ALA HA   H N N 9   
ALA HB1  H N N 10  
ALA HB2  H N N 11  
ALA HB3  H N N 12  
ALA HXT  H N N 13  
ARG N    N N N 14  
ARG CA   C N S 15  
ARG C    C N N 16  
ARG O    O N N 17  
ARG CB   C N N 18  
ARG CG   C N N 19  
ARG CD   C N N 20  
ARG NE   N N N 21  
ARG CZ   C N N 22  
ARG NH1  N N N 23  
ARG NH2  N N N 24  
ARG OXT  O N N 25  
ARG H    H N N 26  
ARG H2   H N N 27  
ARG HA   H N N 28  
ARG HB2  H N N 29  
ARG HB3  H N N 30  
ARG HG2  H N N 31  
ARG HG3  H N N 32  
ARG HD2  H N N 33  
ARG HD3  H N N 34  
ARG HE   H N N 35  
ARG HH11 H N N 36  
ARG HH12 H N N 37  
ARG HH21 H N N 38  
ARG HH22 H N N 39  
ARG HXT  H N N 40  
ASN N    N N N 41  
ASN CA   C N S 42  
ASN C    C N N 43  
ASN O    O N N 44  
ASN CB   C N N 45  
ASN CG   C N N 46  
ASN OD1  O N N 47  
ASN ND2  N N N 48  
ASN OXT  O N N 49  
ASN H    H N N 50  
ASN H2   H N N 51  
ASN HA   H N N 52  
ASN HB2  H N N 53  
ASN HB3  H N N 54  
ASN HD21 H N N 55  
ASN HD22 H N N 56  
ASN HXT  H N N 57  
ASP N    N N N 58  
ASP CA   C N S 59  
ASP C    C N N 60  
ASP O    O N N 61  
ASP CB   C N N 62  
ASP CG   C N N 63  
ASP OD1  O N N 64  
ASP OD2  O N N 65  
ASP OXT  O N N 66  
ASP H    H N N 67  
ASP H2   H N N 68  
ASP HA   H N N 69  
ASP HB2  H N N 70  
ASP HB3  H N N 71  
ASP HD2  H N N 72  
ASP HXT  H N N 73  
GLN N    N N N 74  
GLN CA   C N S 75  
GLN C    C N N 76  
GLN O    O N N 77  
GLN CB   C N N 78  
GLN CG   C N N 79  
GLN CD   C N N 80  
GLN OE1  O N N 81  
GLN NE2  N N N 82  
GLN OXT  O N N 83  
GLN H    H N N 84  
GLN H2   H N N 85  
GLN HA   H N N 86  
GLN HB2  H N N 87  
GLN HB3  H N N 88  
GLN HG2  H N N 89  
GLN HG3  H N N 90  
GLN HE21 H N N 91  
GLN HE22 H N N 92  
GLN HXT  H N N 93  
GLU N    N N N 94  
GLU CA   C N S 95  
GLU C    C N N 96  
GLU O    O N N 97  
GLU CB   C N N 98  
GLU CG   C N N 99  
GLU CD   C N N 100 
GLU OE1  O N N 101 
GLU OE2  O N N 102 
GLU OXT  O N N 103 
GLU H    H N N 104 
GLU H2   H N N 105 
GLU HA   H N N 106 
GLU HB2  H N N 107 
GLU HB3  H N N 108 
GLU HG2  H N N 109 
GLU HG3  H N N 110 
GLU HE2  H N N 111 
GLU HXT  H N N 112 
GLY N    N N N 113 
GLY CA   C N N 114 
GLY C    C N N 115 
GLY O    O N N 116 
GLY OXT  O N N 117 
GLY H    H N N 118 
GLY H2   H N N 119 
GLY HA2  H N N 120 
GLY HA3  H N N 121 
GLY HXT  H N N 122 
HIS N    N N N 123 
HIS CA   C N S 124 
HIS C    C N N 125 
HIS O    O N N 126 
HIS CB   C N N 127 
HIS CG   C Y N 128 
HIS ND1  N Y N 129 
HIS CD2  C Y N 130 
HIS CE1  C Y N 131 
HIS NE2  N Y N 132 
HIS OXT  O N N 133 
HIS H    H N N 134 
HIS H2   H N N 135 
HIS HA   H N N 136 
HIS HB2  H N N 137 
HIS HB3  H N N 138 
HIS HD1  H N N 139 
HIS HD2  H N N 140 
HIS HE1  H N N 141 
HIS HE2  H N N 142 
HIS HXT  H N N 143 
HOH O    O N N 144 
HOH H1   H N N 145 
HOH H2   H N N 146 
ILE N    N N N 147 
ILE CA   C N S 148 
ILE C    C N N 149 
ILE O    O N N 150 
ILE CB   C N S 151 
ILE CG1  C N N 152 
ILE CG2  C N N 153 
ILE CD1  C N N 154 
ILE OXT  O N N 155 
ILE H    H N N 156 
ILE H2   H N N 157 
ILE HA   H N N 158 
ILE HB   H N N 159 
ILE HG12 H N N 160 
ILE HG13 H N N 161 
ILE HG21 H N N 162 
ILE HG22 H N N 163 
ILE HG23 H N N 164 
ILE HD11 H N N 165 
ILE HD12 H N N 166 
ILE HD13 H N N 167 
ILE HXT  H N N 168 
LEU N    N N N 169 
LEU CA   C N S 170 
LEU C    C N N 171 
LEU O    O N N 172 
LEU CB   C N N 173 
LEU CG   C N N 174 
LEU CD1  C N N 175 
LEU CD2  C N N 176 
LEU OXT  O N N 177 
LEU H    H N N 178 
LEU H2   H N N 179 
LEU HA   H N N 180 
LEU HB2  H N N 181 
LEU HB3  H N N 182 
LEU HG   H N N 183 
LEU HD11 H N N 184 
LEU HD12 H N N 185 
LEU HD13 H N N 186 
LEU HD21 H N N 187 
LEU HD22 H N N 188 
LEU HD23 H N N 189 
LEU HXT  H N N 190 
LYS N    N N N 191 
LYS CA   C N S 192 
LYS C    C N N 193 
LYS O    O N N 194 
LYS CB   C N N 195 
LYS CG   C N N 196 
LYS CD   C N N 197 
LYS CE   C N N 198 
LYS NZ   N N N 199 
LYS OXT  O N N 200 
LYS H    H N N 201 
LYS H2   H N N 202 
LYS HA   H N N 203 
LYS HB2  H N N 204 
LYS HB3  H N N 205 
LYS HG2  H N N 206 
LYS HG3  H N N 207 
LYS HD2  H N N 208 
LYS HD3  H N N 209 
LYS HE2  H N N 210 
LYS HE3  H N N 211 
LYS HZ1  H N N 212 
LYS HZ2  H N N 213 
LYS HZ3  H N N 214 
LYS HXT  H N N 215 
MET N    N N N 216 
MET CA   C N S 217 
MET C    C N N 218 
MET O    O N N 219 
MET CB   C N N 220 
MET CG   C N N 221 
MET SD   S N N 222 
MET CE   C N N 223 
MET OXT  O N N 224 
MET H    H N N 225 
MET H2   H N N 226 
MET HA   H N N 227 
MET HB2  H N N 228 
MET HB3  H N N 229 
MET HG2  H N N 230 
MET HG3  H N N 231 
MET HE1  H N N 232 
MET HE2  H N N 233 
MET HE3  H N N 234 
MET HXT  H N N 235 
PHE N    N N N 236 
PHE CA   C N S 237 
PHE C    C N N 238 
PHE O    O N N 239 
PHE CB   C N N 240 
PHE CG   C Y N 241 
PHE CD1  C Y N 242 
PHE CD2  C Y N 243 
PHE CE1  C Y N 244 
PHE CE2  C Y N 245 
PHE CZ   C Y N 246 
PHE OXT  O N N 247 
PHE H    H N N 248 
PHE H2   H N N 249 
PHE HA   H N N 250 
PHE HB2  H N N 251 
PHE HB3  H N N 252 
PHE HD1  H N N 253 
PHE HD2  H N N 254 
PHE HE1  H N N 255 
PHE HE2  H N N 256 
PHE HZ   H N N 257 
PHE HXT  H N N 258 
PRO N    N N N 259 
PRO CA   C N S 260 
PRO C    C N N 261 
PRO O    O N N 262 
PRO CB   C N N 263 
PRO CG   C N N 264 
PRO CD   C N N 265 
PRO OXT  O N N 266 
PRO H    H N N 267 
PRO HA   H N N 268 
PRO HB2  H N N 269 
PRO HB3  H N N 270 
PRO HG2  H N N 271 
PRO HG3  H N N 272 
PRO HD2  H N N 273 
PRO HD3  H N N 274 
PRO HXT  H N N 275 
SER N    N N N 276 
SER CA   C N S 277 
SER C    C N N 278 
SER O    O N N 279 
SER CB   C N N 280 
SER OG   O N N 281 
SER OXT  O N N 282 
SER H    H N N 283 
SER H2   H N N 284 
SER HA   H N N 285 
SER HB2  H N N 286 
SER HB3  H N N 287 
SER HG   H N N 288 
SER HXT  H N N 289 
THR N    N N N 290 
THR CA   C N S 291 
THR C    C N N 292 
THR O    O N N 293 
THR CB   C N R 294 
THR OG1  O N N 295 
THR CG2  C N N 296 
THR OXT  O N N 297 
THR H    H N N 298 
THR H2   H N N 299 
THR HA   H N N 300 
THR HB   H N N 301 
THR HG1  H N N 302 
THR HG21 H N N 303 
THR HG22 H N N 304 
THR HG23 H N N 305 
THR HXT  H N N 306 
TYR N    N N N 307 
TYR CA   C N S 308 
TYR C    C N N 309 
TYR O    O N N 310 
TYR CB   C N N 311 
TYR CG   C Y N 312 
TYR CD1  C Y N 313 
TYR CD2  C Y N 314 
TYR CE1  C Y N 315 
TYR CE2  C Y N 316 
TYR CZ   C Y N 317 
TYR OH   O N N 318 
TYR OXT  O N N 319 
TYR H    H N N 320 
TYR H2   H N N 321 
TYR HA   H N N 322 
TYR HB2  H N N 323 
TYR HB3  H N N 324 
TYR HD1  H N N 325 
TYR HD2  H N N 326 
TYR HE1  H N N 327 
TYR HE2  H N N 328 
TYR HH   H N N 329 
TYR HXT  H N N 330 
VAL N    N N N 331 
VAL CA   C N S 332 
VAL C    C N N 333 
VAL O    O N N 334 
VAL CB   C N N 335 
VAL CG1  C N N 336 
VAL CG2  C N N 337 
VAL OXT  O N N 338 
VAL H    H N N 339 
VAL H2   H N N 340 
VAL HA   H N N 341 
VAL HB   H N N 342 
VAL HG11 H N N 343 
VAL HG12 H N N 344 
VAL HG13 H N N 345 
VAL HG21 H N N 346 
VAL HG22 H N N 347 
VAL HG23 H N N 348 
VAL HXT  H N N 349 
# 
loop_
_chem_comp_bond.comp_id 
_chem_comp_bond.atom_id_1 
_chem_comp_bond.atom_id_2 
_chem_comp_bond.value_order 
_chem_comp_bond.pdbx_aromatic_flag 
_chem_comp_bond.pdbx_stereo_config 
_chem_comp_bond.pdbx_ordinal 
ALA N   CA   sing N N 1   
ALA N   H    sing N N 2   
ALA N   H2   sing N N 3   
ALA CA  C    sing N N 4   
ALA CA  CB   sing N N 5   
ALA CA  HA   sing N N 6   
ALA C   O    doub N N 7   
ALA C   OXT  sing N N 8   
ALA CB  HB1  sing N N 9   
ALA CB  HB2  sing N N 10  
ALA CB  HB3  sing N N 11  
ALA OXT HXT  sing N N 12  
ARG N   CA   sing N N 13  
ARG N   H    sing N N 14  
ARG N   H2   sing N N 15  
ARG CA  C    sing N N 16  
ARG CA  CB   sing N N 17  
ARG CA  HA   sing N N 18  
ARG C   O    doub N N 19  
ARG C   OXT  sing N N 20  
ARG CB  CG   sing N N 21  
ARG CB  HB2  sing N N 22  
ARG CB  HB3  sing N N 23  
ARG CG  CD   sing N N 24  
ARG CG  HG2  sing N N 25  
ARG CG  HG3  sing N N 26  
ARG CD  NE   sing N N 27  
ARG CD  HD2  sing N N 28  
ARG CD  HD3  sing N N 29  
ARG NE  CZ   sing N N 30  
ARG NE  HE   sing N N 31  
ARG CZ  NH1  sing N N 32  
ARG CZ  NH2  doub N N 33  
ARG NH1 HH11 sing N N 34  
ARG NH1 HH12 sing N N 35  
ARG NH2 HH21 sing N N 36  
ARG NH2 HH22 sing N N 37  
ARG OXT HXT  sing N N 38  
ASN N   CA   sing N N 39  
ASN N   H    sing N N 40  
ASN N   H2   sing N N 41  
ASN CA  C    sing N N 42  
ASN CA  CB   sing N N 43  
ASN CA  HA   sing N N 44  
ASN C   O    doub N N 45  
ASN C   OXT  sing N N 46  
ASN CB  CG   sing N N 47  
ASN CB  HB2  sing N N 48  
ASN CB  HB3  sing N N 49  
ASN CG  OD1  doub N N 50  
ASN CG  ND2  sing N N 51  
ASN ND2 HD21 sing N N 52  
ASN ND2 HD22 sing N N 53  
ASN OXT HXT  sing N N 54  
ASP N   CA   sing N N 55  
ASP N   H    sing N N 56  
ASP N   H2   sing N N 57  
ASP CA  C    sing N N 58  
ASP CA  CB   sing N N 59  
ASP CA  HA   sing N N 60  
ASP C   O    doub N N 61  
ASP C   OXT  sing N N 62  
ASP CB  CG   sing N N 63  
ASP CB  HB2  sing N N 64  
ASP CB  HB3  sing N N 65  
ASP CG  OD1  doub N N 66  
ASP CG  OD2  sing N N 67  
ASP OD2 HD2  sing N N 68  
ASP OXT HXT  sing N N 69  
GLN N   CA   sing N N 70  
GLN N   H    sing N N 71  
GLN N   H2   sing N N 72  
GLN CA  C    sing N N 73  
GLN CA  CB   sing N N 74  
GLN CA  HA   sing N N 75  
GLN C   O    doub N N 76  
GLN C   OXT  sing N N 77  
GLN CB  CG   sing N N 78  
GLN CB  HB2  sing N N 79  
GLN CB  HB3  sing N N 80  
GLN CG  CD   sing N N 81  
GLN CG  HG2  sing N N 82  
GLN CG  HG3  sing N N 83  
GLN CD  OE1  doub N N 84  
GLN CD  NE2  sing N N 85  
GLN NE2 HE21 sing N N 86  
GLN NE2 HE22 sing N N 87  
GLN OXT HXT  sing N N 88  
GLU N   CA   sing N N 89  
GLU N   H    sing N N 90  
GLU N   H2   sing N N 91  
GLU CA  C    sing N N 92  
GLU CA  CB   sing N N 93  
GLU CA  HA   sing N N 94  
GLU C   O    doub N N 95  
GLU C   OXT  sing N N 96  
GLU CB  CG   sing N N 97  
GLU CB  HB2  sing N N 98  
GLU CB  HB3  sing N N 99  
GLU CG  CD   sing N N 100 
GLU CG  HG2  sing N N 101 
GLU CG  HG3  sing N N 102 
GLU CD  OE1  doub N N 103 
GLU CD  OE2  sing N N 104 
GLU OE2 HE2  sing N N 105 
GLU OXT HXT  sing N N 106 
GLY N   CA   sing N N 107 
GLY N   H    sing N N 108 
GLY N   H2   sing N N 109 
GLY CA  C    sing N N 110 
GLY CA  HA2  sing N N 111 
GLY CA  HA3  sing N N 112 
GLY C   O    doub N N 113 
GLY C   OXT  sing N N 114 
GLY OXT HXT  sing N N 115 
HIS N   CA   sing N N 116 
HIS N   H    sing N N 117 
HIS N   H2   sing N N 118 
HIS CA  C    sing N N 119 
HIS CA  CB   sing N N 120 
HIS CA  HA   sing N N 121 
HIS C   O    doub N N 122 
HIS C   OXT  sing N N 123 
HIS CB  CG   sing N N 124 
HIS CB  HB2  sing N N 125 
HIS CB  HB3  sing N N 126 
HIS CG  ND1  sing Y N 127 
HIS CG  CD2  doub Y N 128 
HIS ND1 CE1  doub Y N 129 
HIS ND1 HD1  sing N N 130 
HIS CD2 NE2  sing Y N 131 
HIS CD2 HD2  sing N N 132 
HIS CE1 NE2  sing Y N 133 
HIS CE1 HE1  sing N N 134 
HIS NE2 HE2  sing N N 135 
HIS OXT HXT  sing N N 136 
HOH O   H1   sing N N 137 
HOH O   H2   sing N N 138 
ILE N   CA   sing N N 139 
ILE N   H    sing N N 140 
ILE N   H2   sing N N 141 
ILE CA  C    sing N N 142 
ILE CA  CB   sing N N 143 
ILE CA  HA   sing N N 144 
ILE C   O    doub N N 145 
ILE C   OXT  sing N N 146 
ILE CB  CG1  sing N N 147 
ILE CB  CG2  sing N N 148 
ILE CB  HB   sing N N 149 
ILE CG1 CD1  sing N N 150 
ILE CG1 HG12 sing N N 151 
ILE CG1 HG13 sing N N 152 
ILE CG2 HG21 sing N N 153 
ILE CG2 HG22 sing N N 154 
ILE CG2 HG23 sing N N 155 
ILE CD1 HD11 sing N N 156 
ILE CD1 HD12 sing N N 157 
ILE CD1 HD13 sing N N 158 
ILE OXT HXT  sing N N 159 
LEU N   CA   sing N N 160 
LEU N   H    sing N N 161 
LEU N   H2   sing N N 162 
LEU CA  C    sing N N 163 
LEU CA  CB   sing N N 164 
LEU CA  HA   sing N N 165 
LEU C   O    doub N N 166 
LEU C   OXT  sing N N 167 
LEU CB  CG   sing N N 168 
LEU CB  HB2  sing N N 169 
LEU CB  HB3  sing N N 170 
LEU CG  CD1  sing N N 171 
LEU CG  CD2  sing N N 172 
LEU CG  HG   sing N N 173 
LEU CD1 HD11 sing N N 174 
LEU CD1 HD12 sing N N 175 
LEU CD1 HD13 sing N N 176 
LEU CD2 HD21 sing N N 177 
LEU CD2 HD22 sing N N 178 
LEU CD2 HD23 sing N N 179 
LEU OXT HXT  sing N N 180 
LYS N   CA   sing N N 181 
LYS N   H    sing N N 182 
LYS N   H2   sing N N 183 
LYS CA  C    sing N N 184 
LYS CA  CB   sing N N 185 
LYS CA  HA   sing N N 186 
LYS C   O    doub N N 187 
LYS C   OXT  sing N N 188 
LYS CB  CG   sing N N 189 
LYS CB  HB2  sing N N 190 
LYS CB  HB3  sing N N 191 
LYS CG  CD   sing N N 192 
LYS CG  HG2  sing N N 193 
LYS CG  HG3  sing N N 194 
LYS CD  CE   sing N N 195 
LYS CD  HD2  sing N N 196 
LYS CD  HD3  sing N N 197 
LYS CE  NZ   sing N N 198 
LYS CE  HE2  sing N N 199 
LYS CE  HE3  sing N N 200 
LYS NZ  HZ1  sing N N 201 
LYS NZ  HZ2  sing N N 202 
LYS NZ  HZ3  sing N N 203 
LYS OXT HXT  sing N N 204 
MET N   CA   sing N N 205 
MET N   H    sing N N 206 
MET N   H2   sing N N 207 
MET CA  C    sing N N 208 
MET CA  CB   sing N N 209 
MET CA  HA   sing N N 210 
MET C   O    doub N N 211 
MET C   OXT  sing N N 212 
MET CB  CG   sing N N 213 
MET CB  HB2  sing N N 214 
MET CB  HB3  sing N N 215 
MET CG  SD   sing N N 216 
MET CG  HG2  sing N N 217 
MET CG  HG3  sing N N 218 
MET SD  CE   sing N N 219 
MET CE  HE1  sing N N 220 
MET CE  HE2  sing N N 221 
MET CE  HE3  sing N N 222 
MET OXT HXT  sing N N 223 
PHE N   CA   sing N N 224 
PHE N   H    sing N N 225 
PHE N   H2   sing N N 226 
PHE CA  C    sing N N 227 
PHE CA  CB   sing N N 228 
PHE CA  HA   sing N N 229 
PHE C   O    doub N N 230 
PHE C   OXT  sing N N 231 
PHE CB  CG   sing N N 232 
PHE CB  HB2  sing N N 233 
PHE CB  HB3  sing N N 234 
PHE CG  CD1  doub Y N 235 
PHE CG  CD2  sing Y N 236 
PHE CD1 CE1  sing Y N 237 
PHE CD1 HD1  sing N N 238 
PHE CD2 CE2  doub Y N 239 
PHE CD2 HD2  sing N N 240 
PHE CE1 CZ   doub Y N 241 
PHE CE1 HE1  sing N N 242 
PHE CE2 CZ   sing Y N 243 
PHE CE2 HE2  sing N N 244 
PHE CZ  HZ   sing N N 245 
PHE OXT HXT  sing N N 246 
PRO N   CA   sing N N 247 
PRO N   CD   sing N N 248 
PRO N   H    sing N N 249 
PRO CA  C    sing N N 250 
PRO CA  CB   sing N N 251 
PRO CA  HA   sing N N 252 
PRO C   O    doub N N 253 
PRO C   OXT  sing N N 254 
PRO CB  CG   sing N N 255 
PRO CB  HB2  sing N N 256 
PRO CB  HB3  sing N N 257 
PRO CG  CD   sing N N 258 
PRO CG  HG2  sing N N 259 
PRO CG  HG3  sing N N 260 
PRO CD  HD2  sing N N 261 
PRO CD  HD3  sing N N 262 
PRO OXT HXT  sing N N 263 
SER N   CA   sing N N 264 
SER N   H    sing N N 265 
SER N   H2   sing N N 266 
SER CA  C    sing N N 267 
SER CA  CB   sing N N 268 
SER CA  HA   sing N N 269 
SER C   O    doub N N 270 
SER C   OXT  sing N N 271 
SER CB  OG   sing N N 272 
SER CB  HB2  sing N N 273 
SER CB  HB3  sing N N 274 
SER OG  HG   sing N N 275 
SER OXT HXT  sing N N 276 
THR N   CA   sing N N 277 
THR N   H    sing N N 278 
THR N   H2   sing N N 279 
THR CA  C    sing N N 280 
THR CA  CB   sing N N 281 
THR CA  HA   sing N N 282 
THR C   O    doub N N 283 
THR C   OXT  sing N N 284 
THR CB  OG1  sing N N 285 
THR CB  CG2  sing N N 286 
THR CB  HB   sing N N 287 
THR OG1 HG1  sing N N 288 
THR CG2 HG21 sing N N 289 
THR CG2 HG22 sing N N 290 
THR CG2 HG23 sing N N 291 
THR OXT HXT  sing N N 292 
TYR N   CA   sing N N 293 
TYR N   H    sing N N 294 
TYR N   H2   sing N N 295 
TYR CA  C    sing N N 296 
TYR CA  CB   sing N N 297 
TYR CA  HA   sing N N 298 
TYR C   O    doub N N 299 
TYR C   OXT  sing N N 300 
TYR CB  CG   sing N N 301 
TYR CB  HB2  sing N N 302 
TYR CB  HB3  sing N N 303 
TYR CG  CD1  doub Y N 304 
TYR CG  CD2  sing Y N 305 
TYR CD1 CE1  sing Y N 306 
TYR CD1 HD1  sing N N 307 
TYR CD2 CE2  doub Y N 308 
TYR CD2 HD2  sing N N 309 
TYR CE1 CZ   doub Y N 310 
TYR CE1 HE1  sing N N 311 
TYR CE2 CZ   sing Y N 312 
TYR CE2 HE2  sing N N 313 
TYR CZ  OH   sing N N 314 
TYR OH  HH   sing N N 315 
TYR OXT HXT  sing N N 316 
VAL N   CA   sing N N 317 
VAL N   H    sing N N 318 
VAL N   H2   sing N N 319 
VAL CA  C    sing N N 320 
VAL CA  CB   sing N N 321 
VAL CA  HA   sing N N 322 
VAL C   O    doub N N 323 
VAL C   OXT  sing N N 324 
VAL CB  CG1  sing N N 325 
VAL CB  CG2  sing N N 326 
VAL CB  HB   sing N N 327 
VAL CG1 HG11 sing N N 328 
VAL CG1 HG12 sing N N 329 
VAL CG1 HG13 sing N N 330 
VAL CG2 HG21 sing N N 331 
VAL CG2 HG22 sing N N 332 
VAL CG2 HG23 sing N N 333 
VAL OXT HXT  sing N N 334 
# 
_pdbx_audit_support.funding_organization   ? 
_pdbx_audit_support.country                'United Kingdom' 
_pdbx_audit_support.grant_number           ? 
_pdbx_audit_support.ordinal                1 
# 
loop_
_pdbx_initial_refinement_model.accession_code 
_pdbx_initial_refinement_model.id 
_pdbx_initial_refinement_model.entity_id_list 
_pdbx_initial_refinement_model.type 
_pdbx_initial_refinement_model.source_name 
_pdbx_initial_refinement_model.details 
2E8O 1 ? 'experimental model' PDB '1v85_A, 3bs5_B, 3bq_7, 2e8o_A, 2gle_A' 
3BS5 2 ? 'experimental model' PDB '1v85_A, 3bs5_B, 3bq_7, 2e8o_A, 2gle_A' 
1V85 3 ? 'experimental model' PDB '1v85_A, 3bs5_B, 3bq_7, 2e8o_A, 2gle_A' 
2GLE 4 ? 'experimental model' PDB '1v85_A, 3bs5_B, 3bq_7, 2e8o_A, 2gle_A' 
# 
_atom_sites.entry_id                    5JRT 
_atom_sites.fract_transf_matrix[1][1]   -0.00545932 
_atom_sites.fract_transf_matrix[1][2]   0.00676400 
_atom_sites.fract_transf_matrix[1][3]   0.01844416 
_atom_sites.fract_transf_matrix[2][1]   0.00466661 
_atom_sites.fract_transf_matrix[2][2]   0.01901970 
_atom_sites.fract_transf_matrix[2][3]   0.00567678 
_atom_sites.fract_transf_matrix[3][1]   -0.01882168 
_atom_sites.fract_transf_matrix[3][2]   0.00705279 
_atom_sites.fract_transf_matrix[3][3]   -0.00815753 
_atom_sites.fract_transf_vector[1]      0.647316 
_atom_sites.fract_transf_vector[2]      0.093837 
_atom_sites.fract_transf_vector[3]      0.005858 
# 
loop_
_atom_type.symbol 
C 
N 
O 
S 
# 
loop_
_atom_site.group_PDB 
_atom_site.id 
_atom_site.type_symbol 
_atom_site.label_atom_id 
_atom_site.label_alt_id 
_atom_site.label_comp_id 
_atom_site.label_asym_id 
_atom_site.label_entity_id 
_atom_site.label_seq_id 
_atom_site.pdbx_PDB_ins_code 
_atom_site.Cartn_x 
_atom_site.Cartn_y 
_atom_site.Cartn_z 
_atom_site.occupancy 
_atom_site.B_iso_or_equiv 
_atom_site.pdbx_formal_charge 
_atom_site.auth_seq_id 
_atom_site.auth_comp_id 
_atom_site.auth_asym_id 
_atom_site.auth_atom_id 
_atom_site.pdbx_PDB_model_num 
ATOM   1   N N   . VAL A 1 11 ? -1.636  16.153  -3.613  1.00 65.28  ? 874  VAL A N   1 
ATOM   2   C CA  . VAL A 1 11 ? -1.711  14.881  -4.333  1.00 62.92  ? 874  VAL A CA  1 
ATOM   3   C C   . VAL A 1 11 ? -0.394  14.100  -4.222  1.00 61.36  ? 874  VAL A C   1 
ATOM   4   O O   . VAL A 1 11 ? 0.669   14.631  -4.557  1.00 61.99  ? 874  VAL A O   1 
ATOM   5   C CB  . VAL A 1 11 ? -2.098  15.119  -5.812  1.00 68.43  ? 874  VAL A CB  1 
ATOM   6   N N   . ASP A 1 12 ? -0.452  12.843  -3.780  1.00 52.69  ? 875  ASP A N   1 
ATOM   7   C CA  . ASP A 1 12 ? 0.771   12.050  -3.667  1.00 49.47  ? 875  ASP A CA  1 
ATOM   8   C C   . ASP A 1 12 ? 0.989   11.099  -4.848  1.00 52.53  ? 875  ASP A C   1 
ATOM   9   O O   . ASP A 1 12 ? 0.307   10.088  -4.974  1.00 52.73  ? 875  ASP A O   1 
ATOM   10  C CB  . ASP A 1 12 ? 0.867   11.291  -2.315  1.00 48.20  ? 875  ASP A CB  1 
ATOM   11  C CG  . ASP A 1 12 ? 2.171   10.501  -2.170  1.00 53.77  ? 875  ASP A CG  1 
ATOM   12  O OD1 . ASP A 1 12 ? 2.170   9.492   -1.459  1.00 49.19  ? 875  ASP A OD1 1 
ATOM   13  O OD2 . ASP A 1 12 ? 3.178   10.875  -2.822  1.00 58.94  ? 875  ASP A OD2 1 
ATOM   14  N N   . PHE A 1 13 ? 1.984   11.400  -5.682  1.00 46.77  ? 876  PHE A N   1 
ATOM   15  C CA  . PHE A 1 13 ? 2.310   10.534  -6.811  1.00 46.72  ? 876  PHE A CA  1 
ATOM   16  C C   . PHE A 1 13 ? 3.200   9.366   -6.425  1.00 47.69  ? 876  PHE A C   1 
ATOM   17  O O   . PHE A 1 13 ? 3.229   8.346   -7.132  1.00 47.69  ? 876  PHE A O   1 
ATOM   18  C CB  . PHE A 1 13 ? 2.932   11.366  -7.952  1.00 52.16  ? 876  PHE A CB  1 
ATOM   19  C CG  . PHE A 1 13 ? 2.093   12.580  -8.269  1.00 57.31  ? 876  PHE A CG  1 
ATOM   20  C CD1 . PHE A 1 13 ? 0.778   12.442  -8.708  1.00 61.97  ? 876  PHE A CD1 1 
ATOM   21  C CD2 . PHE A 1 13 ? 2.580   13.861  -8.036  1.00 62.72  ? 876  PHE A CD2 1 
ATOM   22  C CE1 . PHE A 1 13 ? -0.017  13.571  -8.951  1.00 65.53  ? 876  PHE A CE1 1 
ATOM   23  C CE2 . PHE A 1 13 ? 1.795   14.984  -8.306  1.00 68.49  ? 876  PHE A CE2 1 
ATOM   24  C CZ  . PHE A 1 13 ? 0.497   14.830  -8.749  1.00 66.87  ? 876  PHE A CZ  1 
ATOM   25  N N   . SER A 1 14 ? 3.924   9.484   -5.301  1.00 43.86  ? 877  SER A N   1 
ATOM   26  C CA  . SER A 1 14 ? 4.816   8.417   -4.875  1.00 42.85  ? 877  SER A CA  1 
ATOM   27  C C   . SER A 1 14 ? 4.037   7.132   -4.522  1.00 43.69  ? 877  SER A C   1 
ATOM   28  O O   . SER A 1 14 ? 4.508   6.039   -4.861  1.00 44.38  ? 877  SER A O   1 
ATOM   29  C CB  . SER A 1 14 ? 5.731   8.874   -3.742  1.00 49.07  ? 877  SER A CB  1 
ATOM   30  O OG  . SER A 1 14 ? 5.033   8.976   -2.515  1.00 52.39  ? 877  SER A OG  1 
ATOM   31  N N   . ILE A 1 15 ? 2.834   7.240   -3.905  1.00 37.87  ? 878  ILE A N   1 
ATOM   32  C CA  . ILE A 1 15 ? 2.091   5.997   -3.646  1.00 35.15  ? 878  ILE A CA  1 
ATOM   33  C C   . ILE A 1 15 ? 1.643   5.331   -4.979  1.00 37.47  ? 878  ILE A C   1 
ATOM   34  O O   . ILE A 1 15 ? 1.687   4.111   -5.095  1.00 35.83  ? 878  ILE A O   1 
ATOM   35  C CB  . ILE A 1 15 ? 0.940   6.181   -2.621  1.00 37.82  ? 878  ILE A CB  1 
ATOM   36  C CG1 . ILE A 1 15 ? 0.315   4.814   -2.253  1.00 38.13  ? 878  ILE A CG1 1 
ATOM   37  C CG2 . ILE A 1 15 ? -0.109  7.183   -3.106  1.00 39.90  ? 878  ILE A CG2 1 
ATOM   38  C CD1 . ILE A 1 15 ? -0.559  4.817   -1.105  1.00 39.72  ? 878  ILE A CD1 1 
ATOM   39  N N   . THR A 1 16 ? 1.209   6.124   -5.975  1.00 36.36  ? 879  THR A N   1 
ATOM   40  C CA  . THR A 1 16 ? 0.748   5.559   -7.252  1.00 36.83  ? 879  THR A CA  1 
ATOM   41  C C   . THR A 1 16 ? 1.859   4.715   -7.870  1.00 39.91  ? 879  THR A C   1 
ATOM   42  O O   . THR A 1 16 ? 1.602   3.589   -8.307  1.00 39.26  ? 879  THR A O   1 
ATOM   43  C CB  . THR A 1 16 ? 0.293   6.679   -8.198  1.00 45.06  ? 879  THR A CB  1 
ATOM   44  O OG1 . THR A 1 16 ? -0.694  7.471   -7.530  1.00 44.21  ? 879  THR A OG1 1 
ATOM   45  C CG2 . THR A 1 16 ? -0.276  6.136   -9.509  1.00 43.74  ? 879  THR A CG2 1 
ATOM   46  N N   . GLN A 1 17 ? 3.106   5.255   -7.880  1.00 38.72  ? 880  GLN A N   1 
ATOM   47  C CA  . GLN A 1 17 ? 4.262   4.534   -8.435  1.00 39.93  ? 880  GLN A CA  1 
ATOM   48  C C   . GLN A 1 17 ? 4.548   3.246   -7.660  1.00 39.62  ? 880  GLN A C   1 
ATOM   49  O O   . GLN A 1 17 ? 4.776   2.187   -8.272  1.00 40.68  ? 880  GLN A O   1 
ATOM   50  C CB  . GLN A 1 17 ? 5.508   5.443   -8.445  1.00 43.96  ? 880  GLN A CB  1 
ATOM   51  C CG  . GLN A 1 17 ? 6.596   4.943   -9.384  1.00 60.91  ? 880  GLN A CG  1 
ATOM   52  N N   . PHE A 1 18 ? 4.524   3.332   -6.326  1.00 36.29  ? 881  PHE A N   1 
ATOM   53  C CA  . PHE A 1 18 ? 4.804   2.181   -5.468  1.00 34.90  ? 881  PHE A CA  1 
ATOM   54  C C   . PHE A 1 18 ? 3.788   1.053   -5.713  1.00 38.66  ? 881  PHE A C   1 
ATOM   55  O O   . PHE A 1 18 ? 4.166   -0.111  -5.873  1.00 38.81  ? 881  PHE A O   1 
ATOM   56  C CB  . PHE A 1 18 ? 4.774   2.643   -3.998  1.00 35.12  ? 881  PHE A CB  1 
ATOM   57  C CG  . PHE A 1 18 ? 4.921   1.519   -3.004  1.00 35.45  ? 881  PHE A CG  1 
ATOM   58  C CD1 . PHE A 1 18 ? 6.171   0.949   -2.754  1.00 40.36  ? 881  PHE A CD1 1 
ATOM   59  C CD2 . PHE A 1 18 ? 3.818   1.027   -2.324  1.00 35.33  ? 881  PHE A CD2 1 
ATOM   60  C CE1 . PHE A 1 18 ? 6.308   -0.116  -1.860  1.00 41.36  ? 881  PHE A CE1 1 
ATOM   61  C CE2 . PHE A 1 18 ? 3.951   -0.036  -1.418  1.00 37.85  ? 881  PHE A CE2 1 
ATOM   62  C CZ  . PHE A 1 18 ? 5.198   -0.594  -1.190  1.00 38.60  ? 881  PHE A CZ  1 
ATOM   63  N N   . VAL A 1 19 ? 2.500   1.411   -5.774  1.00 34.83  ? 882  VAL A N   1 
ATOM   64  C CA  . VAL A 1 19 ? 1.432   0.418   -5.929  1.00 34.90  ? 882  VAL A CA  1 
ATOM   65  C C   . VAL A 1 19 ? 1.430   -0.189  -7.351  1.00 38.67  ? 882  VAL A C   1 
ATOM   66  O O   . VAL A 1 19 ? 1.274   -1.412  -7.498  1.00 40.92  ? 882  VAL A O   1 
ATOM   67  C CB  . VAL A 1 19 ? 0.104   1.052   -5.502  1.00 39.23  ? 882  VAL A CB  1 
ATOM   68  C CG1 . VAL A 1 19 ? -1.092  0.186   -5.863  1.00 40.31  ? 882  VAL A CG1 1 
ATOM   69  C CG2 . VAL A 1 19 ? 0.130   1.338   -3.995  1.00 37.89  ? 882  VAL A CG2 1 
ATOM   70  N N   . ARG A 1 20 ? 1.677   0.636   -8.379  1.00 37.00  ? 883  ARG A N   1 
ATOM   71  C CA  . ARG A 1 20 ? 1.783   0.145   -9.771  1.00 39.00  ? 883  ARG A CA  1 
ATOM   72  C C   . ARG A 1 20 ? 2.933   -0.876  -9.915  1.00 45.09  ? 883  ARG A C   1 
ATOM   73  O O   . ARG A 1 20 ? 2.788   -1.888  -10.623 1.00 46.44  ? 883  ARG A O   1 
ATOM   74  C CB  . ARG A 1 20 ? 2.044   1.321   -10.712 1.00 43.48  ? 883  ARG A CB  1 
ATOM   75  C CG  . ARG A 1 20 ? 0.790   1.991   -11.217 1.00 58.93  ? 883  ARG A CG  1 
ATOM   76  C CD  . ARG A 1 20 ? 0.966   2.430   -12.663 1.00 74.40  ? 883  ARG A CD  1 
ATOM   77  N NE  . ARG A 1 20 ? 1.697   3.693   -12.765 1.00 85.49  ? 883  ARG A NE  1 
ATOM   78  C CZ  . ARG A 1 20 ? 1.124   4.876   -12.961 1.00 96.09  ? 883  ARG A CZ  1 
ATOM   79  N NH1 . ARG A 1 20 ? -0.192  4.969   -13.108 1.00 74.79  ? 883  ARG A NH1 1 
ATOM   80  N NH2 . ARG A 1 20 ? 1.864   5.973   -13.026 1.00 87.92  ? 883  ARG A NH2 1 
ATOM   81  N N   . ASN A 1 21 ? 4.075   -0.612  -9.242  1.00 41.19  ? 884  ASN A N   1 
ATOM   82  C CA  . ASN A 1 21 ? 5.242   -1.516  -9.309  1.00 44.26  ? 884  ASN A CA  1 
ATOM   83  C C   . ASN A 1 21 ? 4.922   -2.905  -8.742  1.00 46.13  ? 884  ASN A C   1 
ATOM   84  O O   . ASN A 1 21 ? 5.501   -3.889  -9.185  1.00 47.98  ? 884  ASN A O   1 
ATOM   85  C CB  . ASN A 1 21 ? 6.447   -0.892  -8.612  1.00 46.93  ? 884  ASN A CB  1 
ATOM   86  C CG  . ASN A 1 21 ? 7.033   0.278   -9.374  1.00 68.12  ? 884  ASN A CG  1 
ATOM   87  O OD1 . ASN A 1 21 ? 6.721   0.516   -10.544 1.00 60.93  ? 884  ASN A OD1 1 
ATOM   88  N ND2 . ASN A 1 21 ? 7.861   1.071   -8.711  1.00 64.63  ? 884  ASN A ND2 1 
ATOM   89  N N   . LEU A 1 22 ? 3.998   -2.969  -7.755  1.00 40.20  ? 885  LEU A N   1 
ATOM   90  C CA  . LEU A 1 22 ? 3.556   -4.216  -7.148  1.00 40.62  ? 885  LEU A CA  1 
ATOM   91  C C   . LEU A 1 22 ? 2.456   -4.933  -7.963  1.00 44.89  ? 885  LEU A C   1 
ATOM   92  O O   . LEU A 1 22 ? 2.021   -6.031  -7.585  1.00 44.22  ? 885  LEU A O   1 
ATOM   93  C CB  . LEU A 1 22 ? 3.073   -3.945  -5.708  1.00 38.64  ? 885  LEU A CB  1 
ATOM   94  C CG  . LEU A 1 22 ? 4.106   -3.378  -4.707  1.00 41.55  ? 885  LEU A CG  1 
ATOM   95  C CD1 . LEU A 1 22 ? 3.433   -3.050  -3.399  1.00 39.19  ? 885  LEU A CD1 1 
ATOM   96  C CD2 . LEU A 1 22 ? 5.207   -4.389  -4.390  1.00 43.15  ? 885  LEU A CD2 1 
ATOM   97  N N   . GLY A 1 23 ? 1.997   -4.290  -9.047  1.00 42.72  ? 886  GLY A N   1 
ATOM   98  C CA  . GLY A 1 23 ? 0.893   -4.781  -9.877  1.00 42.95  ? 886  GLY A CA  1 
ATOM   99  C C   . GLY A 1 23 ? -0.437  -4.726  -9.144  1.00 45.26  ? 886  GLY A C   1 
ATOM   100 O O   . GLY A 1 23 ? -1.341  -5.532  -9.419  1.00 45.07  ? 886  GLY A O   1 
ATOM   101 N N   . LEU A 1 24 ? -0.562  -3.756  -8.192  1.00 37.88  ? 887  LEU A N   1 
ATOM   102 C CA  . LEU A 1 24 ? -1.756  -3.611  -7.363  1.00 35.56  ? 887  LEU A CA  1 
ATOM   103 C C   . LEU A 1 24 ? -2.512  -2.317  -7.687  1.00 35.61  ? 887  LEU A C   1 
ATOM   104 O O   . LEU A 1 24 ? -3.274  -1.822  -6.840  1.00 35.59  ? 887  LEU A O   1 
ATOM   105 C CB  . LEU A 1 24 ? -1.382  -3.672  -5.865  1.00 34.83  ? 887  LEU A CB  1 
ATOM   106 C CG  . LEU A 1 24 ? -0.848  -5.034  -5.396  1.00 39.42  ? 887  LEU A CG  1 
ATOM   107 C CD1 . LEU A 1 24 ? -0.444  -4.954  -3.926  1.00 38.85  ? 887  LEU A CD1 1 
ATOM   108 C CD2 . LEU A 1 24 ? -1.880  -6.138  -5.623  1.00 40.82  ? 887  LEU A CD2 1 
ATOM   109 N N   . GLU A 1 25 ? -2.390  -1.830  -8.952  1.00 42.47  ? 888  GLU A N   1 
ATOM   110 C CA  . GLU A 1 25 ? -3.085  -0.606  -9.357  1.00 41.87  ? 888  GLU A CA  1 
ATOM   111 C C   . GLU A 1 25 ? -4.620  -0.689  -9.151  1.00 43.61  ? 888  GLU A C   1 
ATOM   112 O O   . GLU A 1 25 ? -5.233  0.346   -8.893  1.00 43.78  ? 888  GLU A O   1 
ATOM   113 C CB  . GLU A 1 25 ? -2.700  -0.210  -10.805 1.00 45.78  ? 888  GLU A CB  1 
ATOM   114 C CG  . GLU A 1 25 ? -2.807  1.290   -11.033 1.00 62.31  ? 888  GLU A CG  1 
ATOM   115 C CD  . GLU A 1 25 ? -3.075  1.735   -12.458 1.00 95.65  ? 888  GLU A CD  1 
ATOM   116 O OE1 . GLU A 1 25 ? -2.221  1.481   -13.337 1.00 98.47  ? 888  GLU A OE1 1 
ATOM   117 O OE2 . GLU A 1 25 ? -4.128  2.372   -12.686 1.00 93.36  ? 888  GLU A OE2 1 
ATOM   118 N N   . HIS A 1 26 ? -5.223  -1.912  -9.125  1.00 41.78  ? 889  HIS A N   1 
ATOM   119 C CA  . HIS A 1 26 ? -6.662  -2.070  -8.868  1.00 42.65  ? 889  HIS A CA  1 
ATOM   120 C C   . HIS A 1 26 ? -7.049  -1.588  -7.480  1.00 43.91  ? 889  HIS A C   1 
ATOM   121 O O   . HIS A 1 26 ? -8.219  -1.294  -7.237  1.00 46.31  ? 889  HIS A O   1 
ATOM   122 C CB  . HIS A 1 26 ? -7.171  -3.509  -9.149  1.00 45.71  ? 889  HIS A CB  1 
ATOM   123 C CG  . HIS A 1 26 ? -6.937  -4.519  -8.067  1.00 48.96  ? 889  HIS A CG  1 
ATOM   124 N ND1 . HIS A 1 26 ? -5.749  -5.224  -7.977  1.00 50.37  ? 889  HIS A ND1 1 
ATOM   125 C CD2 . HIS A 1 26 ? -7.773  -4.949  -7.090  1.00 51.62  ? 889  HIS A CD2 1 
ATOM   126 C CE1 . HIS A 1 26 ? -5.876  -6.028  -6.935  1.00 49.95  ? 889  HIS A CE1 1 
ATOM   127 N NE2 . HIS A 1 26 ? -7.068  -5.885  -6.352  1.00 51.14  ? 889  HIS A NE2 1 
ATOM   128 N N   . LEU A 1 27 ? -6.057  -1.500  -6.555  1.00 36.38  ? 890  LEU A N   1 
ATOM   129 C CA  . LEU A 1 27 ? -6.328  -1.009  -5.203  1.00 36.29  ? 890  LEU A CA  1 
ATOM   130 C C   . LEU A 1 27 ? -6.248  0.524   -5.111  1.00 36.56  ? 890  LEU A C   1 
ATOM   131 O O   . LEU A 1 27 ? -6.552  1.080   -4.055  1.00 36.23  ? 890  LEU A O   1 
ATOM   132 C CB  . LEU A 1 27 ? -5.341  -1.636  -4.192  1.00 35.34  ? 890  LEU A CB  1 
ATOM   133 C CG  . LEU A 1 27 ? -5.329  -3.167  -4.108  1.00 40.14  ? 890  LEU A CG  1 
ATOM   134 C CD1 . LEU A 1 27 ? -4.298  -3.664  -3.041  1.00 40.60  ? 890  LEU A CD1 1 
ATOM   135 C CD2 . LEU A 1 27 ? -6.702  -3.724  -3.749  1.00 42.19  ? 890  LEU A CD2 1 
ATOM   136 N N   . MET A 1 28 ? -5.818  1.228   -6.179  1.00 38.03  ? 891  MET A N   1 
ATOM   137 C CA  . MET A 1 28 ? -5.681  2.692   -6.082  1.00 38.23  ? 891  MET A CA  1 
ATOM   138 C C   . MET A 1 28 ? -6.975  3.435   -5.724  1.00 43.24  ? 891  MET A C   1 
ATOM   139 O O   . MET A 1 28 ? -6.885  4.458   -5.039  1.00 43.47  ? 891  MET A O   1 
ATOM   140 C CB  . MET A 1 28 ? -5.046  3.280   -7.352  1.00 43.02  ? 891  MET A CB  1 
ATOM   141 C CG  . MET A 1 28 ? -3.529  3.239   -7.334  1.00 47.49  ? 891  MET A CG  1 
ATOM   142 S SD  . MET A 1 28 ? -2.660  3.781   -5.849  1.00 51.76  ? 891  MET A SD  1 
ATOM   143 C CE  . MET A 1 28 ? -3.081  5.547   -5.802  1.00 49.70  ? 891  MET A CE  1 
ATOM   144 N N   . ASP A 1 29 ? -8.166  2.905   -6.092  1.00 40.72  ? 892  ASP A N   1 
ATOM   145 C CA  . ASP A 1 29 ? -9.443  3.543   -5.739  1.00 43.21  ? 892  ASP A CA  1 
ATOM   146 C C   . ASP A 1 29 ? -9.588  3.637   -4.222  1.00 43.88  ? 892  ASP A C   1 
ATOM   147 O O   . ASP A 1 29 ? -10.052 4.655   -3.718  1.00 43.29  ? 892  ASP A O   1 
ATOM   148 C CB  . ASP A 1 29 ? -10.646 2.785   -6.334  1.00 48.81  ? 892  ASP A CB  1 
ATOM   149 C CG  . ASP A 1 29 ? -10.783 1.306   -5.967  1.00 72.18  ? 892  ASP A CG  1 
ATOM   150 O OD1 . ASP A 1 29 ? -9.767  0.690   -5.532  1.00 72.95  ? 892  ASP A OD1 1 
ATOM   151 O OD2 . ASP A 1 29 ? -11.895 0.754   -6.137  1.00 84.79  ? 892  ASP A OD2 1 
ATOM   152 N N   . ILE A 1 30 ? -9.112  2.595   -3.496  1.00 37.32  ? 893  ILE A N   1 
ATOM   153 C CA  . ILE A 1 30 ? -9.172  2.536   -2.035  1.00 36.21  ? 893  ILE A CA  1 
ATOM   154 C C   . ILE A 1 30 ? -8.174  3.528   -1.461  1.00 37.56  ? 893  ILE A C   1 
ATOM   155 O O   . ILE A 1 30 ? -8.548  4.321   -0.605  1.00 37.65  ? 893  ILE A O   1 
ATOM   156 C CB  . ILE A 1 30 ? -8.911  1.097   -1.521  1.00 39.57  ? 893  ILE A CB  1 
ATOM   157 C CG1 . ILE A 1 30 ? -10.093 0.163   -1.886  1.00 41.49  ? 893  ILE A CG1 1 
ATOM   158 C CG2 . ILE A 1 30 ? -8.630  1.099   -0.027  1.00 38.10  ? 893  ILE A CG2 1 
ATOM   159 C CD1 . ILE A 1 30 ? -9.794  -1.375  -1.777  1.00 44.66  ? 893  ILE A CD1 1 
ATOM   160 N N   . PHE A 1 31 ? -6.902  3.473   -1.917  1.00 33.66  ? 894  PHE A N   1 
ATOM   161 C CA  . PHE A 1 31 ? -5.896  4.401   -1.394  1.00 33.44  ? 894  PHE A CA  1 
ATOM   162 C C   . PHE A 1 31 ? -6.276  5.856   -1.593  1.00 36.72  ? 894  PHE A C   1 
ATOM   163 O O   . PHE A 1 31 ? -6.086  6.665   -0.665  1.00 37.59  ? 894  PHE A O   1 
ATOM   164 C CB  . PHE A 1 31 ? -4.508  4.112   -1.951  1.00 33.66  ? 894  PHE A CB  1 
ATOM   165 C CG  . PHE A 1 31 ? -3.986  2.774   -1.496  1.00 33.13  ? 894  PHE A CG  1 
ATOM   166 C CD1 . PHE A 1 31 ? -3.891  2.471   -0.141  1.00 36.12  ? 894  PHE A CD1 1 
ATOM   167 C CD2 . PHE A 1 31 ? -3.533  1.840   -2.414  1.00 35.88  ? 894  PHE A CD2 1 
ATOM   168 C CE1 . PHE A 1 31 ? -3.392  1.226   0.276   1.00 37.07  ? 894  PHE A CE1 1 
ATOM   169 C CE2 . PHE A 1 31 ? -3.005  0.609   -1.985  1.00 37.26  ? 894  PHE A CE2 1 
ATOM   170 C CZ  . PHE A 1 31 ? -2.968  0.314   -0.655  1.00 35.76  ? 894  PHE A CZ  1 
ATOM   171 N N   . GLU A 1 32 ? -6.866  6.194   -2.764  1.00 34.78  ? 895  GLU A N   1 
ATOM   172 C CA  . GLU A 1 32 ? -7.270  7.575   -3.046  1.00 36.70  ? 895  GLU A CA  1 
ATOM   173 C C   . GLU A 1 32 ? -8.419  7.998   -2.124  1.00 41.53  ? 895  GLU A C   1 
ATOM   174 O O   . GLU A 1 32 ? -8.371  9.074   -1.519  1.00 42.68  ? 895  GLU A O   1 
ATOM   175 C CB  . GLU A 1 32 ? -7.722  7.713   -4.509  1.00 39.33  ? 895  GLU A CB  1 
ATOM   176 C CG  . GLU A 1 32 ? -6.591  7.663   -5.521  1.00 51.27  ? 895  GLU A CG  1 
ATOM   177 C CD  . GLU A 1 32 ? -7.034  7.535   -6.970  1.00 65.59  ? 895  GLU A CD  1 
ATOM   178 O OE1 . GLU A 1 32 ? -8.135  8.026   -7.315  1.00 67.48  ? 895  GLU A OE1 1 
ATOM   179 O OE2 . GLU A 1 32 ? -6.265  6.952   -7.766  1.00 53.40  ? 895  GLU A OE2 1 
ATOM   180 N N   . ARG A 1 33 ? -9.467  7.144   -2.010  1.00 38.76  ? 896  ARG A N   1 
ATOM   181 C CA  . ARG A 1 33 ? -10.633 7.449   -1.166  1.00 40.47  ? 896  ARG A CA  1 
ATOM   182 C C   . ARG A 1 33 ? -10.239 7.603   0.310   1.00 42.79  ? 896  ARG A C   1 
ATOM   183 O O   . ARG A 1 33 ? -10.801 8.437   1.037   1.00 43.96  ? 896  ARG A O   1 
ATOM   184 C CB  . ARG A 1 33 ? -11.654 6.318   -1.353  1.00 45.10  ? 896  ARG A CB  1 
ATOM   185 C CG  . ARG A 1 33 ? -12.917 6.346   -0.501  1.00 60.33  ? 896  ARG A CG  1 
ATOM   186 C CD  . ARG A 1 33 ? -13.550 4.956   -0.469  1.00 72.05  ? 896  ARG A CD  1 
ATOM   187 N NE  . ARG A 1 33 ? -13.568 4.319   -1.793  1.00 78.68  ? 896  ARG A NE  1 
ATOM   188 C CZ  . ARG A 1 33 ? -13.315 3.033   -2.021  1.00 88.31  ? 896  ARG A CZ  1 
ATOM   189 N NH1 . ARG A 1 33 ? -13.047 2.212   -1.012  1.00 68.80  ? 896  ARG A NH1 1 
ATOM   190 N NH2 . ARG A 1 33 ? -13.344 2.553   -3.256  1.00 77.45  ? 896  ARG A NH2 1 
ATOM   191 N N   . GLU A 1 34 ? -9.240  6.814   0.737   1.00 37.35  ? 897  GLU A N   1 
ATOM   192 C CA  . GLU A 1 34 ? -8.808  6.799   2.128   1.00 37.75  ? 897  GLU A CA  1 
ATOM   193 C C   . GLU A 1 34 ? -7.735  7.820   2.427   1.00 40.10  ? 897  GLU A C   1 
ATOM   194 O O   . GLU A 1 34 ? -7.270  7.883   3.575   1.00 40.40  ? 897  GLU A O   1 
ATOM   195 C CB  . GLU A 1 34 ? -8.385  5.371   2.547   1.00 37.63  ? 897  GLU A CB  1 
ATOM   196 C CG  . GLU A 1 34 ? -9.522  4.366   2.530   1.00 39.62  ? 897  GLU A CG  1 
ATOM   197 C CD  . GLU A 1 34 ? -10.540 4.487   3.646   1.00 52.67  ? 897  GLU A CD  1 
ATOM   198 O OE1 . GLU A 1 34 ? -10.278 5.220   4.626   1.00 46.53  ? 897  GLU A OE1 1 
ATOM   199 O OE2 . GLU A 1 34 ? -11.602 3.831   3.552   1.00 50.08  ? 897  GLU A OE2 1 
ATOM   200 N N   . GLN A 1 35 ? -7.333  8.613   1.422   1.00 36.44  ? 898  GLN A N   1 
ATOM   201 C CA  . GLN A 1 35 ? -6.312  9.672   1.559   1.00 36.80  ? 898  GLN A CA  1 
ATOM   202 C C   . GLN A 1 35 ? -5.012  9.077   2.101   1.00 39.88  ? 898  GLN A C   1 
ATOM   203 O O   . GLN A 1 35 ? -4.384  9.647   3.005   1.00 40.23  ? 898  GLN A O   1 
ATOM   204 C CB  . GLN A 1 35 ? -6.839  10.790  2.505   1.00 39.45  ? 898  GLN A CB  1 
ATOM   205 C CG  . GLN A 1 35 ? -8.090  11.488  1.977   1.00 44.88  ? 898  GLN A CG  1 
ATOM   206 C CD  . GLN A 1 35 ? -7.809  12.380  0.796   1.00 73.01  ? 898  GLN A CD  1 
ATOM   207 O OE1 . GLN A 1 35 ? -6.743  12.987  0.677   1.00 75.06  ? 898  GLN A OE1 1 
ATOM   208 N NE2 . GLN A 1 35 ? -8.769  12.484  -0.101  1.00 71.60  ? 898  GLN A NE2 1 
ATOM   209 N N   . ILE A 1 36 ? -4.619  7.918   1.547   1.00 33.79  ? 899  ILE A N   1 
ATOM   210 C CA  . ILE A 1 36 ? -3.394  7.247   1.979   1.00 33.39  ? 899  ILE A CA  1 
ATOM   211 C C   . ILE A 1 36 ? -2.217  7.786   1.159   1.00 38.19  ? 899  ILE A C   1 
ATOM   212 O O   . ILE A 1 36 ? -2.218  7.660   -0.072  1.00 39.00  ? 899  ILE A O   1 
ATOM   213 C CB  . ILE A 1 36 ? -3.495  5.704   1.831   1.00 35.87  ? 899  ILE A CB  1 
ATOM   214 C CG1 . ILE A 1 36 ? -4.734  5.085   2.531   1.00 37.81  ? 899  ILE A CG1 1 
ATOM   215 C CG2 . ILE A 1 36 ? -2.175  5.023   2.290   1.00 36.55  ? 899  ILE A CG2 1 
ATOM   216 C CD1 . ILE A 1 36 ? -4.759  5.139   3.984   1.00 40.36  ? 899  ILE A CD1 1 
ATOM   217 N N   . THR A 1 37 ? -1.204  8.343   1.835   1.00 36.09  ? 900  THR A N   1 
ATOM   218 C CA  . THR A 1 37 ? 0.052   8.762   1.186   1.00 35.05  ? 900  THR A CA  1 
ATOM   219 C C   . THR A 1 37 ? 1.072   7.633   1.397   1.00 36.98  ? 900  THR A C   1 
ATOM   220 O O   . THR A 1 37 ? 0.852   6.733   2.223   1.00 34.92  ? 900  THR A O   1 
ATOM   221 C CB  . THR A 1 37 ? 0.617   10.016  1.835   1.00 41.87  ? 900  THR A CB  1 
ATOM   222 O OG1 . THR A 1 37 ? 0.944   9.704   3.207   1.00 39.45  ? 900  THR A OG1 1 
ATOM   223 C CG2 . THR A 1 37 ? -0.333  11.226  1.715   1.00 41.10  ? 900  THR A CG2 1 
ATOM   224 N N   . LEU A 1 38 ? 2.200   7.684   0.685   1.00 34.66  ? 901  LEU A N   1 
ATOM   225 C CA  . LEU A 1 38 ? 3.215   6.653   0.888   1.00 34.09  ? 901  LEU A CA  1 
ATOM   226 C C   . LEU A 1 38 ? 3.739   6.655   2.331   1.00 37.68  ? 901  LEU A C   1 
ATOM   227 O O   . LEU A 1 38 ? 3.919   5.584   2.932   1.00 36.96  ? 901  LEU A O   1 
ATOM   228 C CB  . LEU A 1 38 ? 4.361   6.813   -0.125  1.00 36.15  ? 901  LEU A CB  1 
ATOM   229 C CG  . LEU A 1 38 ? 5.390   5.692   -0.122  1.00 41.26  ? 901  LEU A CG  1 
ATOM   230 C CD1 . LEU A 1 38 ? 4.724   4.305   -0.265  1.00 39.96  ? 901  LEU A CD1 1 
ATOM   231 C CD2 . LEU A 1 38 ? 6.412   5.880   -1.235  1.00 46.20  ? 901  LEU A CD2 1 
ATOM   232 N N   . ARG A 1 39 ? 3.943   7.846   2.903   1.00 37.12  ? 902  ARG A N   1 
ATOM   233 C CA  . ARG A 1 39 ? 4.404   7.905   4.286   1.00 38.00  ? 902  ARG A CA  1 
ATOM   234 C C   . ARG A 1 39 ? 3.412   7.218   5.240   1.00 41.29  ? 902  ARG A C   1 
ATOM   235 O O   . ARG A 1 39 ? 3.851   6.633   6.221   1.00 43.75  ? 902  ARG A O   1 
ATOM   236 C CB  . ARG A 1 39 ? 4.633   9.357   4.716   1.00 40.78  ? 902  ARG A CB  1 
ATOM   237 C CG  . ARG A 1 39 ? 5.971   9.899   4.256   1.00 48.19  ? 902  ARG A CG  1 
ATOM   238 C CD  . ARG A 1 39 ? 6.240   11.281  4.849   1.00 51.17  ? 902  ARG A CD  1 
ATOM   239 N NE  . ARG A 1 39 ? 7.315   11.975  4.136   1.00 56.95  ? 902  ARG A NE  1 
ATOM   240 C CZ  . ARG A 1 39 ? 8.591   11.964  4.501   1.00 72.04  ? 902  ARG A CZ  1 
ATOM   241 N NH1 . ARG A 1 39 ? 8.971   11.305  5.590   1.00 56.08  ? 902  ARG A NH1 1 
ATOM   242 N NH2 . ARG A 1 39 ? 9.495   12.627  3.792   1.00 64.03  ? 902  ARG A NH2 1 
ATOM   243 N N   . VAL A 1 40 ? 2.099   7.358   4.999   1.00 36.33  ? 903  VAL A N   1 
ATOM   244 C CA  . VAL A 1 40 ? 1.074   6.718   5.851   1.00 36.42  ? 903  VAL A CA  1 
ATOM   245 C C   . VAL A 1 40 ? 1.063   5.202   5.602   1.00 37.95  ? 903  VAL A C   1 
ATOM   246 O O   . VAL A 1 40 ? 1.053   4.430   6.567   1.00 37.82  ? 903  VAL A O   1 
ATOM   247 C CB  . VAL A 1 40 ? -0.308  7.326   5.625   1.00 40.70  ? 903  VAL A CB  1 
ATOM   248 C CG1 . VAL A 1 40 ? -1.413  6.478   6.279   1.00 41.00  ? 903  VAL A CG1 1 
ATOM   249 C CG2 . VAL A 1 40 ? -0.341  8.742   6.198   1.00 41.98  ? 903  VAL A CG2 1 
ATOM   250 N N   . LEU A 1 41 ? 1.085   4.793   4.321   1.00 34.12  ? 904  LEU A N   1 
ATOM   251 C CA  . LEU A 1 41 ? 1.085   3.349   4.010   1.00 32.25  ? 904  LEU A CA  1 
ATOM   252 C C   . LEU A 1 41 ? 2.205   2.597   4.718   1.00 36.25  ? 904  LEU A C   1 
ATOM   253 O O   . LEU A 1 41 ? 2.030   1.425   5.090   1.00 36.94  ? 904  LEU A O   1 
ATOM   254 C CB  . LEU A 1 41 ? 1.242   3.177   2.473   1.00 31.73  ? 904  LEU A CB  1 
ATOM   255 C CG  . LEU A 1 41 ? 1.271   1.755   1.926   1.00 35.23  ? 904  LEU A CG  1 
ATOM   256 C CD1 . LEU A 1 41 ? 0.036   0.987   2.317   1.00 35.82  ? 904  LEU A CD1 1 
ATOM   257 C CD2 . LEU A 1 41 ? 1.332   1.779   0.409   1.00 38.39  ? 904  LEU A CD2 1 
ATOM   258 N N   . VAL A 1 42 ? 3.388   3.230   4.808   1.00 33.81  ? 905  VAL A N   1 
ATOM   259 C CA  . VAL A 1 42 ? 4.589   2.603   5.389   1.00 37.30  ? 905  VAL A CA  1 
ATOM   260 C C   . VAL A 1 42 ? 4.342   2.091   6.819   1.00 41.35  ? 905  VAL A C   1 
ATOM   261 O O   . VAL A 1 42 ? 4.902   1.052   7.190   1.00 43.49  ? 905  VAL A O   1 
ATOM   262 C CB  . VAL A 1 42 ? 5.809   3.577   5.266   1.00 44.39  ? 905  VAL A CB  1 
ATOM   263 C CG1 . VAL A 1 42 ? 6.920   3.247   6.271   1.00 47.29  ? 905  VAL A CG1 1 
ATOM   264 C CG2 . VAL A 1 42 ? 6.345   3.555   3.833   1.00 43.06  ? 905  VAL A CG2 1 
ATOM   265 N N   . GLU A 1 43 ? 3.454   2.761   7.572   1.00 39.19  ? 906  GLU A N   1 
ATOM   266 C CA  . GLU A 1 43 ? 3.153   2.357   8.955   1.00 41.43  ? 906  GLU A CA  1 
ATOM   267 C C   . GLU A 1 43 ? 1.944   1.405   9.089   1.00 45.62  ? 906  GLU A C   1 
ATOM   268 O O   . GLU A 1 43 ? 1.590   1.045   10.214  1.00 49.63  ? 906  GLU A O   1 
ATOM   269 C CB  . GLU A 1 43 ? 2.932   3.611   9.842   1.00 44.84  ? 906  GLU A CB  1 
ATOM   270 C CG  . GLU A 1 43 ? 4.001   4.686   9.701   1.00 59.69  ? 906  GLU A CG  1 
ATOM   271 C CD  . GLU A 1 43 ? 5.343   4.418   10.361  1.00 84.97  ? 906  GLU A CD  1 
ATOM   272 O OE1 . GLU A 1 43 ? 5.412   3.571   11.281  1.00 87.50  ? 906  GLU A OE1 1 
ATOM   273 O OE2 . GLU A 1 43 ? 6.329   5.085   9.969   1.00 76.99  ? 906  GLU A OE2 1 
ATOM   274 N N   . MET A 1 44 ? 1.308   0.994   7.962   1.00 38.89  ? 907  MET A N   1 
ATOM   275 C CA  . MET A 1 44 ? 0.106   0.166   8.001   1.00 37.81  ? 907  MET A CA  1 
ATOM   276 C C   . MET A 1 44 ? 0.424   -1.310  7.917   1.00 42.93  ? 907  MET A C   1 
ATOM   277 O O   . MET A 1 44 ? 1.111   -1.723  7.004   1.00 43.04  ? 907  MET A O   1 
ATOM   278 C CB  . MET A 1 44 ? -0.861  0.541   6.872   1.00 36.61  ? 907  MET A CB  1 
ATOM   279 C CG  . MET A 1 44 ? -1.336  2.014   6.958   1.00 38.41  ? 907  MET A CG  1 
ATOM   280 S SD  . MET A 1 44 ? -2.414  2.490   5.593   1.00 39.20  ? 907  MET A SD  1 
ATOM   281 C CE  . MET A 1 44 ? -3.964  1.710   6.107   1.00 38.03  ? 907  MET A CE  1 
ATOM   282 N N   . GLY A 1 45 ? -0.106  -2.082  8.849   1.00 41.90  ? 908  GLY A N   1 
ATOM   283 C CA  . GLY A 1 45 ? 0.059   -3.526  8.859   1.00 41.29  ? 908  GLY A CA  1 
ATOM   284 C C   . GLY A 1 45 ? -1.235  -4.173  8.445   1.00 42.34  ? 908  GLY A C   1 
ATOM   285 O O   . GLY A 1 45 ? -2.139  -3.508  7.920   1.00 39.39  ? 908  GLY A O   1 
ATOM   286 N N   . HIS A 1 46 ? -1.333  -5.489  8.657   1.00 42.27  ? 909  HIS A N   1 
ATOM   287 C CA  . HIS A 1 46 ? -2.528  -6.210  8.257   1.00 42.65  ? 909  HIS A CA  1 
ATOM   288 C C   . HIS A 1 46 ? -3.806  -5.636  8.828   1.00 48.27  ? 909  HIS A C   1 
ATOM   289 O O   . HIS A 1 46 ? -4.795  -5.571  8.109   1.00 46.50  ? 909  HIS A O   1 
ATOM   290 C CB  . HIS A 1 46 ? -2.408  -7.691  8.633   1.00 44.83  ? 909  HIS A CB  1 
ATOM   291 C CG  . HIS A 1 46 ? -1.617  -8.491  7.651   1.00 45.73  ? 909  HIS A CG  1 
ATOM   292 N ND1 . HIS A 1 46 ? -2.200  -9.001  6.507   1.00 46.47  ? 909  HIS A ND1 1 
ATOM   293 C CD2 . HIS A 1 46 ? -0.323  -8.873  7.685   1.00 47.31  ? 909  HIS A CD2 1 
ATOM   294 C CE1 . HIS A 1 46 ? -1.245  -9.658  5.873   1.00 45.15  ? 909  HIS A CE1 1 
ATOM   295 N NE2 . HIS A 1 46 ? -0.097  -9.605  6.536   1.00 46.55  ? 909  HIS A NE2 1 
ATOM   296 N N   . LYS A 1 47 ? -3.804  -5.272  10.128  1.00 47.97  ? 910  LYS A N   1 
ATOM   297 C CA  . LYS A 1 47 ? -4.986  -4.741  10.812  1.00 50.04  ? 910  LYS A CA  1 
ATOM   298 C C   . LYS A 1 47 ? -5.503  -3.501  10.088  1.00 50.67  ? 910  LYS A C   1 
ATOM   299 O O   . LYS A 1 47 ? -6.676  -3.459  9.710   1.00 52.02  ? 910  LYS A O   1 
ATOM   300 C CB  . LYS A 1 47 ? -4.677  -4.425  12.289  1.00 54.73  ? 910  LYS A CB  1 
ATOM   301 C CG  . LYS A 1 47 ? -5.890  -4.031  13.120  1.00 73.02  ? 910  LYS A CG  1 
ATOM   302 C CD  . LYS A 1 47 ? -5.499  -3.653  14.547  1.00 78.64  ? 910  LYS A CD  1 
ATOM   303 N N   . GLU A 1 48 ? -4.603  -2.538  9.847   1.00 44.46  ? 911  GLU A N   1 
ATOM   304 C CA  . GLU A 1 48 ? -4.892  -1.247  9.226   1.00 41.25  ? 911  GLU A CA  1 
ATOM   305 C C   . GLU A 1 48 ? -5.313  -1.379  7.760   1.00 42.89  ? 911  GLU A C   1 
ATOM   306 O O   . GLU A 1 48 ? -6.259  -0.724  7.325   1.00 42.42  ? 911  GLU A O   1 
ATOM   307 C CB  . GLU A 1 48 ? -3.694  -0.286  9.344   1.00 41.78  ? 911  GLU A CB  1 
ATOM   308 C CG  . GLU A 1 48 ? -3.325  0.059   10.789  1.00 48.86  ? 911  GLU A CG  1 
ATOM   309 C CD  . GLU A 1 48 ? -2.403  -0.883  11.541  1.00 67.02  ? 911  GLU A CD  1 
ATOM   310 O OE1 . GLU A 1 48 ? -1.972  -1.910  10.966  1.00 50.08  ? 911  GLU A OE1 1 
ATOM   311 O OE2 . GLU A 1 48 ? -2.147  -0.605  12.736  1.00 72.56  ? 911  GLU A OE2 1 
ATOM   312 N N   . LEU A 1 49 ? -4.633  -2.255  7.010   1.00 37.60  ? 912  LEU A N   1 
ATOM   313 C CA  . LEU A 1 49 ? -4.962  -2.481  5.609   1.00 35.73  ? 912  LEU A CA  1 
ATOM   314 C C   . LEU A 1 49 ? -6.293  -3.195  5.482   1.00 41.17  ? 912  LEU A C   1 
ATOM   315 O O   . LEU A 1 49 ? -7.049  -2.866  4.569   1.00 40.15  ? 912  LEU A O   1 
ATOM   316 C CB  . LEU A 1 49 ? -3.844  -3.278  4.921   1.00 35.04  ? 912  LEU A CB  1 
ATOM   317 C CG  . LEU A 1 49 ? -2.529  -2.521  4.741   1.00 36.16  ? 912  LEU A CG  1 
ATOM   318 C CD1 . LEU A 1 49 ? -1.431  -3.439  4.245   1.00 36.78  ? 912  LEU A CD1 1 
ATOM   319 C CD2 . LEU A 1 49 ? -2.690  -1.275  3.809   1.00 34.23  ? 912  LEU A CD2 1 
ATOM   320 N N   . LYS A 1 50 ? -6.604  -4.160  6.393   1.00 41.25  ? 913  LYS A N   1 
ATOM   321 C CA  . LYS A 1 50 ? -7.898  -4.831  6.341   1.00 44.53  ? 913  LYS A CA  1 
ATOM   322 C C   . LYS A 1 50 ? -9.015  -3.807  6.623   1.00 52.05  ? 913  LYS A C   1 
ATOM   323 O O   . LYS A 1 50 ? -10.064 -3.874  5.987   1.00 55.39  ? 913  LYS A O   1 
ATOM   324 C CB  . LYS A 1 50 ? -7.965  -5.997  7.349   1.00 49.51  ? 913  LYS A CB  1 
ATOM   325 C CG  . LYS A 1 50 ? -8.893  -7.119  6.905   1.00 63.73  ? 913  LYS A CG  1 
ATOM   326 C CD  . LYS A 1 50 ? -8.919  -8.255  7.933   1.00 68.80  ? 913  LYS A CD  1 
ATOM   327 C CE  . LYS A 1 50 ? -9.779  -9.404  7.464   1.00 78.50  ? 913  LYS A CE  1 
ATOM   328 N NZ  . LYS A 1 50 ? -9.495  -10.655 8.221   1.00 93.47  ? 913  LYS A NZ  1 
ATOM   329 N N   . GLU A 1 51 ? -8.758  -2.842  7.537   1.00 49.39  ? 914  GLU A N   1 
ATOM   330 C CA  . GLU A 1 51 ? -9.683  -1.777  7.943   1.00 52.11  ? 914  GLU A CA  1 
ATOM   331 C C   . GLU A 1 51 ? -10.159 -0.915  6.761   1.00 55.74  ? 914  GLU A C   1 
ATOM   332 O O   . GLU A 1 51 ? -11.335 -0.539  6.703   1.00 57.10  ? 914  GLU A O   1 
ATOM   333 C CB  . GLU A 1 51 ? -9.040  -0.868  9.011   1.00 53.91  ? 914  GLU A CB  1 
ATOM   334 C CG  . GLU A 1 51 ? -9.181  -1.361  10.447  1.00 68.87  ? 914  GLU A CG  1 
ATOM   335 C CD  . GLU A 1 51 ? -8.269  -0.707  11.475  1.00 84.57  ? 914  GLU A CD  1 
ATOM   336 O OE1 . GLU A 1 51 ? -7.904  0.479   11.297  1.00 64.66  ? 914  GLU A OE1 1 
ATOM   337 O OE2 . GLU A 1 51 ? -7.940  -1.378  12.480  1.00 83.84  ? 914  GLU A OE2 1 
ATOM   338 N N   . ILE A 1 52 ? -9.245  -0.609  5.823   1.00 44.04  ? 915  ILE A N   1 
ATOM   339 C CA  . ILE A 1 52 ? -9.548  0.236   4.663   1.00 43.26  ? 915  ILE A CA  1 
ATOM   340 C C   . ILE A 1 52 ? -10.094 -0.575  3.458   1.00 48.10  ? 915  ILE A C   1 
ATOM   341 O O   . ILE A 1 52 ? -10.419 0.012   2.418   1.00 48.52  ? 915  ILE A O   1 
ATOM   342 C CB  . ILE A 1 52 ? -8.381  1.156   4.273   1.00 44.32  ? 915  ILE A CB  1 
ATOM   343 C CG1 . ILE A 1 52 ? -7.141  0.365   3.785   1.00 40.84  ? 915  ILE A CG1 1 
ATOM   344 C CG2 . ILE A 1 52 ? -8.046  2.131   5.407   1.00 46.96  ? 915  ILE A CG2 1 
ATOM   345 C CD1 . ILE A 1 52 ? -6.101  1.222   2.960   1.00 40.25  ? 915  ILE A CD1 1 
ATOM   346 N N   . GLY A 1 53 ? -10.269 -1.880  3.646   1.00 45.32  ? 916  GLY A N   1 
ATOM   347 C CA  . GLY A 1 53 ? -10.868 -2.714  2.622   1.00 44.04  ? 916  GLY A CA  1 
ATOM   348 C C   . GLY A 1 53 ? -9.924  -3.476  1.724   1.00 44.34  ? 916  GLY A C   1 
ATOM   349 O O   . GLY A 1 53 ? -10.350 -3.908  0.651   1.00 45.24  ? 916  GLY A O   1 
ATOM   350 N N   . ILE A 1 54 ? -8.658  -3.670  2.143   1.00 37.89  ? 917  ILE A N   1 
ATOM   351 C CA  . ILE A 1 54 ? -7.733  -4.525  1.382   1.00 36.65  ? 917  ILE A CA  1 
ATOM   352 C C   . ILE A 1 54 ? -7.992  -5.912  1.975   1.00 40.70  ? 917  ILE A C   1 
ATOM   353 O O   . ILE A 1 54 ? -7.351  -6.340  2.932   1.00 39.31  ? 917  ILE A O   1 
ATOM   354 C CB  . ILE A 1 54 ? -6.251  -4.068  1.429   1.00 38.65  ? 917  ILE A CB  1 
ATOM   355 C CG1 . ILE A 1 54 ? -6.154  -2.527  1.086   1.00 40.99  ? 917  ILE A CG1 1 
ATOM   356 C CG2 . ILE A 1 54 ? -5.420  -4.995  0.506   1.00 36.59  ? 917  ILE A CG2 1 
ATOM   357 C CD1 . ILE A 1 54 ? -5.152  -2.080  0.341   1.00 54.51  ? 917  ILE A CD1 1 
ATOM   358 N N   . ASN A 1 55 ? -8.983  -6.588  1.412   1.00 40.05  ? 918  ASN A N   1 
ATOM   359 C CA  . ASN A 1 55 ? -9.538  -7.819  1.956   1.00 40.66  ? 918  ASN A CA  1 
ATOM   360 C C   . ASN A 1 55 ? -8.697  -9.085  1.810   1.00 43.69  ? 918  ASN A C   1 
ATOM   361 O O   . ASN A 1 55 ? -8.833  -9.968  2.660   1.00 44.08  ? 918  ASN A O   1 
ATOM   362 C CB  . ASN A 1 55 ? -10.932 -8.072  1.393   1.00 45.82  ? 918  ASN A CB  1 
ATOM   363 C CG  . ASN A 1 55 ? -11.912 -6.965  1.717   1.00 63.76  ? 918  ASN A CG  1 
ATOM   364 O OD1 . ASN A 1 55 ? -12.673 -6.517  0.857   1.00 66.91  ? 918  ASN A OD1 1 
ATOM   365 N ND2 . ASN A 1 55 ? -11.865 -6.447  2.943   1.00 51.39  ? 918  ASN A ND2 1 
ATOM   366 N N   . ALA A 1 56 ? -7.859  -9.178  0.758   1.00 39.84  ? 919  ALA A N   1 
ATOM   367 C CA  . ALA A 1 56 ? -7.086  -10.395 0.513   1.00 40.50  ? 919  ALA A CA  1 
ATOM   368 C C   . ALA A 1 56 ? -5.755  -10.377 1.267   1.00 38.87  ? 919  ALA A C   1 
ATOM   369 O O   . ALA A 1 56 ? -4.945  -9.452  1.111   1.00 35.56  ? 919  ALA A O   1 
ATOM   370 C CB  . ALA A 1 56 ? -6.868  -10.593 -0.973  1.00 41.29  ? 919  ALA A CB  1 
ATOM   371 N N   . TYR A 1 57 ? -5.527  -11.421 2.075   1.00 37.28  ? 920  TYR A N   1 
ATOM   372 C CA  . TYR A 1 57 ? -4.285  -11.522 2.832   1.00 36.03  ? 920  TYR A CA  1 
ATOM   373 C C   . TYR A 1 57 ? -3.051  -11.389 1.908   1.00 40.34  ? 920  TYR A C   1 
ATOM   374 O O   . TYR A 1 57 ? -2.113  -10.685 2.261   1.00 38.62  ? 920  TYR A O   1 
ATOM   375 C CB  . TYR A 1 57 ? -4.256  -12.842 3.612   1.00 38.98  ? 920  TYR A CB  1 
ATOM   376 C CG  . TYR A 1 57 ? -3.036  -13.010 4.481   1.00 40.57  ? 920  TYR A CG  1 
ATOM   377 C CD1 . TYR A 1 57 ? -3.083  -12.731 5.849   1.00 41.93  ? 920  TYR A CD1 1 
ATOM   378 C CD2 . TYR A 1 57 ? -1.834  -13.472 3.949   1.00 41.26  ? 920  TYR A CD2 1 
ATOM   379 C CE1 . TYR A 1 57 ? -1.968  -12.933 6.663   1.00 42.83  ? 920  TYR A CE1 1 
ATOM   380 C CE2 . TYR A 1 57 ? -0.710  -13.645 4.751   1.00 43.16  ? 920  TYR A CE2 1 
ATOM   381 C CZ  . TYR A 1 57 ? -0.771  -13.332 6.098   1.00 47.62  ? 920  TYR A CZ  1 
ATOM   382 O OH  . TYR A 1 57 ? 0.341   -13.525 6.882   1.00 52.31  ? 920  TYR A OH  1 
ATOM   383 N N   . GLY A 1 58 ? -3.069  -12.051 0.738   1.00 37.79  ? 921  GLY A N   1 
ATOM   384 C CA  . GLY A 1 58 ? -1.950  -11.998 -0.210  1.00 37.42  ? 921  GLY A CA  1 
ATOM   385 C C   . GLY A 1 58 ? -1.671  -10.592 -0.724  1.00 38.57  ? 921  GLY A C   1 
ATOM   386 O O   . GLY A 1 58 ? -0.510  -10.253 -0.985  1.00 38.89  ? 921  GLY A O   1 
ATOM   387 N N   . HIS A 1 59 ? -2.725  -9.771  -0.915  1.00 33.47  ? 922  HIS A N   1 
ATOM   388 C CA  . HIS A 1 59 ? -2.496  -8.374  -1.340  1.00 33.43  ? 922  HIS A CA  1 
ATOM   389 C C   . HIS A 1 59 ? -1.878  -7.589  -0.195  1.00 36.73  ? 922  HIS A C   1 
ATOM   390 O O   . HIS A 1 59 ? -0.970  -6.786  -0.440  1.00 35.51  ? 922  HIS A O   1 
ATOM   391 C CB  . HIS A 1 59 ? -3.799  -7.699  -1.761  1.00 34.15  ? 922  HIS A CB  1 
ATOM   392 C CG  . HIS A 1 59 ? -4.348  -8.234  -3.038  1.00 37.77  ? 922  HIS A CG  1 
ATOM   393 N ND1 . HIS A 1 59 ? -5.665  -7.998  -3.403  1.00 40.27  ? 922  HIS A ND1 1 
ATOM   394 C CD2 . HIS A 1 59 ? -3.737  -8.934  -4.021  1.00 40.38  ? 922  HIS A CD2 1 
ATOM   395 C CE1 . HIS A 1 59 ? -5.820  -8.597  -4.571  1.00 41.42  ? 922  HIS A CE1 1 
ATOM   396 N NE2 . HIS A 1 59 ? -4.689  -9.153  -4.998  1.00 41.67  ? 922  HIS A NE2 1 
ATOM   397 N N   . ARG A 1 60 ? -2.360  -7.810  1.054   1.00 34.57  ? 923  ARG A N   1 
ATOM   398 C CA  . ARG A 1 60 ? -1.803  -7.048  2.193   1.00 33.80  ? 923  ARG A CA  1 
ATOM   399 C C   . ARG A 1 60 ? -0.346  -7.437  2.388   1.00 35.66  ? 923  ARG A C   1 
ATOM   400 O O   . ARG A 1 60 ? 0.503   -6.558  2.560   1.00 35.28  ? 923  ARG A O   1 
ATOM   401 C CB  . ARG A 1 60 ? -2.589  -7.276  3.490   1.00 34.88  ? 923  ARG A CB  1 
ATOM   402 C CG  . ARG A 1 60 ? -4.036  -6.849  3.427   1.00 37.09  ? 923  ARG A CG  1 
ATOM   403 C CD  . ARG A 1 60 ? -4.679  -6.897  4.811   1.00 36.64  ? 923  ARG A CD  1 
ATOM   404 N NE  . ARG A 1 60 ? -4.691  -8.241  5.407   1.00 37.81  ? 923  ARG A NE  1 
ATOM   405 C CZ  . ARG A 1 60 ? -5.668  -9.127  5.269   1.00 48.16  ? 923  ARG A CZ  1 
ATOM   406 N NH1 . ARG A 1 60 ? -6.719  -8.853  4.509   1.00 41.06  ? 923  ARG A NH1 1 
ATOM   407 N NH2 . ARG A 1 60 ? -5.595  -10.305 5.879   1.00 42.63  ? 923  ARG A NH2 1 
ATOM   408 N N   . GLU A 1 61 ? -0.038  -8.750  2.287   1.00 35.34  ? 924  GLU A N   1 
ATOM   409 C CA  . GLU A 1 61 ? 1.337   -9.217  2.425   1.00 35.69  ? 924  GLU A CA  1 
ATOM   410 C C   . GLU A 1 61 ? 2.223   -8.615  1.327   1.00 36.74  ? 924  GLU A C   1 
ATOM   411 O O   . GLU A 1 61 ? 3.353   -8.231  1.610   1.00 38.33  ? 924  GLU A O   1 
ATOM   412 C CB  . GLU A 1 61 ? 1.390   -10.752 2.373   1.00 39.42  ? 924  GLU A CB  1 
ATOM   413 C CG  . GLU A 1 61 ? 1.594   -11.391 3.731   1.00 52.74  ? 924  GLU A CG  1 
ATOM   414 C CD  . GLU A 1 61 ? 2.719   -10.922 4.634   1.00 59.13  ? 924  GLU A CD  1 
ATOM   415 O OE1 . GLU A 1 61 ? 3.888   -11.305 4.398   1.00 61.39  ? 924  GLU A OE1 1 
ATOM   416 O OE2 . GLU A 1 61 ? 2.409   -10.277 5.658   1.00 60.61  ? 924  GLU A OE2 1 
ATOM   417 N N   . LYS A 1 62 ? 1.709   -8.503  0.084   1.00 34.40  ? 925  LYS A N   1 
ATOM   418 C CA  . LYS A 1 62 ? 2.487   -7.929  -1.021  1.00 33.43  ? 925  LYS A CA  1 
ATOM   419 C C   . LYS A 1 62 ? 2.812   -6.449  -0.682  1.00 34.41  ? 925  LYS A C   1 
ATOM   420 O O   . LYS A 1 62 ? 3.937   -5.997  -0.931  1.00 34.81  ? 925  LYS A O   1 
ATOM   421 C CB  . LYS A 1 62 ? 1.663   -7.964  -2.326  1.00 36.87  ? 925  LYS A CB  1 
ATOM   422 C CG  . LYS A 1 62 ? 2.469   -7.686  -3.562  1.00 46.98  ? 925  LYS A CG  1 
ATOM   423 C CD  . LYS A 1 62 ? 1.774   -8.201  -4.833  1.00 56.33  ? 925  LYS A CD  1 
ATOM   424 C CE  . LYS A 1 62 ? 1.911   -9.688  -5.060  1.00 75.23  ? 925  LYS A CE  1 
ATOM   425 N NZ  . LYS A 1 62 ? 0.997   -10.170 -6.135  1.00 82.03  ? 925  LYS A NZ  1 
ATOM   426 N N   . LEU A 1 63 ? 1.845   -5.732  -0.099  1.00 30.60  ? 926  LEU A N   1 
ATOM   427 C CA  . LEU A 1 63 ? 2.075   -4.322  0.256   1.00 29.85  ? 926  LEU A CA  1 
ATOM   428 C C   . LEU A 1 63 ? 3.064   -4.263  1.412   1.00 32.91  ? 926  LEU A C   1 
ATOM   429 O O   . LEU A 1 63 ? 3.987   -3.449  1.375   1.00 34.45  ? 926  LEU A O   1 
ATOM   430 C CB  . LEU A 1 63 ? 0.772   -3.634  0.683   1.00 31.01  ? 926  LEU A CB  1 
ATOM   431 C CG  . LEU A 1 63 ? -0.183  -3.342  -0.486  1.00 32.94  ? 926  LEU A CG  1 
ATOM   432 C CD1 . LEU A 1 63 ? -1.578  -3.205  0.010   1.00 32.50  ? 926  LEU A CD1 1 
ATOM   433 C CD2 . LEU A 1 63 ? 0.293   -2.095  -1.301  1.00 34.11  ? 926  LEU A CD2 1 
ATOM   434 N N   . ILE A 1 64 ? 2.820   -5.057  2.483   1.00 32.80  ? 927  ILE A N   1 
ATOM   435 C CA  . ILE A 1 64 ? 3.674   -5.008  3.688   1.00 33.84  ? 927  ILE A CA  1 
ATOM   436 C C   . ILE A 1 64 ? 5.116   -5.391  3.366   1.00 37.08  ? 927  ILE A C   1 
ATOM   437 O O   . ILE A 1 64 ? 6.044   -4.673  3.786   1.00 37.88  ? 927  ILE A O   1 
ATOM   438 C CB  . ILE A 1 64 ? 3.057   -5.842  4.838   1.00 38.26  ? 927  ILE A CB  1 
ATOM   439 C CG1 . ILE A 1 64 ? 1.733   -5.235  5.273   1.00 38.09  ? 927  ILE A CG1 1 
ATOM   440 C CG2 . ILE A 1 64 ? 4.034   -5.990  6.032   1.00 42.38  ? 927  ILE A CG2 1 
ATOM   441 C CD1 . ILE A 1 64 ? 0.855   -6.231  6.032   1.00 40.38  ? 927  ILE A CD1 1 
ATOM   442 N N   . LYS A 1 65 ? 5.302   -6.468  2.573   1.00 35.27  ? 928  LYS A N   1 
ATOM   443 C CA  . LYS A 1 65 ? 6.648   -6.906  2.186   1.00 37.46  ? 928  LYS A CA  1 
ATOM   444 C C   . LYS A 1 65 ? 7.223   -5.906  1.193   1.00 39.36  ? 928  LYS A C   1 
ATOM   445 O O   . LYS A 1 65 ? 8.409   -5.622  1.249   1.00 38.95  ? 928  LYS A O   1 
ATOM   446 C CB  . LYS A 1 65 ? 6.653   -8.346  1.626   1.00 41.14  ? 928  LYS A CB  1 
ATOM   447 C CG  . LYS A 1 65 ? 6.283   -9.390  2.687   1.00 54.86  ? 928  LYS A CG  1 
ATOM   448 C CD  . LYS A 1 65 ? 7.467   -9.795  3.577   1.00 69.45  ? 928  LYS A CD  1 
ATOM   449 N N   . GLY A 1 66 ? 6.359   -5.265  0.395   1.00 36.50  ? 929  GLY A N   1 
ATOM   450 C CA  . GLY A 1 66 ? 6.795   -4.230  -0.537  1.00 34.39  ? 929  GLY A CA  1 
ATOM   451 C C   . GLY A 1 66 ? 7.377   -3.031  0.199   1.00 35.14  ? 929  GLY A C   1 
ATOM   452 O O   . GLY A 1 66 ? 8.389   -2.473  -0.235  1.00 35.91  ? 929  GLY A O   1 
ATOM   453 N N   . VAL A 1 67 ? 6.761   -2.638  1.356   1.00 31.82  ? 930  VAL A N   1 
ATOM   454 C CA  . VAL A 1 67 ? 7.263   -1.528  2.191   1.00 31.47  ? 930  VAL A CA  1 
ATOM   455 C C   . VAL A 1 67 ? 8.595   -1.954  2.843   1.00 36.16  ? 930  VAL A C   1 
ATOM   456 O O   . VAL A 1 67 ? 9.549   -1.185  2.829   1.00 37.08  ? 930  VAL A O   1 
ATOM   457 C CB  . VAL A 1 67 ? 6.225   -1.161  3.276   1.00 35.17  ? 930  VAL A CB  1 
ATOM   458 C CG1 . VAL A 1 67 ? 6.834   -0.252  4.338   1.00 37.52  ? 930  VAL A CG1 1 
ATOM   459 C CG2 . VAL A 1 67 ? 5.004   -0.502  2.630   1.00 33.07  ? 930  VAL A CG2 1 
ATOM   460 N N   . GLU A 1 68 ? 8.650   -3.184  3.410   1.00 35.95  ? 931  GLU A N   1 
ATOM   461 C CA  . GLU A 1 68 ? 9.884   -3.648  4.057   1.00 37.44  ? 931  GLU A CA  1 
ATOM   462 C C   . GLU A 1 68 ? 11.046  -3.569  3.052   1.00 41.23  ? 931  GLU A C   1 
ATOM   463 O O   . GLU A 1 68 ? 12.156  -3.178  3.419   1.00 44.09  ? 931  GLU A O   1 
ATOM   464 C CB  . GLU A 1 68 ? 9.745   -5.125  4.476   1.00 40.61  ? 931  GLU A CB  1 
ATOM   465 C CG  . GLU A 1 68 ? 8.869   -5.366  5.692   1.00 51.46  ? 931  GLU A CG  1 
ATOM   466 C CD  . GLU A 1 68 ? 8.677   -6.823  6.059   1.00 72.93  ? 931  GLU A CD  1 
ATOM   467 O OE1 . GLU A 1 68 ? 9.308   -7.700  5.423   1.00 72.77  ? 931  GLU A OE1 1 
ATOM   468 O OE2 . GLU A 1 68 ? 7.880   -7.089  6.986   1.00 62.20  ? 931  GLU A OE2 1 
ATOM   469 N N   . ARG A 1 69 ? 10.789  -4.015  1.806   1.00 37.66  ? 932  ARG A N   1 
ATOM   470 C CA  . ARG A 1 69 ? 11.818  -4.052  0.776   1.00 39.42  ? 932  ARG A CA  1 
ATOM   471 C C   . ARG A 1 69 ? 12.170  -2.682  0.282   1.00 43.28  ? 932  ARG A C   1 
ATOM   472 O O   . ARG A 1 69 ? 13.349  -2.429  0.015   1.00 44.99  ? 932  ARG A O   1 
ATOM   473 C CB  . ARG A 1 69 ? 11.471  -5.005  -0.352  1.00 39.99  ? 932  ARG A CB  1 
ATOM   474 C CG  . ARG A 1 69 ? 11.369  -6.464  0.105   1.00 42.80  ? 932  ARG A CG  1 
ATOM   475 C CD  . ARG A 1 69 ? 10.754  -7.274  -0.989  1.00 47.24  ? 932  ARG A CD  1 
ATOM   476 N NE  . ARG A 1 69 ? 10.821  -8.704  -0.728  1.00 57.07  ? 932  ARG A NE  1 
ATOM   477 C CZ  . ARG A 1 69 ? 10.455  -9.624  -1.613  1.00 74.30  ? 932  ARG A CZ  1 
ATOM   478 N NH1 . ARG A 1 69 ? 9.975   -9.261  -2.795  1.00 61.82  ? 932  ARG A NH1 1 
ATOM   479 N NH2 . ARG A 1 69 ? 10.553  -10.911 -1.317  1.00 67.68  ? 932  ARG A NH2 1 
ATOM   480 N N   . LEU A 1 70 ? 11.179  -1.765  0.204   1.00 39.22  ? 933  LEU A N   1 
ATOM   481 C CA  . LEU A 1 70 ? 11.452  -0.373  -0.158  1.00 41.17  ? 933  LEU A CA  1 
ATOM   482 C C   . LEU A 1 70 ? 12.376  0.252   0.906   1.00 45.37  ? 933  LEU A C   1 
ATOM   483 O O   . LEU A 1 70 ? 13.339  0.923   0.546   1.00 47.76  ? 933  LEU A O   1 
ATOM   484 C CB  . LEU A 1 70 ? 10.123  0.435   -0.255  1.00 40.67  ? 933  LEU A CB  1 
ATOM   485 C CG  . LEU A 1 70 ? 10.241  1.960   -0.401  1.00 48.58  ? 933  LEU A CG  1 
ATOM   486 C CD1 . LEU A 1 70 ? 10.885  2.357   -1.734  1.00 51.40  ? 933  LEU A CD1 1 
ATOM   487 C CD2 . LEU A 1 70 ? 8.882   2.615   -0.243  1.00 48.58  ? 933  LEU A CD2 1 
ATOM   488 N N   . ILE A 1 71 ? 12.110  -0.005  2.205   1.00 41.88  ? 934  ILE A N   1 
ATOM   489 C CA  . ILE A 1 71 ? 12.930  0.502   3.313   1.00 44.15  ? 934  ILE A CA  1 
ATOM   490 C C   . ILE A 1 71 ? 14.322  -0.159  3.336   1.00 49.67  ? 934  ILE A C   1 
ATOM   491 O O   . ILE A 1 71 ? 15.338  0.548   3.391   1.00 51.15  ? 934  ILE A O   1 
ATOM   492 C CB  . ILE A 1 71 ? 12.191  0.377   4.674   1.00 47.96  ? 934  ILE A CB  1 
ATOM   493 C CG1 . ILE A 1 71 ? 10.935  1.289   4.700   1.00 47.58  ? 934  ILE A CG1 1 
ATOM   494 C CG2 . ILE A 1 71 ? 13.144  0.673   5.859   1.00 51.78  ? 934  ILE A CG2 1 
ATOM   495 C CD1 . ILE A 1 71 ? 10.026  1.118   5.925   1.00 52.28  ? 934  ILE A CD1 1 
ATOM   496 N N   . SER A 1 72 ? 14.368  -1.516  3.284   1.00 45.82  ? 935  SER A N   1 
ATOM   497 C CA  . SER A 1 72 ? 15.643  -2.244  3.356   1.00 48.17  ? 935  SER A CA  1 
ATOM   498 C C   . SER A 1 72 ? 16.545  -2.013  2.129   1.00 54.32  ? 935  SER A C   1 
ATOM   499 O O   . SER A 1 72 ? 17.779  -2.040  2.254   1.00 56.38  ? 935  SER A O   1 
ATOM   500 C CB  . SER A 1 72 ? 15.415  -3.729  3.634   1.00 51.66  ? 935  SER A CB  1 
ATOM   501 O OG  . SER A 1 72 ? 14.890  -4.430  2.516   1.00 51.12  ? 935  SER A OG  1 
ATOM   502 N N   . GLY A 1 73 ? 15.918  -1.778  0.971   1.00 52.22  ? 936  GLY A N   1 
ATOM   503 C CA  . GLY A 1 73 ? 16.600  -1.523  -0.297  1.00 55.42  ? 936  GLY A CA  1 
ATOM   504 C C   . GLY A 1 73 ? 17.310  -0.183  -0.326  1.00 62.87  ? 936  GLY A C   1 
ATOM   505 O O   . GLY A 1 73 ? 18.307  -0.016  -1.039  1.00 65.63  ? 936  GLY A O   1 
ATOM   506 N N   . GLN A 1 74 ? 16.807  0.768   0.484   1.00 58.14  ? 937  GLN A N   1 
ATOM   507 C CA  . GLN A 1 74 ? 17.357  2.112   0.647   1.00 79.77  ? 937  GLN A CA  1 
ATOM   508 C C   . GLN A 1 74 ? 18.233  2.123   1.890   1.00 104.00 ? 937  GLN A C   1 
ATOM   509 O O   . GLN A 1 74 ? 19.131  2.949   2.005   1.00 75.69  ? 937  GLN A O   1 
ATOM   510 C CB  . GLN A 1 74 ? 16.223  3.142   0.783   1.00 78.65  ? 937  GLN A CB  1 
HETATM 511 O O   . HOH B 2 .  ? 2.144   -1.404  4.642   1.00 46.67  ? 1001 HOH A O   1 
HETATM 512 O O   . HOH B 2 .  ? -4.151  -4.471  -9.907  1.00 51.50  ? 1002 HOH A O   1 
HETATM 513 O O   . HOH B 2 .  ? 8.977   -2.550  -2.803  1.00 48.35  ? 1003 HOH A O   1 
HETATM 514 O O   . HOH B 2 .  ? 6.492   -5.300  8.369   1.00 57.67  ? 1004 HOH A O   1 
HETATM 515 O O   . HOH B 2 .  ? 2.780   -14.277 6.114   1.00 61.99  ? 1005 HOH A O   1 
HETATM 516 O O   . HOH B 2 .  ? -12.102 2.107   1.578   1.00 53.59  ? 1006 HOH A O   1 
HETATM 517 O O   . HOH B 2 .  ? 1.665   11.747  4.803   1.00 47.70  ? 1007 HOH A O   1 
HETATM 518 O O   . HOH B 2 .  ? 7.151   0.216   8.409   1.00 46.96  ? 1008 HOH A O   1 
HETATM 519 O O   . HOH B 2 .  ? -13.807 5.352   3.858   1.00 63.86  ? 1009 HOH A O   1 
HETATM 520 O O   . HOH B 2 .  ? 1.541   -11.908 -1.595  1.00 42.36  ? 1010 HOH A O   1 
HETATM 521 O O   . HOH B 2 .  ? -3.483  8.744   -2.203  1.00 50.71  ? 1011 HOH A O   1 
HETATM 522 O O   . HOH B 2 .  ? -11.391 6.606   -5.058  1.00 53.21  ? 1012 HOH A O   1 
HETATM 523 O O   . HOH B 2 .  ? -9.259  -5.116  -1.530  1.00 47.41  ? 1013 HOH A O   1 
HETATM 524 O O   . HOH B 2 .  ? -12.893 -3.399  -0.191  1.00 64.40  ? 1014 HOH A O   1 
HETATM 525 O O   . HOH B 2 .  ? -9.620  2.575   10.947  1.00 57.84  ? 1015 HOH A O   1 
HETATM 526 O O   . HOH B 2 .  ? -7.910  -11.707 5.296   1.00 49.30  ? 1016 HOH A O   1 
HETATM 527 O O   . HOH B 2 .  ? 8.581   0.974   -6.036  1.00 68.72  ? 1017 HOH A O   1 
HETATM 528 O O   . HOH B 2 .  ? -2.321  9.271   -4.610  1.00 53.40  ? 1018 HOH A O   1 
HETATM 529 O O   . HOH B 2 .  ? 5.881   -7.476  -2.269  1.00 44.83  ? 1019 HOH A O   1 
HETATM 530 O O   . HOH B 2 .  ? 4.150   -1.574  6.598   1.00 43.95  ? 1020 HOH A O   1 
HETATM 531 O O   . HOH B 2 .  ? 6.150   -3.402  6.305   1.00 41.16  ? 1021 HOH A O   1 
HETATM 532 O O   . HOH B 2 .  ? 0.624   -6.576  10.380  1.00 51.20  ? 1022 HOH A O   1 
HETATM 533 O O   . HOH B 2 .  ? -7.794  -7.408  -1.610  1.00 41.52  ? 1023 HOH A O   1 
HETATM 534 O O   . HOH B 2 .  ? 12.845  -3.243  6.200   1.00 47.58  ? 1024 HOH A O   1 
HETATM 535 O O   . HOH B 2 .  ? -13.111 8.308   2.741   1.00 57.34  ? 1025 HOH A O   1 
HETATM 536 O O   . HOH B 2 .  ? 7.971   9.417   7.564   1.00 48.77  ? 1026 HOH A O   1 
HETATM 537 O O   . HOH B 2 .  ? 0.453   -8.307  -8.526  1.00 60.75  ? 1027 HOH A O   1 
HETATM 538 O O   . HOH B 2 .  ? 13.333  -6.639  3.651   1.00 53.65  ? 1028 HOH A O   1 
HETATM 539 O O   . HOH B 2 .  ? 6.426   7.108   7.617   1.00 51.61  ? 1029 HOH A O   1 
HETATM 540 O O   . HOH B 2 .  ? -1.637  -5.820  12.116  1.00 54.26  ? 1030 HOH A O   1 
HETATM 541 O O   . HOH B 2 .  ? -10.692 -1.095  -8.985  1.00 64.73  ? 1031 HOH A O   1 
HETATM 542 O O   . HOH B 2 .  ? 7.003   -1.052  -5.260  1.00 50.83  ? 1032 HOH A O   1 
HETATM 543 O O   . HOH B 2 .  ? 0.973   -11.691 9.298   1.00 59.53  ? 1033 HOH A O   1 
HETATM 544 O O   . HOH B 2 .  ? 4.169   10.411  1.107   1.00 43.89  ? 1034 HOH A O   1 
HETATM 545 O O   . HOH B 2 .  ? 3.599   -2.893  9.105   1.00 54.29  ? 1035 HOH A O   1 
HETATM 546 O O   . HOH B 2 .  ? 2.196   -12.895 -4.037  1.00 58.94  ? 1036 HOH A O   1 
HETATM 547 O O   . HOH B 2 .  ? 8.287   -6.048  -3.576  1.00 55.06  ? 1037 HOH A O   1 
HETATM 548 O O   . HOH B 2 .  ? 8.333   -2.031  7.221   1.00 47.89  ? 1038 HOH A O   1 
HETATM 549 O O   . HOH B 2 .  ? 3.509   13.039  2.701   1.00 63.55  ? 1039 HOH A O   1 
HETATM 550 O O   . HOH B 2 .  ? 10.889  -2.607  7.956   1.00 52.01  ? 1040 HOH A O   1 
# 
loop_
_atom_site_anisotrop.id 
_atom_site_anisotrop.type_symbol 
_atom_site_anisotrop.pdbx_label_atom_id 
_atom_site_anisotrop.pdbx_label_alt_id 
_atom_site_anisotrop.pdbx_label_comp_id 
_atom_site_anisotrop.pdbx_label_asym_id 
_atom_site_anisotrop.pdbx_label_seq_id 
_atom_site_anisotrop.pdbx_PDB_ins_code 
_atom_site_anisotrop.U[1][1] 
_atom_site_anisotrop.U[2][2] 
_atom_site_anisotrop.U[3][3] 
_atom_site_anisotrop.U[1][2] 
_atom_site_anisotrop.U[1][3] 
_atom_site_anisotrop.U[2][3] 
_atom_site_anisotrop.pdbx_auth_seq_id 
_atom_site_anisotrop.pdbx_auth_comp_id 
_atom_site_anisotrop.pdbx_auth_asym_id 
_atom_site_anisotrop.pdbx_auth_atom_id 
1   N N   . VAL A 11 ? 0.9484 0.5997 0.9323 0.0537  0.0212  0.0938  874 VAL A N   
2   C CA  . VAL A 11 ? 0.8954 0.6108 0.8846 0.0517  0.0203  0.0994  874 VAL A CA  
3   C C   . VAL A 11 ? 0.8707 0.6125 0.8479 0.0263  0.0225  0.0935  874 VAL A C   
4   O O   . VAL A 11 ? 0.8872 0.6161 0.8521 0.0053  0.0189  0.1051  874 VAL A O   
5   C CB  . VAL A 11 ? 0.9577 0.6895 0.9526 0.0544  0.0111  0.1297  874 VAL A CB  
6   N N   . ASP A 12 ? 0.7470 0.5274 0.7276 0.0281  0.0272  0.0779  875 ASP A N   
7   C CA  . ASP A 12 ? 0.6992 0.5062 0.6743 0.0096  0.0297  0.0738  875 ASP A CA  
8   C C   . ASP A 12 ? 0.7242 0.5744 0.6975 0.0093  0.0295  0.0825  875 ASP A C   
9   O O   . ASP A 12 ? 0.7185 0.5918 0.6931 0.0199  0.0303  0.0744  875 ASP A O   
10  C CB  . ASP A 12 ? 0.6788 0.4943 0.6582 0.0065  0.0338  0.0515  875 ASP A CB  
11  C CG  . ASP A 12 ? 0.7396 0.5842 0.7191 -0.0099 0.0357  0.0515  875 ASP A CG  
12  O OD1 . ASP A 12 ? 0.6725 0.5374 0.6592 -0.0096 0.0361  0.0390  875 ASP A OD1 
13  O OD2 . ASP A 12 ? 0.8049 0.6561 0.7785 -0.0228 0.0359  0.0664  875 ASP A OD2 
14  N N   . PHE A 13 ? 0.6494 0.5115 0.6160 -0.0057 0.0286  0.0977  876 PHE A N   
15  C CA  . PHE A 13 ? 0.6359 0.5410 0.5984 -0.0076 0.0314  0.1023  876 PHE A CA  
16  C C   . PHE A 13 ? 0.6376 0.5718 0.6027 -0.0082 0.0389  0.0878  876 PHE A C   
17  O O   . PHE A 13 ? 0.6295 0.5919 0.5904 -0.0024 0.0437  0.0823  876 PHE A O   
18  C CB  . PHE A 13 ? 0.7039 0.6190 0.6588 -0.0245 0.0268  0.1252  876 PHE A CB  
19  C CG  . PHE A 13 ? 0.7807 0.6604 0.7365 -0.0234 0.0165  0.1430  876 PHE A CG  
20  C CD1 . PHE A 13 ? 0.8373 0.7183 0.7990 -0.0083 0.0139  0.1479  876 PHE A CD1 
21  C CD2 . PHE A 13 ? 0.8637 0.7057 0.8137 -0.0368 0.0086  0.1558  876 PHE A CD2 
22  C CE1 . PHE A 13 ? 0.8905 0.7402 0.8593 -0.0027 0.0042  0.1670  876 PHE A CE1 
23  C CE2 . PHE A 13 ? 0.9494 0.7507 0.9021 -0.0319 -0.0018 0.1726  876 PHE A CE2 
24  C CZ  . PHE A 13 ? 0.9227 0.7295 0.8883 -0.0123 -0.0034 0.1782  876 PHE A CZ  
25  N N   . SER A 14 ? 0.5898 0.5160 0.5609 -0.0155 0.0401  0.0819  877 SER A N   
26  C CA  . SER A 14 ? 0.5642 0.5202 0.5438 -0.0151 0.0457  0.0730  877 SER A CA  
27  C C   . SER A 14 ? 0.5730 0.5309 0.5563 0.0011  0.0457  0.0555  877 SER A C   
28  O O   . SER A 14 ? 0.5731 0.5547 0.5583 0.0087  0.0503  0.0493  877 SER A O   
29  C CB  . SER A 14 ? 0.6423 0.5945 0.6277 -0.0320 0.0453  0.0760  877 SER A CB  
30  O OG  . SER A 14 ? 0.6930 0.6160 0.6815 -0.0325 0.0421  0.0639  877 SER A OG  
31  N N   . ILE A 15 ? 0.5076 0.4416 0.4898 0.0068  0.0400  0.0477  878 ILE A N   
32  C CA  . ILE A 15 ? 0.4720 0.4113 0.4519 0.0170  0.0366  0.0343  878 ILE A CA  
33  C C   . ILE A 15 ? 0.5031 0.4539 0.4666 0.0249  0.0386  0.0358  878 ILE A C   
34  O O   . ILE A 15 ? 0.4825 0.4400 0.4388 0.0301  0.0388  0.0259  878 ILE A O   
35  C CB  . ILE A 15 ? 0.5105 0.4341 0.4924 0.0186  0.0297  0.0258  878 ILE A CB  
36  C CG1 . ILE A 15 ? 0.5129 0.4466 0.4893 0.0222  0.0224  0.0143  878 ILE A CG1 
37  C CG2 . ILE A 15 ? 0.5431 0.4525 0.5205 0.0259  0.0290  0.0337  878 ILE A CG2 
38  C CD1 . ILE A 15 ? 0.5325 0.4645 0.5124 0.0190  0.0149  0.0051  878 ILE A CD1 
39  N N   . THR A 16 ? 0.4917 0.4422 0.4476 0.0235  0.0392  0.0491  879 THR A N   
40  C CA  . THR A 16 ? 0.4992 0.4640 0.4364 0.0242  0.0413  0.0526  879 THR A CA  
41  C C   . THR A 16 ? 0.5334 0.5179 0.4649 0.0239  0.0508  0.0446  879 THR A C   
42  O O   . THR A 16 ? 0.5304 0.5169 0.4442 0.0280  0.0533  0.0334  879 THR A O   
43  C CB  . THR A 16 ? 0.6032 0.5701 0.5387 0.0181  0.0389  0.0732  879 THR A CB  
44  O OG1 . THR A 16 ? 0.5959 0.5426 0.5413 0.0249  0.0319  0.0788  879 THR A OG1 
45  C CG2 . THR A 16 ? 0.5868 0.5737 0.5015 0.0124  0.0405  0.0795  879 THR A CG2 
46  N N   . GLN A 17 ? 0.5091 0.5085 0.4536 0.0189  0.0563  0.0504  880 GLN A N   
47  C CA  . GLN A 17 ? 0.5150 0.5429 0.4593 0.0222  0.0677  0.0434  880 GLN A CA  
48  C C   . GLN A 17 ? 0.5111 0.5325 0.4620 0.0366  0.0694  0.0260  880 GLN A C   
49  O O   . GLN A 17 ? 0.5259 0.5538 0.4658 0.0468  0.0776  0.0129  880 GLN A O   
50  C CB  . GLN A 17 ? 0.5532 0.6061 0.5110 0.0114  0.0708  0.0573  880 GLN A CB  
51  C CG  . GLN A 17 ? 0.7534 0.8505 0.7103 0.0139  0.0841  0.0538  880 GLN A CG  
52  N N   . PHE A 18 ? 0.4682 0.4749 0.4356 0.0360  0.0613  0.0259  881 PHE A N   
53  C CA  . PHE A 18 ? 0.4490 0.4503 0.4268 0.0457  0.0586  0.0145  881 PHE A CA  
54  C C   . PHE A 18 ? 0.5121 0.4901 0.4666 0.0529  0.0533  0.0007  881 PHE A C   
55  O O   . PHE A 18 ? 0.5171 0.4903 0.4673 0.0650  0.0564  -0.0108 881 PHE A O   
56  C CB  . PHE A 18 ? 0.4483 0.4414 0.4448 0.0353  0.0488  0.0189  881 PHE A CB  
57  C CG  . PHE A 18 ? 0.4495 0.4387 0.4586 0.0395  0.0412  0.0115  881 PHE A CG  
58  C CD1 . PHE A 18 ? 0.4970 0.5082 0.5283 0.0463  0.0460  0.0152  881 PHE A CD1 
59  C CD2 . PHE A 18 ? 0.4579 0.4263 0.4580 0.0359  0.0279  0.0037  881 PHE A CD2 
60  C CE1 . PHE A 18 ? 0.5063 0.5128 0.5524 0.0503  0.0364  0.0121  881 PHE A CE1 
61  C CE2 . PHE A 18 ? 0.4874 0.4523 0.4981 0.0358  0.0170  -0.0005 881 PHE A CE2 
62  C CZ  . PHE A 18 ? 0.4836 0.4646 0.5182 0.0432  0.0208  0.0044  881 PHE A CZ  
63  N N   . VAL A 19 ? 0.4742 0.4375 0.4117 0.0456  0.0450  0.0030  882 VAL A N   
64  C CA  . VAL A 19 ? 0.4905 0.4352 0.4004 0.0458  0.0370  -0.0059 882 VAL A CA  
65  C C   . VAL A 19 ? 0.5483 0.4927 0.4283 0.0479  0.0471  -0.0119 882 VAL A C   
66  O O   . VAL A 19 ? 0.5914 0.5153 0.4481 0.0517  0.0452  -0.0252 882 VAL A O   
67  C CB  . VAL A 19 ? 0.5483 0.4894 0.4530 0.0374  0.0259  0.0018  882 VAL A CB  
68  C CG1 . VAL A 19 ? 0.5764 0.5082 0.4470 0.0323  0.0168  -0.0015 882 VAL A CG1 
69  C CG2 . VAL A 19 ? 0.5236 0.4634 0.4524 0.0343  0.0173  0.0005  882 VAL A CG2 
70  N N   . ARG A 20 ? 0.5205 0.4861 0.3994 0.0430  0.0573  -0.0028 883 ARG A N   
71  C CA  . ARG A 20 ? 0.5526 0.5260 0.4031 0.0402  0.0692  -0.0092 883 ARG A CA  
72  C C   . ARG A 20 ? 0.6296 0.6020 0.4815 0.0562  0.0819  -0.0284 883 ARG A C   
73  O O   . ARG A 20 ? 0.6629 0.6190 0.4826 0.0584  0.0886  -0.0446 883 ARG A O   
74  C CB  . ARG A 20 ? 0.5970 0.6017 0.4535 0.0287  0.0758  0.0068  883 ARG A CB  
75  C CG  . ARG A 20 ? 0.7970 0.8031 0.6392 0.0135  0.0672  0.0245  883 ARG A CG  
76  C CD  . ARG A 20 ? 0.9878 1.0234 0.8158 -0.0027 0.0754  0.0343  883 ARG A CD  
77  N NE  . ARG A 20 ? 1.1120 1.1698 0.9662 -0.0080 0.0752  0.0512  883 ARG A NE  
78  C CZ  . ARG A 20 ? 1.2419 1.3029 1.1060 -0.0188 0.0649  0.0760  883 ARG A CZ  
79  N NH1 . ARG A 20 ? 0.9782 1.0303 0.8331 -0.0228 0.0558  0.0880  883 ARG A NH1 
80  N NH2 . ARG A 20 ? 1.1282 1.2018 1.0105 -0.0259 0.0627  0.0909  883 ARG A NH2 
81  N N   . ASN A 21 ? 0.5624 0.5523 0.4504 0.0673  0.0857  -0.0260 884 ASN A N   
82  C CA  . ASN A 21 ? 0.5952 0.5927 0.4939 0.0877  0.0984  -0.0405 884 ASN A CA  
83  C C   . ASN A 21 ? 0.6374 0.5912 0.5240 0.1005  0.0908  -0.0564 884 ASN A C   
84  O O   . ASN A 21 ? 0.6668 0.6107 0.5456 0.1186  0.1023  -0.0737 884 ASN A O   
85  C CB  . ASN A 21 ? 0.6034 0.6357 0.5442 0.0930  0.1013  -0.0279 884 ASN A CB  
86  C CG  . ASN A 21 ? 0.8551 0.9315 0.8018 0.0803  0.1098  -0.0139 884 ASN A CG  
87  O OD1 . ASN A 21 ? 0.7683 0.8554 0.6913 0.0703  0.1162  -0.0151 884 ASN A OD1 
88  N ND2 . ASN A 21 ? 0.7922 0.8956 0.7677 0.0752  0.1079  0.0024  884 ASN A ND2 
89  N N   . LEU A 22 ? 0.5717 0.4996 0.4561 0.0905  0.0707  -0.0505 885 LEU A N   
90  C CA  . LEU A 22 ? 0.5961 0.4822 0.4651 0.0951  0.0572  -0.0612 885 LEU A CA  
91  C C   . LEU A 22 ? 0.6803 0.5318 0.4935 0.0842  0.0537  -0.0720 885 LEU A C   
92  O O   . LEU A 22 ? 0.6935 0.5038 0.4830 0.0837  0.0403  -0.0807 885 LEU A O   
93  C CB  . LEU A 22 ? 0.5648 0.4488 0.4547 0.0838  0.0362  -0.0491 885 LEU A CB  
94  C CG  . LEU A 22 ? 0.5755 0.4883 0.5149 0.0875  0.0365  -0.0375 885 LEU A CG  
95  C CD1 . LEU A 22 ? 0.5421 0.4538 0.4931 0.0700  0.0174  -0.0287 885 LEU A CD1 
96  C CD2 . LEU A 22 ? 0.5895 0.4988 0.5514 0.1079  0.0392  -0.0421 885 LEU A CD2 
97  N N   . GLY A 23 ? 0.6542 0.5237 0.4454 0.0713  0.0633  -0.0682 886 GLY A N   
98  C CA  . GLY A 23 ? 0.6826 0.5303 0.4193 0.0533  0.0604  -0.0725 886 GLY A CA  
99  C C   . GLY A 23 ? 0.7197 0.5576 0.4425 0.0355  0.0372  -0.0594 886 GLY A C   
100 O O   . GLY A 23 ? 0.7424 0.5525 0.4174 0.0205  0.0276  -0.0632 886 GLY A O   
101 N N   . LEU A 24 ? 0.6044 0.4674 0.3673 0.0357  0.0284  -0.0441 887 LEU A N   
102 C CA  . LEU A 24 ? 0.5762 0.4411 0.3340 0.0221  0.0085  -0.0329 887 LEU A CA  
103 C C   . LEU A 24 ? 0.5625 0.4606 0.3299 0.0142  0.0100  -0.0140 887 LEU A C   
104 O O   . LEU A 24 ? 0.5534 0.4645 0.3345 0.0104  -0.0019 -0.0044 887 LEU A O   
105 C CB  . LEU A 24 ? 0.5557 0.4190 0.3486 0.0280  -0.0039 -0.0337 887 LEU A CB  
106 C CG  . LEU A 24 ? 0.6279 0.4564 0.4134 0.0342  -0.0122 -0.0469 887 LEU A CG  
107 C CD1 . LEU A 24 ? 0.6041 0.4421 0.4300 0.0348  -0.0248 -0.0425 887 LEU A CD1 
108 C CD2 . LEU A 24 ? 0.6749 0.4704 0.4057 0.0183  -0.0282 -0.0513 887 LEU A CD2 
109 N N   . GLU A 25 ? 0.7391 0.5077 0.3668 0.1032  -0.0075 0.0024  888 GLU A N   
110 C CA  . GLU A 25 ? 0.7300 0.4989 0.3619 0.1014  -0.0063 0.0175  888 GLU A CA  
111 C C   . GLU A 25 ? 0.7498 0.5152 0.3920 0.0933  -0.0362 0.0157  888 GLU A C   
112 O O   . GLU A 25 ? 0.7392 0.5154 0.4087 0.0869  -0.0374 0.0235  888 GLU A O   
113 C CB  . GLU A 25 ? 0.8034 0.5529 0.3830 0.1188  0.0067  0.0297  888 GLU A CB  
114 C CG  . GLU A 25 ? 1.0053 0.7594 0.6027 0.1151  0.0197  0.0508  888 GLU A CG  
115 C CD  . GLU A 25 ? 1.4561 1.1841 0.9941 0.1311  0.0210  0.0669  888 GLU A CD  
116 O OE1 . GLU A 25 ? 1.5099 1.2301 1.0014 0.1482  0.0418  0.0731  888 GLU A OE1 
117 O OE2 . GLU A 25 ? 1.4315 1.1473 0.9683 0.1284  0.0018  0.0736  888 GLU A OE2 
118 N N   . HIS A 26 ? 0.7340 0.4873 0.3661 0.0926  -0.0616 0.0052  889 HIS A N   
119 C CA  . HIS A 26 ? 0.7365 0.4909 0.3932 0.0831  -0.0889 0.0052  889 HIS A CA  
120 C C   . HIS A 26 ? 0.7213 0.5119 0.4354 0.0671  -0.0801 0.0094  889 HIS A C   
121 O O   . HIS A 26 ? 0.7383 0.5399 0.4814 0.0602  -0.0939 0.0125  889 HIS A O   
122 C CB  . HIS A 26 ? 0.7861 0.5188 0.4317 0.0853  -0.1205 -0.0045 889 HIS A CB  
123 C CG  . HIS A 26 ? 0.8123 0.5590 0.4890 0.0728  -0.1221 -0.0071 889 HIS A CG  
124 N ND1 . HIS A 26 ? 0.8388 0.5794 0.4957 0.0786  -0.1131 -0.0160 889 HIS A ND1 
125 C CD2 . HIS A 26 ? 0.8237 0.5889 0.5485 0.0560  -0.1324 -0.0004 889 HIS A CD2 
126 C CE1 . HIS A 26 ? 0.8187 0.5700 0.5089 0.0648  -0.1203 -0.0142 889 HIS A CE1 
127 N NE2 . HIS A 26 ? 0.8149 0.5828 0.5454 0.0507  -0.1294 -0.0026 889 HIS A NE2 
128 N N   . LEU A 27 ? 0.6140 0.4239 0.3443 0.0643  -0.0580 0.0077  890 LEU A N   
129 C CA  . LEU A 27 ? 0.5870 0.4303 0.3615 0.0563  -0.0497 0.0088  890 LEU A CA  
130 C C   . LEU A 27 ? 0.5788 0.4361 0.3740 0.0601  -0.0387 0.0112  890 LEU A C   
131 O O   . LEU A 27 ? 0.5540 0.4390 0.3834 0.0589  -0.0354 0.0085  890 LEU A O   
132 C CB  . LEU A 27 ? 0.5701 0.4220 0.3504 0.0554  -0.0383 0.0029  890 LEU A CB  
133 C CG  . LEU A 27 ? 0.6405 0.4780 0.4069 0.0507  -0.0520 0.0010  890 LEU A CG  
134 C CD1 . LEU A 27 ? 0.6430 0.4857 0.4137 0.0511  -0.0425 -0.0053 890 LEU A CD1 
135 C CD2 . LEU A 27 ? 0.6556 0.5028 0.4447 0.0395  -0.0690 0.0106  890 LEU A CD2 
136 N N   . MET A 28 ? 0.6106 0.4491 0.3854 0.0667  -0.0334 0.0169  891 MET A N   
137 C CA  . MET A 28 ? 0.6003 0.4492 0.4031 0.0688  -0.0265 0.0217  891 MET A CA  
138 C C   . MET A 28 ? 0.6483 0.5137 0.4810 0.0661  -0.0426 0.0201  891 MET A C   
139 O O   . MET A 28 ? 0.6322 0.5171 0.5024 0.0688  -0.0408 0.0165  891 MET A O   
140 C CB  . MET A 28 ? 0.6778 0.5029 0.4539 0.0751  -0.0164 0.0353  891 MET A CB  
141 C CG  . MET A 28 ? 0.7328 0.5589 0.5126 0.0786  0.0080  0.0379  891 MET A CG  
142 S SD  . MET A 28 ? 0.7562 0.6097 0.6008 0.0767  0.0161  0.0272  891 MET A SD  
143 C CE  . MET A 28 ? 0.7120 0.5729 0.6035 0.0766  0.0074  0.0361  891 MET A CE  
144 N N   . ASP A 29 ? 0.6216 0.4810 0.4446 0.0628  -0.0609 0.0200  892 ASP A N   
145 C CA  . ASP A 29 ? 0.6354 0.5138 0.4926 0.0606  -0.0765 0.0169  892 ASP A CA  
146 C C   . ASP A 29 ? 0.6160 0.5372 0.5141 0.0602  -0.0672 0.0090  892 ASP A C   
147 O O   . ASP A 29 ? 0.5898 0.5338 0.5211 0.0655  -0.0712 0.0027  892 ASP A O   
148 C CB  . ASP A 29 ? 0.7129 0.5790 0.5625 0.0561  -0.0977 0.0173  892 ASP A CB  
149 C CG  . ASP A 29 ? 1.0052 0.8789 0.8585 0.0486  -0.0976 0.0174  892 ASP A CG  
150 O OD1 . ASP A 29 ? 1.0115 0.8976 0.8629 0.0475  -0.0796 0.0168  892 ASP A OD1 
151 O OD2 . ASP A 29 ? 1.1662 1.0293 1.0259 0.0444  -0.1190 0.0183  892 ASP A OD2 
152 N N   . ILE A 30 ? 0.5322 0.4622 0.4237 0.0574  -0.0559 0.0084  893 ILE A N   
153 C CA  . ILE A 30 ? 0.4976 0.4645 0.4136 0.0607  -0.0456 0.0030  893 ILE A CA  
154 C C   . ILE A 30 ? 0.5088 0.4823 0.4360 0.0729  -0.0379 -0.0073 893 ILE A C   
155 O O   . ILE A 30 ? 0.4911 0.4938 0.4457 0.0834  -0.0396 -0.0169 893 ILE A O   
156 C CB  . ILE A 30 ? 0.5457 0.5118 0.4462 0.0540  -0.0391 0.0086  893 ILE A CB  
157 C CG1 . ILE A 30 ? 0.5670 0.5328 0.4765 0.0418  -0.0515 0.0196  893 ILE A CG1 
158 C CG2 . ILE A 30 ? 0.5133 0.5102 0.4242 0.0623  -0.0259 0.0042  893 ILE A CG2 
159 C CD1 . ILE A 30 ? 0.6174 0.5676 0.5117 0.0325  -0.0542 0.0277  893 ILE A CD1 
160 N N   . PHE A 31 ? 0.4736 0.4215 0.3841 0.0735  -0.0311 -0.0068 894 PHE A N   
161 C CA  . PHE A 31 ? 0.4615 0.4133 0.3957 0.0843  -0.0275 -0.0161 894 PHE A CA  
162 C C   . PHE A 31 ? 0.4902 0.4478 0.4571 0.0902  -0.0390 -0.0185 894 PHE A C   
163 O O   . PHE A 31 ? 0.4842 0.4602 0.4840 0.1036  -0.0457 -0.0328 894 PHE A O   
164 C CB  . PHE A 31 ? 0.4767 0.4033 0.3990 0.0827  -0.0166 -0.0127 894 PHE A CB  
165 C CG  . PHE A 31 ? 0.4798 0.4015 0.3773 0.0804  -0.0099 -0.0163 894 PHE A CG  
166 C CD1 . PHE A 31 ? 0.5098 0.4488 0.4139 0.0877  -0.0108 -0.0272 894 PHE A CD1 
167 C CD2 . PHE A 31 ? 0.5333 0.4313 0.3984 0.0741  -0.0047 -0.0097 894 PHE A CD2 
168 C CE1 . PHE A 31 ? 0.5327 0.4625 0.4135 0.0853  -0.0076 -0.0287 894 PHE A CE1 
169 C CE2 . PHE A 31 ? 0.5594 0.4503 0.4060 0.0726  -0.0033 -0.0150 894 PHE A CE2 
170 C CZ  . PHE A 31 ? 0.5325 0.4383 0.3881 0.0764  -0.0054 -0.0230 894 PHE A CZ  
171 N N   . GLU A 32 ? 0.4745 0.4150 0.4320 0.0830  -0.0459 -0.0067 895 GLU A N   
172 C CA  . GLU A 32 ? 0.4883 0.4294 0.4766 0.0874  -0.0610 -0.0071 895 GLU A CA  
173 C C   . GLU A 32 ? 0.5283 0.5043 0.5453 0.0960  -0.0744 -0.0229 895 GLU A C   
174 O O   . GLU A 32 ? 0.5253 0.5160 0.5803 0.1087  -0.0866 -0.0361 895 GLU A O   
175 C CB  . GLU A 32 ? 0.5408 0.4514 0.5022 0.0796  -0.0673 0.0099  895 GLU A CB  
176 C CG  . GLU A 32 ? 0.7105 0.5908 0.6464 0.0766  -0.0522 0.0278  895 GLU A CG  
177 C CD  . GLU A 32 ? 0.9182 0.7660 0.8080 0.0742  -0.0565 0.0444  895 GLU A CD  
178 O OE1 . GLU A 32 ? 0.9432 0.7854 0.8353 0.0746  -0.0775 0.0437  895 GLU A OE1 
179 O OE2 . GLU A 32 ? 0.7840 0.6113 0.6336 0.0749  -0.0401 0.0565  895 GLU A OE2 
180 N N   . ARG A 33 ? 0.4926 0.4836 0.4966 0.0907  -0.0732 -0.0221 896 ARG A N   
181 C CA  . ARG A 33 ? 0.4911 0.5224 0.5242 0.0991  -0.0801 -0.0344 896 ARG A CA  
182 C C   . ARG A 33 ? 0.5049 0.5697 0.5512 0.1168  -0.0721 -0.0501 896 ARG A C   
183 O O   . ARG A 33 ? 0.4994 0.5961 0.5747 0.1339  -0.0812 -0.0668 896 ARG A O   
184 C CB  . ARG A 33 ? 0.5503 0.5900 0.5735 0.0871  -0.0762 -0.0246 896 ARG A CB  
185 C CG  . ARG A 33 ? 0.7157 0.8038 0.7730 0.0929  -0.0755 -0.0312 896 ARG A CG  
186 C CD  . ARG A 33 ? 0.8623 0.9589 0.9163 0.0785  -0.0661 -0.0157 896 ARG A CD  
187 N NE  . ARG A 33 ? 0.9682 1.0198 1.0012 0.0634  -0.0798 -0.0049 896 ARG A NE  
188 C CZ  . ARG A 33 ? 1.1040 1.1365 1.1149 0.0521  -0.0760 0.0071  896 ARG A CZ  
189 N NH1 . ARG A 33 ? 0.8507 0.9041 0.8592 0.0504  -0.0580 0.0137  896 ARG A NH1 
190 N NH2 . ARG A 33 ? 0.9879 0.9784 0.9766 0.0448  -0.0932 0.0117  896 ARG A NH2 
191 N N   . GLU A 34 ? 0.4603 0.4669 0.4920 0.0737  0.0162  -0.0019 897 GLU A N   
192 C CA  . GLU A 34 ? 0.4778 0.4688 0.4877 0.0777  0.0412  -0.0115 897 GLU A CA  
193 C C   . GLU A 34 ? 0.5245 0.4897 0.5092 0.0869  0.0383  -0.0161 897 GLU A C   
194 O O   . GLU A 34 ? 0.5436 0.4904 0.5009 0.0914  0.0510  -0.0272 897 GLU A O   
195 C CB  . GLU A 34 ? 0.4901 0.4714 0.4683 0.0650  0.0494  -0.0123 897 GLU A CB  
196 C CG  . GLU A 34 ? 0.4956 0.4989 0.5109 0.0539  0.0563  -0.0083 897 GLU A CG  
197 C CD  . GLU A 34 ? 0.6458 0.6647 0.6906 0.0577  0.0880  -0.0078 897 GLU A CD  
198 O OE1 . GLU A 34 ? 0.5819 0.5874 0.5988 0.0705  0.1066  -0.0148 897 GLU A OE1 
199 O OE2 . GLU A 34 ? 0.5870 0.6314 0.6845 0.0478  0.0954  -0.0020 897 GLU A OE2 
200 N N   . GLN A 35 ? 0.4769 0.4382 0.4695 0.0888  0.0202  -0.0064 898 GLN A N   
201 C CA  . GLN A 35 ? 0.4914 0.4288 0.4782 0.0944  0.0154  -0.0070 898 GLN A CA  
202 C C   . GLN A 35 ? 0.5486 0.4676 0.4990 0.0882  0.0181  -0.0149 898 GLN A C   
203 O O   . GLN A 35 ? 0.5618 0.4603 0.5065 0.0938  0.0174  -0.0273 898 GLN A O   
204 C CB  . GLN A 35 ? 0.5186 0.4472 0.5332 0.1099  0.0220  -0.0206 898 GLN A CB  
205 C CG  . GLN A 35 ? 0.5634 0.5103 0.6316 0.1197  0.0166  -0.0128 898 GLN A CG  
206 C CD  . GLN A 35 ? 0.9162 0.8548 1.0031 0.1199  -0.0063 0.0099  898 GLN A CD  
207 O OE1 . GLN A 35 ? 0.9535 0.8674 1.0311 0.1175  -0.0115 0.0151  898 GLN A OE1 
208 N NE2 . GLN A 35 ? 0.8821 0.8401 0.9983 0.1222  -0.0219 0.0266  898 GLN A NE2 
209 N N   . ILE A 36 ? 0.4762 0.4016 0.4062 0.0777  0.0175  -0.0100 899 ILE A N   
210 C CA  . ILE A 36 ? 0.4831 0.3952 0.3905 0.0726  0.0174  -0.0156 899 ILE A CA  
211 C C   . ILE A 36 ? 0.5422 0.4490 0.4597 0.0699  0.0130  -0.0091 899 ILE A C   
212 O O   . ILE A 36 ? 0.5508 0.4680 0.4631 0.0647  0.0162  0.0005  899 ILE A O   
213 C CB  . ILE A 36 ? 0.5167 0.4367 0.4094 0.0642  0.0199  -0.0154 899 ILE A CB  
214 C CG1 . ILE A 36 ? 0.5381 0.4659 0.4328 0.0621  0.0274  -0.0169 899 ILE A CG1 
215 C CG2 . ILE A 36 ? 0.5335 0.4398 0.4152 0.0618  0.0179  -0.0204 899 ILE A CG2 
216 C CD1 . ILE A 36 ? 0.5832 0.4943 0.4562 0.0644  0.0369  -0.0211 899 ILE A CD1 
217 N N   . THR A 37 ? 0.5162 0.4071 0.4481 0.0727  0.0067  -0.0150 900 THR A N   
218 C CA  . THR A 37 ? 0.4941 0.3847 0.4527 0.0675  0.0066  -0.0065 900 THR A CA  
219 C C   . THR A 37 ? 0.5188 0.4103 0.4761 0.0648  0.0063  -0.0145 900 THR A C   
220 O O   . THR A 37 ? 0.5032 0.3872 0.4363 0.0675  0.0006  -0.0248 900 THR A O   
221 C CB  . THR A 37 ? 0.5752 0.4477 0.5679 0.0699  -0.0058 -0.0115 900 THR A CB  
222 O OG1 . THR A 37 ? 0.5550 0.4109 0.5332 0.0750  -0.0207 -0.0330 900 THR A OG1 
223 C CG2 . THR A 37 ? 0.5632 0.4290 0.5693 0.0757  -0.0079 -0.0060 900 THR A CG2 
224 N N   . LEU A 38 ? 0.4762 0.3764 0.4643 0.0601  0.0143  -0.0078 901 LEU A N   
225 C CA  . LEU A 38 ? 0.4630 0.3660 0.4665 0.0605  0.0132  -0.0172 901 LEU A CA  
226 C C   . LEU A 38 ? 0.5110 0.3952 0.5255 0.0651  -0.0141 -0.0301 901 LEU A C   
227 O O   . LEU A 38 ? 0.5096 0.3858 0.5090 0.0689  -0.0244 -0.0374 901 LEU A O   
228 C CB  . LEU A 38 ? 0.4685 0.3893 0.5156 0.0558  0.0331  -0.0084 901 LEU A CB  
229 C CG  . LEU A 38 ? 0.5208 0.4502 0.5966 0.0591  0.0373  -0.0196 901 LEU A CG  
230 C CD1 . LEU A 38 ? 0.5214 0.4460 0.5508 0.0635  0.0393  -0.0302 901 LEU A CD1 
231 C CD2 . LEU A 38 ? 0.5610 0.5138 0.6805 0.0553  0.0690  -0.0111 901 LEU A CD2 
232 N N   . ARG A 39 ? 0.5007 0.3730 0.5365 0.0652  -0.0293 -0.0334 902 ARG A N   
233 C CA  . ARG A 39 ? 0.5208 0.3701 0.5530 0.0706  -0.0614 -0.0497 902 ARG A CA  
234 C C   . ARG A 39 ? 0.5925 0.4244 0.5518 0.0777  -0.0659 -0.0566 902 ARG A C   
235 O O   . ARG A 39 ? 0.6370 0.4509 0.5745 0.0824  -0.0887 -0.0638 902 ARG A O   
236 C CB  . ARG A 39 ? 0.5510 0.3848 0.6138 0.0699  -0.0792 -0.0581 902 ARG A CB  
237 C CG  . ARG A 39 ? 0.6120 0.4573 0.7617 0.0610  -0.0845 -0.0525 902 ARG A CG  
238 C CD  . ARG A 39 ? 0.6450 0.4672 0.8318 0.0593  -0.1109 -0.0650 902 ARG A CD  
239 N NE  . ARG A 39 ? 0.6810 0.5176 0.9653 0.0463  -0.1070 -0.0516 902 ARG A NE  
240 C CZ  . ARG A 39 ? 0.8460 0.6875 1.2037 0.0413  -0.1320 -0.0596 902 ARG A CZ  
241 N NH1 . ARG A 39 ? 0.6554 0.4838 0.9915 0.0498  -0.1698 -0.0811 902 ARG A NH1 
242 N NH2 . ARG A 39 ? 0.7059 0.5645 1.1626 0.0272  -0.1208 -0.0437 902 ARG A NH2 
243 N N   . VAL A 40 ? 0.5393 0.3760 0.4652 0.0785  -0.0456 -0.0524 903 VAL A N   
244 C CA  . VAL A 40 ? 0.5637 0.3895 0.4306 0.0832  -0.0402 -0.0551 903 VAL A CA  
245 C C   . VAL A 40 ? 0.5852 0.4165 0.4403 0.0789  -0.0337 -0.0450 903 VAL A C   
246 O O   . VAL A 40 ? 0.6026 0.4147 0.4197 0.0815  -0.0423 -0.0440 903 VAL A O   
247 C CB  . VAL A 40 ? 0.6176 0.4534 0.4755 0.0854  -0.0196 -0.0540 903 VAL A CB  
248 C CG1 . VAL A 40 ? 0.6364 0.4713 0.4502 0.0867  -0.0036 -0.0516 903 VAL A CG1 
249 C CG2 . VAL A 40 ? 0.6367 0.4566 0.5018 0.0934  -0.0286 -0.0691 903 VAL A CG2 
250 N N   . LEU A 41 ? 0.5200 0.3729 0.4034 0.0729  -0.0196 -0.0379 904 LEU A N   
251 C CA  . LEU A 41 ? 0.4977 0.3514 0.3764 0.0697  -0.0152 -0.0342 904 LEU A CA  
252 C C   . LEU A 41 ? 0.5515 0.3874 0.4383 0.0739  -0.0355 -0.0360 904 LEU A C   
253 O O   . LEU A 41 ? 0.5707 0.3922 0.4405 0.0735  -0.0390 -0.0307 904 LEU A O   
254 C CB  . LEU A 41 ? 0.4754 0.3510 0.3792 0.0654  0.0000  -0.0337 904 LEU A CB  
255 C CG  . LEU A 41 ? 0.5199 0.3945 0.4243 0.0633  0.0047  -0.0378 904 LEU A CG  
256 C CD1 . LEU A 41 ? 0.5384 0.4047 0.4177 0.0582  0.0053  -0.0342 904 LEU A CD1 
257 C CD2 . LEU A 41 ? 0.5519 0.4452 0.4615 0.0610  0.0208  -0.0420 904 LEU A CD2 
258 N N   . VAL A 42 ? 0.5077 0.3451 0.4320 0.0772  -0.0509 -0.0416 905 VAL A N   
259 C CA  . VAL A 42 ? 0.5470 0.3720 0.4980 0.0828  -0.0772 -0.0439 905 VAL A CA  
260 C C   . VAL A 42 ? 0.6289 0.4198 0.5225 0.0878  -0.1021 -0.0391 905 VAL A C   
261 O O   . VAL A 42 ? 0.6588 0.4344 0.5591 0.0922  -0.1207 -0.0331 905 VAL A O   
262 C CB  . VAL A 42 ? 0.6114 0.4483 0.6267 0.0833  -0.0911 -0.0509 905 VAL A CB  
263 C CG1 . VAL A 42 ? 0.6455 0.4653 0.6861 0.0905  -0.1332 -0.0553 905 VAL A CG1 
264 C CG2 . VAL A 42 ? 0.5644 0.4333 0.6384 0.0793  -0.0612 -0.0494 905 VAL A CG2 
265 N N   . GLU A 43 ? 0.6253 0.4032 0.4606 0.0882  -0.0994 -0.0403 906 GLU A N   
266 C CA  . GLU A 43 ? 0.6896 0.4331 0.4517 0.0932  -0.1157 -0.0341 906 GLU A CA  
267 C C   . GLU A 43 ? 0.7589 0.4969 0.4777 0.0878  -0.0882 -0.0168 906 GLU A C   
268 O O   . GLU A 43 ? 0.8417 0.5509 0.4931 0.0905  -0.0932 -0.0054 906 GLU A O   
269 C CB  . GLU A 43 ? 0.7526 0.4813 0.4697 0.0990  -0.1253 -0.0497 906 GLU A CB  
270 C CG  . GLU A 43 ? 0.9215 0.6539 0.6924 0.1011  -0.1533 -0.0681 906 GLU A CG  
271 C CD  . GLU A 43 ? 1.2428 0.9558 1.0298 0.1064  -0.2035 -0.0722 906 GLU A CD  
272 O OE1 . GLU A 43 ? 1.3057 0.9888 1.0300 0.1124  -0.2254 -0.0629 906 GLU A OE1 
273 O OE2 . GLU A 43 ? 1.1105 0.8380 0.9768 0.1043  -0.2225 -0.0825 906 GLU A OE2 
274 N N   . MET A 44 ? 0.6530 0.4165 0.4081 0.0796  -0.0605 -0.0136 907 MET A N   
275 C CA  . MET A 44 ? 0.6468 0.4092 0.3805 0.0715  -0.0361 0.0009  907 MET A CA  
276 C C   . MET A 44 ? 0.7128 0.4574 0.4611 0.0677  -0.0447 0.0146  907 MET A C   
277 O O   . MET A 44 ? 0.6940 0.4481 0.4933 0.0686  -0.0515 0.0058  907 MET A O   
278 C CB  . MET A 44 ? 0.6098 0.4056 0.3757 0.0643  -0.0102 -0.0052 907 MET A CB  
279 C CG  . MET A 44 ? 0.6300 0.4405 0.3890 0.0693  -0.0009 -0.0159 907 MET A CG  
280 S SD  . MET A 44 ? 0.6135 0.4612 0.4149 0.0631  0.0188  -0.0187 907 MET A SD  
281 C CE  . MET A 44 ? 0.6002 0.4529 0.3919 0.0552  0.0433  -0.0060 907 MET A CE  
282 N N   . GLY A 45 ? 0.7228 0.4411 0.4279 0.0641  -0.0407 0.0365  908 GLY A N   
283 C CA  . GLY A 45 ? 0.7176 0.4117 0.4396 0.0594  -0.0491 0.0541  908 GLY A CA  
284 C C   . GLY A 45 ? 0.7220 0.4254 0.4613 0.0440  -0.0197 0.0640  908 GLY A C   
285 O O   . GLY A 45 ? 0.6699 0.4054 0.4212 0.0384  0.0033  0.0534  908 GLY A O   
286 N N   . HIS A 46 ? 0.7271 0.4014 0.4776 0.0366  -0.0238 0.0851  909 HIS A N   
287 C CA  . HIS A 46 ? 0.7189 0.3996 0.5019 0.0190  -0.0004 0.0944  909 HIS A CA  
288 C C   . HIS A 46 ? 0.7931 0.4929 0.5480 0.0102  0.0342  0.1073  909 HIS A C   
289 O O   . HIS A 46 ? 0.7453 0.4759 0.5456 -0.0008 0.0521  0.0983  909 HIS A O   
290 C CB  . HIS A 46 ? 0.7562 0.3931 0.5541 0.0116  -0.0114 0.1212  909 HIS A CB  
291 C CG  . HIS A 46 ? 0.7502 0.3773 0.6101 0.0163  -0.0349 0.0999  909 HIS A CG  
292 N ND1 . HIS A 46 ? 0.7360 0.3764 0.6533 0.0056  -0.0284 0.0790  909 HIS A ND1 
293 C CD2 . HIS A 46 ? 0.7728 0.3775 0.6472 0.0318  -0.0643 0.0946  909 HIS A CD2 
294 C CE1 . HIS A 46 ? 0.7116 0.3359 0.6678 0.0160  -0.0492 0.0587  909 HIS A CE1 
295 N NE2 . HIS A 46 ? 0.7412 0.3466 0.6810 0.0322  -0.0693 0.0678  909 HIS A NE2 
296 N N   . LYS A 47 ? 0.8203 0.5010 0.5014 0.0157  0.0431  0.1271  910 LYS A N   
297 C CA  . LYS A 47 ? 0.8517 0.5488 0.5008 0.0105  0.0842  0.1387  910 LYS A CA  
298 C C   . LYS A 47 ? 0.8333 0.5779 0.5140 0.0155  0.0967  0.1071  910 LYS A C   
299 O O   . LYS A 47 ? 0.8239 0.6003 0.5523 0.0049  0.1241  0.1077  910 LYS A O   
300 C CB  . LYS A 47 ? 0.9570 0.6209 0.5016 0.0212  0.0877  0.1563  910 LYS A CB  
301 C CG  . LYS A 47 ? 1.1985 0.8746 0.7015 0.0169  0.1398  0.1704  910 LYS A CG  
302 C CD  . LYS A 47 ? 1.3231 0.9624 0.7025 0.0311  0.1414  0.1799  910 LYS A CD  
303 N N   . GLU A 48 ? 0.7583 0.5069 0.4241 0.0309  0.0730  0.0816  911 GLU A N   
304 C CA  . GLU A 48 ? 0.6979 0.4819 0.3876 0.0381  0.0786  0.0552  911 GLU A CA  
305 C C   . GLU A 48 ? 0.6828 0.4989 0.4481 0.0295  0.0754  0.0435  911 GLU A C   
306 O O   . GLU A 48 ? 0.6553 0.5036 0.4529 0.0281  0.0912  0.0361  911 GLU A O   
307 C CB  . GLU A 48 ? 0.7171 0.4905 0.3797 0.0535  0.0505  0.0354  911 GLU A CB  
308 C CG  . GLU A 48 ? 0.8456 0.5861 0.4246 0.0642  0.0460  0.0388  911 GLU A CG  
309 C CD  . GLU A 48 ? 1.1044 0.8028 0.6392 0.0658  0.0178  0.0577  911 GLU A CD  
310 O OE1 . GLU A 48 ? 0.8774 0.5700 0.4553 0.0590  0.0033  0.0690  911 GLU A OE1 
311 O OE2 . GLU A 48 ? 1.2118 0.8798 0.6656 0.0752  0.0088  0.0605  911 GLU A OE2 
312 N N   . LEU A 49 ? 0.6105 0.4157 0.4024 0.0251  0.0535  0.0410  912 LEU A N   
313 C CA  . LEU A 49 ? 0.5612 0.3893 0.4070 0.0180  0.0471  0.0267  912 LEU A CA  
314 C C   . LEU A 49 ? 0.6126 0.4529 0.4989 0.0015  0.0622  0.0371  912 LEU A C   
315 O O   . LEU A 49 ? 0.5765 0.4468 0.5020 -0.0028 0.0610  0.0254  912 LEU A O   
316 C CB  . LEU A 49 ? 0.5543 0.3639 0.4130 0.0203  0.0244  0.0161  912 LEU A CB  
317 C CG  . LEU A 49 ? 0.5732 0.3823 0.4185 0.0348  0.0107  0.0032  912 LEU A CG  
318 C CD1 . LEU A 49 ? 0.5793 0.3714 0.4470 0.0388  -0.0049 -0.0058 912 LEU A CD1 
319 C CD2 . LEU A 49 ? 0.5353 0.3763 0.3889 0.0386  0.0151  -0.0113 912 LEU A CD2 
320 N N   . LYS A 50 ? 0.6232 0.4402 0.5040 -0.0086 0.0749  0.0621  913 LYS A N   
321 C CA  . LYS A 50 ? 0.6423 0.4732 0.5766 -0.0274 0.0927  0.0753  913 LYS A CA  
322 C C   . LYS A 50 ? 0.7192 0.5902 0.6682 -0.0260 0.1216  0.0761  913 LYS A C   
323 O O   . LYS A 50 ? 0.7282 0.6308 0.7458 -0.0371 0.1251  0.0721  913 LYS A O   
324 C CB  . LYS A 50 ? 0.7209 0.5156 0.6446 -0.0396 0.1058  0.1093  913 LYS A CB  
325 C CG  . LYS A 50 ? 0.8740 0.6707 0.8767 -0.0632 0.1083  0.1187  913 LYS A CG  
326 C CD  . LYS A 50 ? 0.9551 0.7097 0.9493 -0.0765 0.1222  0.1594  913 LYS A CD  
327 C CE  . LYS A 50 ? 1.0484 0.7996 1.1348 -0.1020 0.1194  0.1670  913 LYS A CE  
328 N NZ  . LYS A 50 ? 1.2569 0.9547 1.3399 -0.1144 0.1224  0.2064  913 LYS A NZ  
329 N N   . GLU A 51 ? 0.7059 0.5748 0.5960 -0.0107 0.1384  0.0773  914 GLU A N   
330 C CA  . GLU A 51 ? 0.7268 0.6282 0.6250 -0.0034 0.1691  0.0733  914 GLU A CA  
331 C C   . GLU A 51 ? 0.7403 0.6806 0.6971 0.0014  0.1535  0.0507  914 GLU A C   
332 O O   . GLU A 51 ? 0.7268 0.7034 0.7395 -0.0001 0.1741  0.0508  914 GLU A O   
333 C CB  . GLU A 51 ? 0.7848 0.6657 0.5980 0.0156  0.1787  0.0683  914 GLU A CB  
334 C CG  . GLU A 51 ? 1.0046 0.8590 0.7530 0.0135  0.2112  0.0938  914 GLU A CG  
335 C CD  . GLU A 51 ? 1.2497 1.0684 0.8950 0.0316  0.2037  0.0868  914 GLU A CD  
336 O OE1 . GLU A 51 ? 0.9990 0.8240 0.6339 0.0476  0.1893  0.0582  914 GLU A OE1 
337 O OE2 . GLU A 51 ? 1.2765 1.0578 0.8510 0.0293  0.2099  0.1113  914 GLU A OE2 
338 N N   . ILE A 52 ? 0.5865 0.4465 0.6401 0.0148  0.1076  -0.0470 915 ILE A N   
339 C CA  . ILE A 52 ? 0.5567 0.4245 0.6627 0.0328  0.0912  -0.0432 915 ILE A CA  
340 C C   . ILE A 52 ? 0.6063 0.4880 0.7335 0.0385  0.0727  -0.0289 915 ILE A C   
341 O O   . ILE A 52 ? 0.5965 0.4860 0.7609 0.0514  0.0542  -0.0213 915 ILE A O   
342 C CB  . ILE A 52 ? 0.5802 0.4318 0.6719 0.0404  0.0759  -0.0346 915 ILE A CB  
343 C CG1 . ILE A 52 ? 0.5551 0.3981 0.5984 0.0378  0.0584  -0.0162 915 ILE A CG1 
344 C CG2 . ILE A 52 ? 0.6193 0.4603 0.7046 0.0349  0.0940  -0.0552 915 ILE A CG2 
345 C CD1 . ILE A 52 ? 0.5517 0.3857 0.5920 0.0445  0.0421  -0.0050 915 ILE A CD1 
346 N N   . GLY A 53 ? 0.5775 0.4617 0.6829 0.0275  0.0771  -0.0259 916 GLY A N   
347 C CA  . GLY A 53 ? 0.5487 0.4478 0.6768 0.0298  0.0625  -0.0192 916 GLY A CA  
348 C C   . GLY A 53 ? 0.5663 0.4576 0.6609 0.0311  0.0415  -0.0045 916 GLY A C   
349 O O   . GLY A 53 ? 0.5664 0.4725 0.6799 0.0339  0.0259  -0.0016 916 GLY A O   
350 N N   . ILE A 54 ? 0.5064 0.3780 0.5552 0.0279  0.0412  0.0013  917 ILE A N   
351 C CA  . ILE A 54 ? 0.5011 0.3664 0.5250 0.0284  0.0258  0.0093  917 ILE A CA  
352 C C   . ILE A 54 ? 0.5571 0.4145 0.5750 0.0174  0.0336  0.0086  917 ILE A C   
353 O O   . ILE A 54 ? 0.5561 0.3940 0.5438 0.0100  0.0398  0.0133  917 ILE A O   
354 C CB  . ILE A 54 ? 0.5426 0.3926 0.5332 0.0301  0.0217  0.0136  917 ILE A CB  
355 C CG1 . ILE A 54 ? 0.5701 0.4203 0.5669 0.0358  0.0228  0.0127  917 ILE A CG1 
356 C CG2 . ILE A 54 ? 0.5187 0.3706 0.5008 0.0327  0.0075  0.0160  917 ILE A CG2 
357 C CD1 . ILE A 54 ? 0.7425 0.5951 0.7334 0.0403  0.0097  0.0194  917 ILE A CD1 
358 N N   . ASN A 55 ? 0.5348 0.4061 0.5809 0.0147  0.0311  0.0042  918 ASN A N   
359 C CA  . ASN A 55 ? 0.5445 0.4070 0.5932 0.0017  0.0410  0.0037  918 ASN A CA  
360 C C   . ASN A 55 ? 0.5956 0.4375 0.6270 -0.0011 0.0307  0.0092  918 ASN A C   
361 O O   . ASN A 55 ? 0.6109 0.4321 0.6318 -0.0132 0.0389  0.0162  918 ASN A O   
362 C CB  . ASN A 55 ? 0.5861 0.4733 0.6815 -0.0022 0.0433  -0.0066 918 ASN A CB  
363 C CG  . ASN A 55 ? 0.7956 0.7030 0.9239 0.0003  0.0555  -0.0147 918 ASN A CG  
364 O OD1 . ASN A 55 ? 0.8125 0.7457 0.9837 0.0078  0.0444  -0.0209 918 ASN A OD1 
365 N ND2 . ASN A 55 ? 0.6483 0.5451 0.7592 -0.0056 0.0767  -0.0163 918 ASN A ND2 
366 N N   . ALA A 56 ? 0.5452 0.3924 0.5761 0.0084  0.0143  0.0057  919 ALA A N   
367 C CA  . ALA A 56 ? 0.5593 0.3903 0.5891 0.0079  0.0053  0.0042  919 ALA A CA  
368 C C   . ALA A 56 ? 0.5548 0.3636 0.5587 0.0127  -0.0002 0.0142  919 ALA A C   
369 O O   . ALA A 56 ? 0.5144 0.3312 0.5058 0.0206  -0.0042 0.0138  919 ALA A O   
370 C CB  . ALA A 56 ? 0.5573 0.4091 0.6024 0.0124  -0.0057 -0.0113 919 ALA A CB  
371 N N   . TYR A 57 ? 0.5461 0.3257 0.5445 0.0068  -0.0029 0.0248  920 TYR A N   
372 C CA  . TYR A 57 ? 0.5441 0.3023 0.5224 0.0117  -0.0150 0.0366  920 TYR A CA  
373 C C   . TYR A 57 ? 0.5882 0.3604 0.5843 0.0258  -0.0271 0.0229  920 TYR A C   
374 O O   . TYR A 57 ? 0.5703 0.3448 0.5523 0.0316  -0.0332 0.0259  920 TYR A O   
375 C CB  . TYR A 57 ? 0.5942 0.3158 0.5710 0.0038  -0.0223 0.0531  920 TYR A CB  
376 C CG  . TYR A 57 ? 0.6288 0.3264 0.5864 0.0087  -0.0417 0.0699  920 TYR A CG  
377 C CD1 . TYR A 57 ? 0.6682 0.3473 0.5776 -0.0033 -0.0416 0.0918  920 TYR A CD1 
378 C CD2 . TYR A 57 ? 0.6271 0.3235 0.6169 0.0240  -0.0609 0.0619  920 TYR A CD2 
379 C CE1 . TYR A 57 ? 0.6934 0.3509 0.5831 0.0002  -0.0659 0.1095  920 TYR A CE1 
380 C CE2 . TYR A 57 ? 0.6602 0.3373 0.6423 0.0302  -0.0838 0.0773  920 TYR A CE2 
381 C CZ  . TYR A 57 ? 0.7405 0.3988 0.6703 0.0187  -0.0887 0.1024  920 TYR A CZ  
382 O OH  . TYR A 57 ? 0.8088 0.4494 0.7295 0.0241  -0.1174 0.1193  920 TYR A OH  
383 N N   . GLY A 58 ? 0.5415 0.3256 0.5687 0.0287  -0.0287 0.0048  921 GLY A N   
384 C CA  . GLY A 58 ? 0.5248 0.3270 0.5701 0.0379  -0.0339 -0.0138 921 GLY A CA  
385 C C   . GLY A 58 ? 0.5369 0.3656 0.5631 0.0394  -0.0281 -0.0171 921 GLY A C   
386 O O   . GLY A 58 ? 0.5360 0.3746 0.5670 0.0448  -0.0309 -0.0246 921 GLY A O   
387 N N   . HIS A 59 ? 0.4735 0.3139 0.4844 0.0342  -0.0205 -0.0118 922 HIS A N   
388 C CA  . HIS A 59 ? 0.4725 0.3303 0.4675 0.0354  -0.0175 -0.0096 922 HIS A CA  
389 C C   . HIS A 59 ? 0.5238 0.3685 0.5031 0.0380  -0.0176 0.0018  922 HIS A C   
390 O O   . HIS A 59 ? 0.5071 0.3604 0.4819 0.0399  -0.0179 -0.0005 922 HIS A O   
391 C CB  . HIS A 59 ? 0.4780 0.3483 0.4711 0.0318  -0.0144 -0.0050 922 HIS A CB  
392 C CG  . HIS A 59 ? 0.5143 0.4038 0.5171 0.0274  -0.0185 -0.0169 922 HIS A CG  
393 N ND1 . HIS A 59 ? 0.5388 0.4407 0.5505 0.0244  -0.0216 -0.0142 922 HIS A ND1 
394 C CD2 . HIS A 59 ? 0.5423 0.4437 0.5482 0.0245  -0.0204 -0.0343 922 HIS A CD2 
395 C CE1 . HIS A 59 ? 0.5464 0.4661 0.5610 0.0187  -0.0280 -0.0280 922 HIS A CE1 
396 N NE2 . HIS A 59 ? 0.5514 0.4716 0.5601 0.0176  -0.0254 -0.0419 922 HIS A NE2 
397 N N   . ARG A 60 ? 0.5069 0.3315 0.4750 0.0351  -0.0160 0.0128  923 ARG A N   
398 C CA  . ARG A 60 ? 0.5081 0.3221 0.4541 0.0344  -0.0166 0.0204  923 ARG A CA  
399 C C   . ARG A 60 ? 0.5315 0.3411 0.4824 0.0399  -0.0310 0.0190  923 ARG A C   
400 O O   . ARG A 60 ? 0.5258 0.3423 0.4722 0.0415  -0.0335 0.0163  923 ARG A O   
401 C CB  . ARG A 60 ? 0.5353 0.3308 0.4594 0.0253  -0.0102 0.0307  923 ARG A CB  
402 C CG  . ARG A 60 ? 0.5578 0.3625 0.4888 0.0198  0.0066  0.0276  923 ARG A CG  
403 C CD  . ARG A 60 ? 0.5652 0.3560 0.4710 0.0068  0.0198  0.0332  923 ARG A CD  
404 N NE  . ARG A 60 ? 0.5926 0.3607 0.4834 -0.0025 0.0152  0.0463  923 ARG A NE  
405 C CZ  . ARG A 60 ? 0.7198 0.4844 0.6256 -0.0107 0.0233  0.0483  923 ARG A CZ  
406 N NH1 . ARG A 60 ? 0.6114 0.3985 0.5503 -0.0094 0.0343  0.0358  923 ARG A NH1 
407 N NH2 . ARG A 60 ? 0.6638 0.4011 0.5548 -0.0208 0.0181  0.0641  923 ARG A NH2 
408 N N   . GLU A 61 ? 0.5248 0.3241 0.4941 0.0432  -0.0413 0.0186  924 GLU A N   
409 C CA  . GLU A 61 ? 0.5230 0.3202 0.5128 0.0512  -0.0578 0.0149  924 GLU A CA  
410 C C   . GLU A 61 ? 0.5191 0.3457 0.5313 0.0554  -0.0525 -0.0046 924 GLU A C   
411 O O   . GLU A 61 ? 0.5333 0.3671 0.5560 0.0592  -0.0608 -0.0084 924 GLU A O   
412 C CB  . GLU A 61 ? 0.5668 0.3459 0.5853 0.0555  -0.0691 0.0155  924 GLU A CB  
413 C CG  . GLU A 61 ? 0.7515 0.4972 0.7552 0.0542  -0.0888 0.0393  924 GLU A CG  
414 C CD  . GLU A 61 ? 0.8368 0.5805 0.8296 0.0580  -0.1086 0.0480  924 GLU A CD  
415 O OE1 . GLU A 61 ? 0.8484 0.6002 0.8840 0.0703  -0.1253 0.0381  924 GLU A OE1 
416 O OE2 . GLU A 61 ? 0.8749 0.6088 0.8193 0.0477  -0.1086 0.0633  924 GLU A OE2 
417 N N   . LYS A 62 ? 0.4815 0.3265 0.4989 0.0521  -0.0388 -0.0166 925 LYS A N   
418 C CA  . LYS A 62 ? 0.4564 0.3292 0.4847 0.0504  -0.0301 -0.0333 925 LYS A CA  
419 C C   . LYS A 62 ? 0.4742 0.3511 0.4821 0.0465  -0.0263 -0.0245 925 LYS A C   
420 O O   . LYS A 62 ? 0.4695 0.3618 0.4915 0.0454  -0.0243 -0.0343 925 LYS A O   
421 C CB  . LYS A 62 ? 0.4971 0.3860 0.5176 0.0431  -0.0189 -0.0417 925 LYS A CB  
422 C CG  . LYS A 62 ? 0.6140 0.5313 0.6396 0.0364  -0.0080 -0.0604 925 LYS A CG  
423 C CD  . LYS A 62 ? 0.7295 0.6630 0.7477 0.0278  -0.0014 -0.0742 925 LYS A CD  
424 C CE  . LYS A 62 ? 0.9577 0.8905 1.0102 0.0318  -0.0026 -0.0976 925 LYS A CE  
425 N NZ  . LYS A 62 ? 1.0433 0.9899 1.0837 0.0217  0.0012  -0.1106 925 LYS A NZ  
426 N N   . LEU A 63 ? 0.4389 0.3029 0.4210 0.0437  -0.0238 -0.0095 926 LEU A N   
427 C CA  . LEU A 63 ? 0.4338 0.2975 0.4028 0.0401  -0.0197 -0.0040 926 LEU A CA  
428 C C   . LEU A 63 ? 0.4744 0.3311 0.4451 0.0421  -0.0305 -0.0050 926 LEU A C   
429 O O   . LEU A 63 ? 0.4880 0.3544 0.4665 0.0391  -0.0298 -0.0110 926 LEU A O   
430 C CB  . LEU A 63 ? 0.4581 0.3101 0.4103 0.0382  -0.0138 0.0066  926 LEU A CB  
431 C CG  . LEU A 63 ? 0.4785 0.3403 0.4328 0.0364  -0.0087 0.0102  926 LEU A CG  
432 C CD1 . LEU A 63 ? 0.4756 0.3291 0.4301 0.0375  -0.0054 0.0162  926 LEU A CD1 
433 C CD2 . LEU A 63 ? 0.4916 0.3605 0.4437 0.0315  -0.0052 0.0142  926 LEU A CD2 
434 N N   . ILE A 64 ? 0.4823 0.3211 0.4426 0.0444  -0.0414 0.0027  927 ILE A N   
435 C CA  . ILE A 64 ? 0.5010 0.3315 0.4534 0.0444  -0.0576 0.0057  927 ILE A CA  
436 C C   . ILE A 64 ? 0.5239 0.3703 0.5145 0.0511  -0.0712 -0.0053 927 ILE A C   
437 O O   . ILE A 64 ? 0.5287 0.3847 0.5258 0.0491  -0.0784 -0.0114 927 ILE A O   
438 C CB  . ILE A 64 ? 0.5746 0.3802 0.4988 0.0416  -0.0675 0.0213  927 ILE A CB  
439 C CG1 . ILE A 64 ? 0.5858 0.3831 0.4782 0.0323  -0.0490 0.0255  927 ILE A CG1 
440 C CG2 . ILE A 64 ? 0.6339 0.4309 0.5455 0.0407  -0.0923 0.0281  927 ILE A CG2 
441 C CD1 . ILE A 64 ? 0.6300 0.4059 0.4983 0.0256  -0.0494 0.0400  927 ILE A CD1 
442 N N   . LYS A 65 ? 0.4882 0.3406 0.5110 0.0581  -0.0728 -0.0127 928 LYS A N   
443 C CA  . LYS A 65 ? 0.4929 0.3648 0.5658 0.0655  -0.0823 -0.0295 928 LYS A CA  
444 C C   . LYS A 65 ? 0.5029 0.4040 0.5886 0.0583  -0.0625 -0.0465 928 LYS A C   
445 O O   . LYS A 65 ? 0.4802 0.4007 0.5991 0.0590  -0.0678 -0.0594 928 LYS A O   
446 C CB  . LYS A 65 ? 0.5278 0.3971 0.6383 0.0748  -0.0867 -0.0382 928 LYS A CB  
447 C CG  . LYS A 65 ? 0.7154 0.5502 0.8188 0.0806  -0.1103 -0.0170 928 LYS A CG  
448 C CD  . LYS A 65 ? 0.8910 0.7214 1.0265 0.0907  -0.1427 -0.0125 928 LYS A CD  
449 N N   . GLY A 66 ? 0.4751 0.3785 0.5333 0.0495  -0.0420 -0.0435 929 GLY A N   
450 C CA  . GLY A 66 ? 0.4411 0.3653 0.5002 0.0384  -0.0235 -0.0518 929 GLY A CA  
451 C C   . GLY A 66 ? 0.4524 0.3752 0.5077 0.0329  -0.0264 -0.0485 929 GLY A C   
452 O O   . GLY A 66 ? 0.4474 0.3911 0.5261 0.0252  -0.0182 -0.0610 929 GLY A O   
453 N N   . VAL A 67 ? 0.4273 0.3269 0.4549 0.0346  -0.0363 -0.0348 930 VAL A N   
454 C CA  . VAL A 67 ? 0.4254 0.3219 0.4483 0.0283  -0.0403 -0.0361 930 VAL A CA  
455 C C   . VAL A 67 ? 0.4694 0.3802 0.5242 0.0323  -0.0607 -0.0476 930 VAL A C   
456 O O   . VAL A 67 ? 0.4679 0.3950 0.5458 0.0252  -0.0592 -0.0594 930 VAL A O   
457 C CB  . VAL A 67 ? 0.4936 0.3647 0.4781 0.0276  -0.0432 -0.0249 930 VAL A CB  
458 C CG1 . VAL A 67 ? 0.5261 0.3948 0.5047 0.0208  -0.0513 -0.0320 930 VAL A CG1 
459 C CG2 . VAL A 67 ? 0.4752 0.3365 0.4446 0.0247  -0.0249 -0.0166 930 VAL A CG2 
460 N N   . GLU A 68 ? 0.4671 0.3710 0.5277 0.0433  -0.0818 -0.0428 931 GLU A N   
461 C CA  . GLU A 68 ? 0.4697 0.3861 0.5669 0.0498  -0.1087 -0.0505 931 GLU A CA  
462 C C   . GLU A 68 ? 0.4852 0.4376 0.6437 0.0495  -0.0985 -0.0743 931 GLU A C   
463 O O   . GLU A 68 ? 0.5031 0.4757 0.6964 0.0475  -0.1106 -0.0871 931 GLU A O   
464 C CB  . GLU A 68 ? 0.5127 0.4130 0.6175 0.0630  -0.1322 -0.0390 931 GLU A CB  
465 C CG  . GLU A 68 ? 0.6806 0.5475 0.7272 0.0600  -0.1469 -0.0146 931 GLU A CG  
466 C CD  . GLU A 68 ? 0.9581 0.8026 1.0102 0.0699  -0.1691 0.0021  931 GLU A CD  
467 O OE1 . GLU A 68 ? 0.9331 0.7876 1.0440 0.0827  -0.1771 -0.0079 931 GLU A OE1 
468 O OE2 . GLU A 68 ? 0.8494 0.6653 0.8485 0.0634  -0.1767 0.0242  931 GLU A OE2 
469 N N   . ARG A 69 ? 0.4320 0.3945 0.6043 0.0498  -0.0761 -0.0828 932 ARG A N   
470 C CA  . ARG A 69 ? 0.4239 0.4232 0.6504 0.0460  -0.0595 -0.1091 932 ARG A CA  
471 C C   . ARG A 69 ? 0.4705 0.4846 0.6894 0.0269  -0.0365 -0.1144 932 ARG A C   
472 O O   . ARG A 69 ? 0.4650 0.5109 0.7336 0.0207  -0.0304 -0.1359 932 ARG A O   
473 C CB  . ARG A 69 ? 0.4246 0.4316 0.6634 0.0488  -0.0427 -0.1206 932 ARG A CB  
474 C CG  . ARG A 69 ? 0.4555 0.4484 0.7224 0.0679  -0.0666 -0.1199 932 ARG A CG  
475 C CD  . ARG A 69 ? 0.5108 0.5057 0.7786 0.0677  -0.0475 -0.1316 932 ARG A CD  
476 N NE  . ARG A 69 ? 0.6247 0.6075 0.9363 0.0851  -0.0671 -0.1372 932 ARG A NE  
477 C CZ  . ARG A 69 ? 0.8357 0.8217 1.1657 0.0868  -0.0537 -0.1552 932 ARG A CZ  
478 N NH1 . ARG A 69 ? 0.6818 0.6851 0.9818 0.0712  -0.0227 -0.1679 932 ARG A NH1 
479 N NH2 . ARG A 69 ? 0.7415 0.7112 1.1190 0.1031  -0.0733 -0.1599 932 ARG A NH2 
480 N N   . LEU A 70 ? 0.4454 0.4361 0.6088 0.0173  -0.0246 -0.0952 933 LEU A N   
481 C CA  . LEU A 70 ? 0.4714 0.4660 0.6268 -0.0012 -0.0061 -0.0946 933 LEU A CA  
482 C C   . LEU A 70 ? 0.5140 0.5148 0.6952 -0.0034 -0.0226 -0.1034 933 LEU A C   
483 O O   . LEU A 70 ? 0.5253 0.5491 0.7403 -0.0171 -0.0106 -0.1181 933 LEU A O   
484 C CB  . LEU A 70 ? 0.4940 0.4563 0.5947 -0.0061 0.0022  -0.0706 933 LEU A CB  
485 C CG  . LEU A 70 ? 0.5998 0.5533 0.6929 -0.0233 0.0159  -0.0643 933 LEU A CG  
486 C CD1 . LEU A 70 ? 0.6248 0.5994 0.7288 -0.0423 0.0407  -0.0688 933 LEU A CD1 
487 C CD2 . LEU A 70 ? 0.6244 0.5438 0.6777 -0.0216 0.0166  -0.0426 933 LEU A CD2 
488 N N   . ILE A 71 ? 0.4814 0.4640 0.6461 0.0074  -0.0500 -0.0959 934 ILE A N   
489 C CA  . ILE A 71 ? 0.5023 0.4914 0.6837 0.0044  -0.0714 -0.1051 934 ILE A CA  
490 C C   . ILE A 71 ? 0.5369 0.5627 0.7873 0.0106  -0.0884 -0.1256 934 ILE A C   
491 O O   . ILE A 71 ? 0.5342 0.5846 0.8247 -0.0002 -0.0878 -0.1433 934 ILE A O   
492 C CB  . ILE A 71 ? 0.5764 0.5369 0.7091 0.0100  -0.0950 -0.0911 934 ILE A CB  
493 C CG1 . ILE A 71 ? 0.5984 0.5294 0.6802 0.0023  -0.0746 -0.0795 934 ILE A CG1 
494 C CG2 . ILE A 71 ? 0.6163 0.5883 0.7630 0.0064  -0.1243 -0.1023 934 ILE A CG2 
495 C CD1 . ILE A 71 ? 0.6837 0.5889 0.7140 0.0051  -0.0879 -0.0688 934 ILE A CD1 
496 N N   . SER A 72 ? 0.4797 0.5093 0.7519 0.0280  -0.1040 -0.1249 935 SER A N   
497 C CA  . SER A 72 ? 0.4721 0.5355 0.8226 0.0384  -0.1245 -0.1452 935 SER A CA  
498 C C   . SER A 72 ? 0.5152 0.6208 0.9279 0.0281  -0.0927 -0.1743 935 SER A C   
499 O O   . SER A 72 ? 0.5048 0.6469 0.9903 0.0288  -0.1035 -0.1978 935 SER A O   
500 C CB  . SER A 72 ? 0.5164 0.5665 0.8799 0.0601  -0.1501 -0.1357 935 SER A CB  
501 O OG  . SER A 72 ? 0.5079 0.5576 0.8766 0.0637  -0.1239 -0.1409 935 SER A OG  
502 N N   . GLY A 73 ? 0.5000 0.6018 0.8824 0.0168  -0.0544 -0.1727 936 GLY A N   
503 C CA  . GLY A 73 ? 0.5157 0.6540 0.9360 0.0002  -0.0172 -0.1971 936 GLY A CA  
504 C C   . GLY A 73 ? 0.6006 0.7548 1.0335 -0.0228 -0.0021 -0.2047 936 GLY A C   
505 O O   . GLY A 73 ? 0.6034 0.7982 1.0919 -0.0369 0.0213  -0.2314 936 GLY A O   
506 N N   . GLN A 74 ? 0.5671 0.6894 0.9524 -0.0281 -0.0137 -0.1840 937 GLN A N   
507 C CA  . GLN A 74 ? 0.8362 0.9636 1.2310 -0.0498 -0.0036 -0.1892 937 GLN A CA  
508 C C   . GLN A 74 ? 1.1218 1.2666 1.5631 -0.0425 -0.0398 -0.2044 937 GLN A C   
509 O O   . GLN A 74 ? 0.7434 0.9090 1.2234 -0.0595 -0.0351 -0.2210 937 GLN A O   
510 C CB  . GLN A 74 ? 0.8615 0.9425 1.1843 -0.0587 0.0041  -0.1620 937 GLN A CB  
# 
